data_4ALI
#
_entry.id   4ALI
#
_cell.length_a   89.960
_cell.length_b   94.810
_cell.length_c   94.880
_cell.angle_alpha   98.13
_cell.angle_beta   111.98
_cell.angle_gamma   97.25
#
_symmetry.space_group_name_H-M   'P 1'
#
loop_
_entity.id
_entity.type
_entity.pdbx_description
1 polymer 'ENOYL-[ACYL-CARRIER-PROTEIN] REDUCTASE [NADPH]'
2 non-polymer 'NADP NICOTINAMIDE-ADENINE-DINUCLEOTIDE PHOSPHATE'
3 non-polymer TRICLOSAN
4 non-polymer 'GLUTAMIC ACID'
5 water water
#
_entity_poly.entity_id   1
_entity_poly.type   'polypeptide(L)'
_entity_poly.pdbx_seq_one_letter_code
;MKHHHHHHPMSDYDIPTTENLYFQGAMVNLENKTYVIMGIANKRSIAFGVAKVLDQLGAKLVFTYRKERSRKELEKLLEQ
LNQPEAHLYQIDVQSDEEVINGFEQIGKDVGNIDGVYHSIAFANMEDLRGRFSETSREGFLLAQDISSYSLTIVAHEAKK
LMPEGGSIVATTYLGGEFAVQNYNVMGVAKASLEANVKYLALDLGPDNIRVNAISAGPIRTLSAKGVGGFNTILKEIEER
APLKRNVDQVEVGKTAAYLLSDLSSGVTGENIHVDSGFHAIK
;
_entity_poly.pdbx_strand_id   A,B,C,D,E,F,G,H
#
loop_
_chem_comp.id
_chem_comp.type
_chem_comp.name
_chem_comp.formula
NAP non-polymer 'NADP NICOTINAMIDE-ADENINE-DINUCLEOTIDE PHOSPHATE' 'C21 H28 N7 O17 P3'
TCL non-polymer TRICLOSAN 'C12 H7 Cl3 O2'
#
# COMPACT_ATOMS: atom_id res chain seq x y z
N ASN A 29 5.95 -5.68 -37.58
CA ASN A 29 4.77 -6.57 -37.71
C ASN A 29 4.90 -7.99 -37.13
N LEU A 30 3.98 -8.35 -36.23
CA LEU A 30 4.10 -9.57 -35.44
C LEU A 30 3.02 -10.61 -35.74
N GLU A 31 2.39 -10.57 -36.90
CA GLU A 31 1.52 -11.68 -37.28
C GLU A 31 2.28 -13.00 -37.39
N ASN A 32 1.62 -14.08 -36.96
CA ASN A 32 2.23 -15.41 -36.97
C ASN A 32 3.25 -15.61 -35.86
N LYS A 33 3.39 -14.61 -34.97
CA LYS A 33 4.17 -14.74 -33.74
C LYS A 33 3.31 -15.05 -32.51
N THR A 34 3.88 -15.76 -31.55
CA THR A 34 3.14 -16.00 -30.31
C THR A 34 4.03 -15.69 -29.10
N TYR A 35 3.52 -14.83 -28.22
CA TYR A 35 4.21 -14.40 -27.00
C TYR A 35 3.42 -14.79 -25.77
N VAL A 36 4.16 -15.27 -24.76
CA VAL A 36 3.59 -15.45 -23.44
C VAL A 36 3.88 -14.20 -22.59
N ILE A 37 2.84 -13.71 -21.94
CA ILE A 37 2.97 -12.51 -21.11
C ILE A 37 2.56 -12.87 -19.70
N MET A 38 3.50 -12.72 -18.78
CA MET A 38 3.32 -13.14 -17.38
C MET A 38 3.21 -11.91 -16.50
N GLY A 39 2.17 -11.82 -15.69
CA GLY A 39 2.14 -10.78 -14.63
C GLY A 39 1.15 -9.65 -14.83
N ILE A 40 0.11 -9.85 -15.61
CA ILE A 40 -1.01 -8.90 -15.60
C ILE A 40 -1.94 -9.17 -14.41
N ALA A 41 -2.21 -8.13 -13.61
CA ALA A 41 -3.21 -8.18 -12.49
C ALA A 41 -4.48 -7.40 -12.81
N ASN A 42 -4.27 -6.23 -13.41
CA ASN A 42 -5.36 -5.35 -13.83
C ASN A 42 -4.99 -4.46 -15.03
N LYS A 43 -5.80 -3.44 -15.31
CA LYS A 43 -5.54 -2.59 -16.47
C LYS A 43 -4.31 -1.67 -16.25
N ARG A 44 -3.83 -1.51 -15.02
CA ARG A 44 -2.66 -0.65 -14.84
CA ARG A 44 -2.65 -0.65 -14.81
C ARG A 44 -1.35 -1.43 -14.89
N SER A 45 -1.43 -2.76 -14.87
CA SER A 45 -0.18 -3.55 -14.92
C SER A 45 0.65 -3.16 -16.14
N ILE A 46 1.97 -3.10 -15.93
CA ILE A 46 2.89 -2.88 -17.01
C ILE A 46 2.76 -3.94 -18.10
N ALA A 47 2.62 -5.20 -17.70
CA ALA A 47 2.40 -6.25 -18.70
C ALA A 47 1.13 -6.06 -19.55
N PHE A 48 0.15 -5.26 -19.10
CA PHE A 48 -1.03 -4.96 -19.96
C PHE A 48 -0.66 -3.92 -21.02
N GLY A 49 0.30 -3.06 -20.68
CA GLY A 49 0.85 -2.15 -21.70
C GLY A 49 1.52 -2.95 -22.81
N VAL A 50 2.30 -3.93 -22.39
CA VAL A 50 2.94 -4.79 -23.34
C VAL A 50 1.85 -5.46 -24.15
N ALA A 51 0.83 -6.00 -23.48
CA ALA A 51 -0.18 -6.77 -24.19
C ALA A 51 -0.82 -5.98 -25.32
N LYS A 52 -1.23 -4.74 -25.03
CA LYS A 52 -1.88 -3.87 -26.03
C LYS A 52 -0.97 -3.59 -27.19
N VAL A 53 0.30 -3.31 -26.90
CA VAL A 53 1.20 -3.07 -28.03
C VAL A 53 1.31 -4.33 -28.90
N LEU A 54 1.61 -5.48 -28.29
CA LEU A 54 1.82 -6.70 -29.06
C LEU A 54 0.56 -7.11 -29.77
N ASP A 55 -0.59 -6.86 -29.17
CA ASP A 55 -1.85 -7.22 -29.81
C ASP A 55 -2.12 -6.31 -30.99
N GLN A 56 -1.66 -5.06 -30.88
CA GLN A 56 -1.94 -4.04 -31.88
C GLN A 56 -1.14 -4.38 -33.16
N LEU A 57 -0.07 -5.14 -32.97
CA LEU A 57 0.91 -5.48 -33.99
C LEU A 57 0.60 -6.87 -34.55
N GLY A 58 -0.48 -7.49 -34.07
CA GLY A 58 -1.01 -8.70 -34.71
C GLY A 58 -0.48 -9.99 -34.11
N ALA A 59 0.24 -9.90 -32.98
CA ALA A 59 0.73 -11.06 -32.28
C ALA A 59 -0.42 -11.91 -31.66
N LYS A 60 -0.24 -13.22 -31.59
CA LYS A 60 -1.08 -14.06 -30.76
C LYS A 60 -0.47 -14.07 -29.34
N LEU A 61 -1.33 -13.93 -28.33
CA LEU A 61 -0.89 -13.80 -26.96
C LEU A 61 -1.47 -14.88 -26.06
N VAL A 62 -0.67 -15.23 -25.03
CA VAL A 62 -1.02 -16.26 -24.07
C VAL A 62 -0.71 -15.58 -22.76
N PHE A 63 -1.59 -15.69 -21.78
CA PHE A 63 -1.34 -14.95 -20.54
C PHE A 63 -1.20 -15.90 -19.36
N THR A 64 -0.32 -15.56 -18.42
CA THR A 64 -0.32 -16.31 -17.17
C THR A 64 -0.64 -15.47 -15.94
N TYR A 65 -1.19 -16.07 -14.88
CA TYR A 65 -1.58 -15.31 -13.69
C TYR A 65 -1.36 -16.14 -12.41
N ARG A 66 -1.36 -15.49 -11.25
CA ARG A 66 -1.35 -16.25 -10.02
C ARG A 66 -2.76 -16.36 -9.39
N LYS A 67 -3.37 -15.24 -9.02
CA LYS A 67 -4.59 -15.27 -8.24
C LYS A 67 -5.82 -15.35 -9.14
N GLU A 68 -6.90 -15.93 -8.66
CA GLU A 68 -8.20 -16.03 -9.33
CA GLU A 68 -8.07 -16.04 -9.52
C GLU A 68 -8.59 -14.63 -9.84
N ARG A 69 -8.40 -13.67 -8.96
CA ARG A 69 -8.86 -12.33 -9.19
C ARG A 69 -8.18 -11.80 -10.45
N SER A 70 -6.89 -12.14 -10.61
CA SER A 70 -6.17 -11.75 -11.82
C SER A 70 -6.71 -12.45 -13.11
N ARG A 71 -7.06 -13.73 -13.06
CA ARG A 71 -7.69 -14.38 -14.22
C ARG A 71 -8.98 -13.58 -14.60
N LYS A 72 -9.70 -13.12 -13.58
CA LYS A 72 -10.96 -12.43 -13.81
C LYS A 72 -10.72 -11.12 -14.57
N GLU A 73 -9.74 -10.34 -14.09
CA GLU A 73 -9.36 -9.13 -14.79
C GLU A 73 -8.88 -9.43 -16.23
N LEU A 74 -8.08 -10.47 -16.40
CA LEU A 74 -7.69 -10.89 -17.76
C LEU A 74 -8.89 -11.19 -18.65
N GLU A 75 -9.88 -11.86 -18.10
CA GLU A 75 -11.03 -12.22 -18.91
C GLU A 75 -11.76 -10.96 -19.38
N LYS A 76 -11.85 -9.95 -18.52
CA LYS A 76 -12.41 -8.64 -18.87
C LYS A 76 -11.56 -7.86 -19.88
N LEU A 77 -10.25 -7.82 -19.64
CA LEU A 77 -9.33 -6.97 -20.44
C LEU A 77 -9.21 -7.48 -21.89
N LEU A 78 -9.32 -8.79 -22.07
CA LEU A 78 -9.33 -9.40 -23.40
C LEU A 78 -10.42 -8.84 -24.32
N GLU A 79 -11.50 -8.33 -23.74
CA GLU A 79 -12.55 -7.73 -24.55
C GLU A 79 -12.06 -6.46 -25.29
N GLN A 80 -10.98 -5.84 -24.79
CA GLN A 80 -10.37 -4.69 -25.49
C GLN A 80 -9.29 -5.05 -26.50
N LEU A 81 -8.83 -6.29 -26.50
CA LEU A 81 -7.78 -6.68 -27.43
C LEU A 81 -8.43 -7.32 -28.64
N ASN A 82 -7.63 -7.62 -29.65
CA ASN A 82 -8.10 -8.37 -30.80
C ASN A 82 -7.83 -9.86 -30.74
N GLN A 83 -7.50 -10.42 -29.59
CA GLN A 83 -7.24 -11.87 -29.50
C GLN A 83 -8.53 -12.63 -29.80
N PRO A 84 -8.56 -13.45 -30.88
CA PRO A 84 -9.77 -14.24 -31.13
C PRO A 84 -10.05 -15.27 -30.02
N GLU A 85 -9.05 -15.68 -29.24
CA GLU A 85 -9.37 -16.47 -28.05
C GLU A 85 -8.46 -16.30 -26.85
N ALA A 86 -9.09 -16.47 -25.69
CA ALA A 86 -8.47 -16.41 -24.37
C ALA A 86 -7.51 -17.57 -24.23
N HIS A 87 -6.21 -17.29 -24.11
CA HIS A 87 -5.28 -18.32 -23.72
C HIS A 87 -4.73 -18.03 -22.32
N LEU A 88 -5.37 -18.53 -21.28
CA LEU A 88 -5.05 -18.15 -19.90
C LEU A 88 -4.56 -19.35 -19.09
N TYR A 89 -3.43 -19.21 -18.38
CA TYR A 89 -2.87 -20.30 -17.60
C TYR A 89 -2.50 -19.81 -16.22
N GLN A 90 -2.83 -20.57 -15.20
CA GLN A 90 -2.44 -20.21 -13.84
C GLN A 90 -1.02 -20.67 -13.67
N ILE A 91 -0.09 -19.76 -13.39
CA ILE A 91 1.24 -20.17 -13.01
C ILE A 91 1.70 -19.31 -11.83
N ASP A 92 1.79 -19.91 -10.66
CA ASP A 92 2.49 -19.27 -9.54
C ASP A 92 3.95 -19.64 -9.65
N VAL A 93 4.79 -18.66 -9.94
CA VAL A 93 6.19 -18.99 -10.21
C VAL A 93 6.97 -19.43 -8.96
N GLN A 94 6.33 -19.49 -7.80
CA GLN A 94 6.96 -20.17 -6.65
C GLN A 94 6.97 -21.69 -6.76
N SER A 95 6.19 -22.23 -7.70
CA SER A 95 6.08 -23.67 -7.84
C SER A 95 6.77 -24.13 -9.13
N ASP A 96 7.71 -25.05 -9.03
CA ASP A 96 8.31 -25.63 -10.21
C ASP A 96 7.26 -26.36 -11.05
N GLU A 97 6.44 -27.20 -10.40
CA GLU A 97 5.47 -28.01 -11.11
CA GLU A 97 5.45 -28.01 -11.09
C GLU A 97 4.51 -27.11 -11.92
N GLU A 98 4.14 -25.96 -11.40
CA GLU A 98 3.24 -25.05 -12.09
C GLU A 98 3.93 -24.42 -13.29
N VAL A 99 5.19 -24.03 -13.15
CA VAL A 99 5.92 -23.47 -14.29
C VAL A 99 6.15 -24.51 -15.37
N ILE A 100 6.61 -25.69 -14.96
CA ILE A 100 6.83 -26.79 -15.90
C ILE A 100 5.53 -27.21 -16.58
N ASN A 101 4.46 -27.42 -15.81
CA ASN A 101 3.20 -27.91 -16.42
C ASN A 101 2.46 -26.85 -17.22
N GLY A 102 2.50 -25.61 -16.73
CA GLY A 102 2.06 -24.44 -17.46
C GLY A 102 2.59 -24.33 -18.88
N PHE A 103 3.91 -24.26 -19.04
CA PHE A 103 4.53 -24.13 -20.35
C PHE A 103 4.29 -25.40 -21.17
N GLU A 104 4.33 -26.56 -20.52
CA GLU A 104 4.02 -27.75 -21.28
C GLU A 104 2.61 -27.63 -21.86
N GLN A 105 1.68 -27.16 -21.05
CA GLN A 105 0.30 -27.07 -21.55
C GLN A 105 0.16 -26.01 -22.69
N ILE A 106 0.88 -24.89 -22.55
CA ILE A 106 0.88 -23.86 -23.58
C ILE A 106 1.41 -24.42 -24.90
N GLY A 107 2.46 -25.21 -24.82
CA GLY A 107 3.00 -25.84 -26.03
C GLY A 107 1.98 -26.75 -26.69
N LYS A 108 1.19 -27.44 -25.87
CA LYS A 108 0.19 -28.38 -26.41
C LYS A 108 -0.95 -27.58 -27.00
N ASP A 109 -1.22 -26.40 -26.47
CA ASP A 109 -2.42 -25.69 -26.89
C ASP A 109 -2.15 -24.81 -28.10
N VAL A 110 -0.98 -24.18 -28.19
CA VAL A 110 -0.70 -23.18 -29.23
C VAL A 110 0.57 -23.47 -30.03
N GLY A 111 1.34 -24.47 -29.62
CA GLY A 111 2.59 -24.84 -30.32
C GLY A 111 3.79 -24.02 -29.88
N ASN A 112 4.76 -23.82 -30.76
CA ASN A 112 5.97 -23.08 -30.40
C ASN A 112 5.69 -21.59 -30.30
N ILE A 113 6.50 -20.93 -29.48
CA ILE A 113 6.29 -19.53 -29.20
C ILE A 113 7.53 -18.77 -29.64
N ASP A 114 7.44 -17.44 -29.59
CA ASP A 114 8.50 -16.59 -30.09
C ASP A 114 9.15 -15.82 -28.95
N GLY A 115 8.49 -15.77 -27.80
CA GLY A 115 9.08 -15.00 -26.70
C GLY A 115 8.20 -15.03 -25.46
N VAL A 116 8.75 -14.51 -24.37
CA VAL A 116 8.09 -14.42 -23.10
C VAL A 116 8.37 -12.98 -22.60
N TYR A 117 7.31 -12.29 -22.22
CA TYR A 117 7.45 -11.07 -21.44
C TYR A 117 7.26 -11.40 -19.93
N HIS A 118 8.29 -11.23 -19.12
CA HIS A 118 8.17 -11.52 -17.68
C HIS A 118 7.96 -10.18 -16.91
N SER A 119 6.84 -10.05 -16.20
CA SER A 119 6.48 -8.83 -15.48
C SER A 119 6.04 -9.18 -14.05
N ILE A 120 6.94 -9.79 -13.27
CA ILE A 120 6.52 -10.41 -12.01
C ILE A 120 7.50 -10.06 -10.88
N ALA A 121 7.02 -9.54 -9.76
CA ALA A 121 7.91 -9.42 -8.60
C ALA A 121 7.08 -9.43 -7.32
N PHE A 122 7.71 -9.67 -6.18
CA PHE A 122 6.99 -9.60 -4.91
C PHE A 122 8.00 -9.43 -3.82
N ALA A 123 7.67 -8.66 -2.79
CA ALA A 123 8.36 -8.74 -1.50
C ALA A 123 7.33 -8.41 -0.39
N ASN A 124 7.61 -8.71 0.87
CA ASN A 124 6.71 -8.33 1.95
C ASN A 124 6.81 -6.82 2.14
N MET A 125 5.69 -6.18 2.42
N MET A 125 5.62 -6.23 2.22
CA MET A 125 5.77 -4.81 2.93
CA MET A 125 5.39 -4.83 2.54
C MET A 125 6.45 -4.67 4.30
C MET A 125 6.46 -4.18 3.41
N GLU A 126 6.34 -5.67 5.17
N GLU A 126 6.62 -4.71 4.63
CA GLU A 126 6.97 -5.64 6.49
CA GLU A 126 7.48 -4.08 5.63
C GLU A 126 8.51 -5.53 6.36
C GLU A 126 8.93 -3.99 5.17
N ASP A 127 9.05 -6.08 5.28
N ASP A 127 9.19 -4.44 3.95
CA ASP A 127 10.48 -5.95 5.01
CA ASP A 127 10.52 -4.38 3.37
C ASP A 127 10.80 -4.64 4.29
C ASP A 127 10.73 -3.29 2.31
N LEU A 128 10.02 -4.33 3.28
N LEU A 128 9.73 -2.45 2.05
CA LEU A 128 10.13 -3.10 2.46
CA LEU A 128 9.82 -1.45 0.97
C LEU A 128 10.09 -1.80 3.22
C LEU A 128 9.65 -0.02 1.51
N ARG A 129 9.16 -1.72 4.17
N ARG A 129 10.18 0.16 2.72
CA ARG A 129 8.93 -0.54 4.99
CA ARG A 129 10.05 1.35 3.56
C ARG A 129 9.75 -0.55 6.30
C ARG A 129 11.06 1.14 4.69
N GLY A 130 10.64 -1.51 6.48
N GLY A 130 11.56 2.21 5.29
CA GLY A 130 11.59 -1.38 7.56
CA GLY A 130 12.37 2.08 6.51
C GLY A 130 12.91 -0.89 7.00
C GLY A 130 13.77 1.54 6.28
N ARG A 131 13.93 -0.83 7.85
N ARG A 131 14.17 0.54 7.06
CA ARG A 131 15.27 -0.44 7.40
CA ARG A 131 15.57 0.12 7.18
C ARG A 131 15.92 -1.58 6.61
C ARG A 131 15.92 -1.27 6.64
N PHE A 132 16.74 -1.29 5.61
CA PHE A 132 17.18 -2.47 4.85
C PHE A 132 17.93 -3.48 5.74
N SER A 133 18.71 -2.97 6.68
CA SER A 133 19.52 -3.81 7.58
C SER A 133 18.67 -4.69 8.48
N GLU A 134 17.37 -4.44 8.54
CA GLU A 134 16.51 -5.26 9.40
C GLU A 134 15.75 -6.27 8.55
N THR A 135 15.95 -6.29 7.24
CA THR A 135 15.32 -7.31 6.42
C THR A 135 15.45 -8.74 7.02
N SER A 136 14.36 -9.48 7.08
CA SER A 136 14.42 -10.84 7.60
C SER A 136 14.97 -11.73 6.52
N ARG A 137 15.51 -12.86 6.95
CA ARG A 137 15.93 -13.92 6.00
C ARG A 137 14.80 -14.42 5.09
N GLU A 138 13.62 -14.74 5.65
CA GLU A 138 12.54 -15.36 4.87
C GLU A 138 12.10 -14.35 3.82
N GLY A 139 12.09 -13.08 4.21
CA GLY A 139 11.62 -12.06 3.30
C GLY A 139 12.62 -11.72 2.21
N PHE A 140 13.91 -11.69 2.53
CA PHE A 140 14.91 -11.53 1.50
C PHE A 140 14.88 -12.69 0.48
N LEU A 141 14.75 -13.91 0.99
CA LEU A 141 14.69 -15.08 0.13
C LEU A 141 13.38 -15.18 -0.67
N LEU A 142 12.25 -14.74 -0.11
CA LEU A 142 10.99 -14.66 -0.84
C LEU A 142 11.16 -13.73 -2.04
N ALA A 143 11.77 -12.56 -1.83
CA ALA A 143 11.92 -11.60 -2.92
C ALA A 143 12.81 -12.16 -4.02
N GLN A 144 13.90 -12.85 -3.65
CA GLN A 144 14.81 -13.44 -4.66
C GLN A 144 14.08 -14.50 -5.50
N ASP A 145 13.29 -15.31 -4.83
CA ASP A 145 12.57 -16.42 -5.43
C ASP A 145 11.57 -15.97 -6.49
N ILE A 146 10.70 -15.03 -6.12
CA ILE A 146 9.64 -14.65 -7.01
C ILE A 146 10.20 -13.67 -8.01
N SER A 147 11.10 -12.80 -7.56
CA SER A 147 11.50 -11.66 -8.36
C SER A 147 12.70 -11.96 -9.28
N SER A 148 13.43 -13.04 -9.02
CA SER A 148 14.60 -13.33 -9.82
C SER A 148 14.70 -14.78 -10.29
N TYR A 149 14.68 -15.71 -9.35
CA TYR A 149 14.81 -17.09 -9.77
C TYR A 149 13.71 -17.48 -10.74
N SER A 150 12.56 -16.81 -10.67
CA SER A 150 11.43 -17.19 -11.50
C SER A 150 11.77 -17.02 -12.98
N LEU A 151 12.62 -16.04 -13.30
CA LEU A 151 13.10 -15.90 -14.68
C LEU A 151 13.92 -17.13 -15.12
N THR A 152 14.82 -17.61 -14.26
CA THR A 152 15.65 -18.76 -14.65
C THR A 152 14.80 -19.98 -15.05
N ILE A 153 13.84 -20.29 -14.19
CA ILE A 153 13.02 -21.45 -14.45
C ILE A 153 12.08 -21.22 -15.61
N VAL A 154 11.47 -20.04 -15.72
CA VAL A 154 10.63 -19.74 -16.88
C VAL A 154 11.40 -19.89 -18.21
N ALA A 155 12.63 -19.36 -18.28
CA ALA A 155 13.46 -19.45 -19.47
C ALA A 155 13.75 -20.90 -19.77
N HIS A 156 14.09 -21.68 -18.74
CA HIS A 156 14.36 -23.08 -18.95
C HIS A 156 13.17 -23.80 -19.61
N GLU A 157 11.95 -23.53 -19.14
CA GLU A 157 10.78 -24.23 -19.69
C GLU A 157 10.35 -23.64 -21.02
N ALA A 158 10.48 -22.32 -21.13
CA ALA A 158 10.14 -21.63 -22.40
C ALA A 158 11.04 -22.01 -23.59
N LYS A 159 12.34 -22.16 -23.34
CA LYS A 159 13.32 -22.67 -24.28
C LYS A 159 12.77 -23.91 -25.01
N LYS A 160 12.06 -24.78 -24.29
CA LYS A 160 11.55 -25.98 -24.94
C LYS A 160 10.57 -25.66 -26.06
N LEU A 161 9.91 -24.49 -26.04
CA LEU A 161 8.94 -24.14 -27.08
C LEU A 161 9.53 -23.17 -28.11
N MET A 162 10.85 -23.00 -28.06
CA MET A 162 11.52 -22.06 -28.94
C MET A 162 12.66 -22.76 -29.67
N PRO A 163 12.38 -23.91 -30.31
CA PRO A 163 13.49 -24.66 -30.88
C PRO A 163 14.26 -23.91 -31.97
N GLU A 164 13.67 -22.90 -32.60
CA GLU A 164 14.35 -22.07 -33.59
C GLU A 164 14.86 -20.77 -32.96
N GLY A 165 14.66 -20.58 -31.66
CA GLY A 165 15.17 -19.34 -31.05
C GLY A 165 14.03 -18.43 -30.69
N GLY A 166 14.32 -17.30 -30.07
CA GLY A 166 13.26 -16.44 -29.56
C GLY A 166 13.80 -15.38 -28.65
N SER A 167 12.88 -14.78 -27.89
CA SER A 167 13.28 -13.59 -27.14
C SER A 167 12.59 -13.51 -25.80
N ILE A 168 13.38 -13.27 -24.76
CA ILE A 168 12.83 -13.18 -23.40
C ILE A 168 13.13 -11.85 -22.72
N VAL A 169 12.07 -11.14 -22.31
CA VAL A 169 12.22 -9.82 -21.66
C VAL A 169 11.73 -9.87 -20.19
N ALA A 170 12.54 -9.36 -19.26
CA ALA A 170 12.09 -9.13 -17.88
C ALA A 170 12.07 -7.62 -17.51
N THR A 171 11.33 -7.23 -16.47
CA THR A 171 11.10 -5.82 -16.17
C THR A 171 11.88 -5.50 -14.95
N THR A 172 12.77 -4.51 -15.03
CA THR A 172 13.52 -4.20 -13.83
C THR A 172 13.34 -2.72 -13.38
N TYR A 173 14.04 -2.26 -12.37
CA TYR A 173 13.90 -0.90 -11.91
C TYR A 173 15.32 -0.45 -11.61
N LEU A 174 15.58 0.84 -11.80
CA LEU A 174 16.87 1.47 -11.47
C LEU A 174 17.37 1.18 -10.03
N GLY A 175 16.48 0.90 -9.09
CA GLY A 175 16.88 0.43 -7.72
C GLY A 175 17.69 -0.89 -7.68
N GLY A 176 17.80 -1.56 -8.83
CA GLY A 176 18.69 -2.74 -8.98
C GLY A 176 20.14 -2.33 -9.25
N GLU A 177 20.32 -1.06 -9.64
CA GLU A 177 21.60 -0.52 -10.08
C GLU A 177 22.18 0.44 -9.07
N PHE A 178 21.34 1.09 -8.27
CA PHE A 178 21.75 2.06 -7.25
C PHE A 178 20.88 1.89 -6.00
N ALA A 179 21.33 2.35 -4.82
CA ALA A 179 20.47 2.23 -3.65
C ALA A 179 19.51 3.44 -3.73
N VAL A 180 18.24 3.13 -3.85
CA VAL A 180 17.15 4.09 -3.80
C VAL A 180 16.44 4.03 -2.42
N GLN A 181 16.00 5.16 -1.87
CA GLN A 181 15.28 5.11 -0.60
C GLN A 181 14.05 4.18 -0.68
N ASN A 182 13.86 3.42 0.40
CA ASN A 182 12.69 2.55 0.57
C ASN A 182 12.57 1.33 -0.34
N TYR A 183 13.18 1.29 -1.53
CA TYR A 183 13.16 0.09 -2.35
C TYR A 183 13.81 -1.14 -1.70
N ASN A 184 14.89 -0.95 -0.92
CA ASN A 184 15.32 -2.00 0.02
C ASN A 184 15.40 -3.41 -0.60
N VAL A 185 14.71 -4.39 -0.03
CA VAL A 185 14.99 -5.78 -0.39
C VAL A 185 14.68 -5.99 -1.89
N MET A 186 13.81 -5.18 -2.43
CA MET A 186 13.47 -5.40 -3.83
C MET A 186 14.64 -4.93 -4.71
N GLY A 187 15.39 -3.93 -4.22
CA GLY A 187 16.52 -3.46 -5.02
C GLY A 187 17.59 -4.54 -5.20
N VAL A 188 17.87 -5.25 -4.10
CA VAL A 188 18.72 -6.43 -4.13
C VAL A 188 18.12 -7.52 -5.01
N ALA A 189 16.80 -7.64 -5.06
CA ALA A 189 16.22 -8.68 -5.90
C ALA A 189 16.35 -8.27 -7.37
N LYS A 190 16.24 -6.97 -7.65
CA LYS A 190 16.41 -6.53 -9.04
C LYS A 190 17.87 -6.61 -9.51
N ALA A 191 18.85 -6.36 -8.65
CA ALA A 191 20.24 -6.53 -9.00
C ALA A 191 20.43 -8.01 -9.42
N SER A 192 19.88 -8.90 -8.60
CA SER A 192 19.92 -10.34 -8.87
C SER A 192 19.26 -10.64 -10.21
N LEU A 193 18.11 -10.01 -10.47
CA LEU A 193 17.40 -10.21 -11.77
C LEU A 193 18.21 -9.76 -12.98
N GLU A 194 18.78 -8.56 -12.90
CA GLU A 194 19.62 -8.08 -14.01
C GLU A 194 20.85 -8.98 -14.28
N ALA A 195 21.47 -9.53 -13.23
CA ALA A 195 22.55 -10.51 -13.47
C ALA A 195 21.97 -11.77 -14.08
N ASN A 196 20.72 -12.09 -13.75
CA ASN A 196 20.09 -13.33 -14.23
C ASN A 196 19.89 -13.22 -15.78
N VAL A 197 19.44 -12.05 -16.20
CA VAL A 197 19.32 -11.76 -17.62
C VAL A 197 20.65 -11.91 -18.34
N LYS A 198 21.74 -11.51 -17.70
CA LYS A 198 23.04 -11.53 -18.35
C LYS A 198 23.53 -12.99 -18.40
N TYR A 199 23.37 -13.76 -17.33
CA TYR A 199 23.84 -15.15 -17.35
C TYR A 199 22.96 -16.03 -18.28
N LEU A 200 21.68 -15.69 -18.41
CA LEU A 200 20.80 -16.39 -19.32
C LEU A 200 21.14 -16.02 -20.76
N ALA A 201 21.48 -14.75 -20.98
CA ALA A 201 21.85 -14.31 -22.32
C ALA A 201 22.99 -15.18 -22.85
N LEU A 202 23.97 -15.40 -21.96
CA LEU A 202 25.22 -16.10 -22.25
C LEU A 202 24.91 -17.57 -22.44
N ASP A 203 24.13 -18.12 -21.54
CA ASP A 203 23.78 -19.53 -21.62
C ASP A 203 22.97 -19.82 -22.89
N LEU A 204 22.01 -18.97 -23.21
CA LEU A 204 20.99 -19.39 -24.18
C LEU A 204 21.28 -18.82 -25.56
N GLY A 205 22.27 -17.93 -25.61
CA GLY A 205 22.75 -17.30 -26.85
C GLY A 205 23.02 -18.30 -27.97
N PRO A 206 23.70 -19.41 -27.66
CA PRO A 206 23.97 -20.33 -28.77
C PRO A 206 22.70 -20.93 -29.34
N ASP A 207 21.62 -20.92 -28.58
CA ASP A 207 20.34 -21.50 -29.03
C ASP A 207 19.49 -20.45 -29.73
N ASN A 208 20.11 -19.30 -30.01
CA ASN A 208 19.48 -18.16 -30.67
C ASN A 208 18.32 -17.61 -29.82
N ILE A 209 18.46 -17.65 -28.50
CA ILE A 209 17.41 -17.10 -27.64
C ILE A 209 18.03 -15.88 -27.01
N ARG A 210 17.41 -14.70 -27.18
CA ARG A 210 17.92 -13.47 -26.58
C ARG A 210 17.19 -13.21 -25.28
N VAL A 211 17.91 -12.60 -24.32
CA VAL A 211 17.36 -12.32 -23.03
C VAL A 211 17.76 -10.91 -22.69
N ASN A 212 16.80 -10.06 -22.32
CA ASN A 212 17.04 -8.64 -22.08
C ASN A 212 16.14 -8.15 -20.96
N ALA A 213 16.40 -6.94 -20.47
CA ALA A 213 15.56 -6.31 -19.43
C ALA A 213 15.12 -4.93 -19.92
N ILE A 214 13.93 -4.50 -19.50
CA ILE A 214 13.52 -3.09 -19.61
C ILE A 214 13.54 -2.55 -18.18
N SER A 215 14.27 -1.47 -17.94
CA SER A 215 14.26 -0.76 -16.65
C SER A 215 13.28 0.39 -16.86
N ALA A 216 12.08 0.15 -16.36
CA ALA A 216 10.97 1.07 -16.41
C ALA A 216 11.06 2.11 -15.30
N GLY A 217 10.75 3.36 -15.64
CA GLY A 217 10.63 4.43 -14.68
C GLY A 217 9.39 4.17 -13.83
N PRO A 218 9.15 4.98 -12.79
CA PRO A 218 7.98 4.66 -11.91
C PRO A 218 6.62 4.85 -12.62
N ILE A 219 5.71 3.91 -12.44
CA ILE A 219 4.38 3.94 -13.05
C ILE A 219 3.36 3.53 -12.00
N ARG A 220 2.25 4.24 -11.84
CA ARG A 220 1.23 3.84 -10.86
C ARG A 220 0.58 2.53 -11.24
N THR A 221 0.83 1.52 -10.42
CA THR A 221 0.30 0.18 -10.59
C THR A 221 -0.14 -0.28 -9.20
N LEU A 222 -0.84 -1.41 -9.13
CA LEU A 222 -1.22 -1.94 -7.86
C LEU A 222 0.03 -2.19 -6.98
N SER A 223 1.09 -2.75 -7.54
CA SER A 223 2.30 -3.01 -6.76
C SER A 223 3.08 -1.77 -6.27
N ALA A 224 2.99 -0.67 -7.01
CA ALA A 224 3.64 0.58 -6.60
C ALA A 224 3.26 1.04 -5.22
N LYS A 225 2.07 0.62 -4.77
CA LYS A 225 1.56 0.98 -3.47
C LYS A 225 2.39 0.37 -2.33
N GLY A 226 3.21 -0.63 -2.66
CA GLY A 226 4.18 -1.15 -1.68
C GLY A 226 5.46 -0.34 -1.55
N VAL A 227 5.79 0.45 -2.56
CA VAL A 227 6.98 1.27 -2.48
C VAL A 227 6.75 2.55 -1.67
N GLY A 228 7.31 2.64 -0.48
CA GLY A 228 7.15 3.84 0.32
C GLY A 228 7.66 5.03 -0.47
N GLY A 229 7.03 6.19 -0.33
CA GLY A 229 7.54 7.40 -0.97
C GLY A 229 7.26 7.44 -2.46
N PHE A 230 6.33 6.62 -2.93
CA PHE A 230 6.16 6.47 -4.39
C PHE A 230 5.81 7.80 -5.09
N ASN A 231 4.83 8.56 -4.62
CA ASN A 231 4.52 9.86 -5.22
C ASN A 231 5.76 10.74 -5.31
N THR A 232 6.64 10.67 -4.31
CA THR A 232 7.86 11.46 -4.36
C THR A 232 8.79 11.09 -5.52
N ILE A 233 8.84 9.79 -5.84
CA ILE A 233 9.63 9.25 -6.94
C ILE A 233 9.03 9.77 -8.25
N LEU A 234 7.71 9.73 -8.40
CA LEU A 234 7.09 10.25 -9.62
C LEU A 234 7.43 11.70 -9.79
N LYS A 235 7.29 12.50 -8.73
CA LYS A 235 7.53 13.92 -8.88
C LYS A 235 9.00 14.20 -9.20
N GLU A 236 9.92 13.37 -8.73
CA GLU A 236 11.31 13.68 -8.98
C GLU A 236 11.67 13.47 -10.46
N ILE A 237 11.00 12.52 -11.11
CA ILE A 237 11.20 12.30 -12.52
C ILE A 237 10.72 13.51 -13.30
N GLU A 238 9.53 14.01 -12.98
CA GLU A 238 9.05 15.16 -13.72
C GLU A 238 9.99 16.33 -13.58
N GLU A 239 10.53 16.51 -12.38
CA GLU A 239 11.32 17.71 -12.16
C GLU A 239 12.73 17.56 -12.64
N ARG A 240 13.25 16.34 -12.74
CA ARG A 240 14.69 16.15 -12.95
CA ARG A 240 14.69 16.24 -13.02
C ARG A 240 15.10 15.40 -14.21
N ALA A 241 14.29 14.43 -14.62
CA ALA A 241 14.60 13.57 -15.74
C ALA A 241 14.65 14.41 -17.01
N PRO A 242 15.62 14.13 -17.89
CA PRO A 242 15.68 14.79 -19.20
C PRO A 242 14.32 15.13 -19.85
N LEU A 243 13.37 14.20 -19.89
CA LEU A 243 12.20 14.46 -20.71
C LEU A 243 11.18 15.27 -19.90
N LYS A 244 11.44 15.36 -18.59
CA LYS A 244 10.63 16.15 -17.65
C LYS A 244 9.20 15.67 -17.63
N ARG A 245 9.01 14.36 -17.73
CA ARG A 245 7.67 13.80 -17.65
C ARG A 245 7.87 12.36 -17.22
N ASN A 246 6.81 11.75 -16.70
CA ASN A 246 6.83 10.31 -16.42
C ASN A 246 6.49 9.48 -17.64
N VAL A 247 6.91 8.22 -17.64
CA VAL A 247 6.55 7.28 -18.71
C VAL A 247 5.25 6.54 -18.38
N ASP A 248 4.68 5.83 -19.35
CA ASP A 248 3.58 4.92 -19.01
C ASP A 248 3.82 3.50 -19.56
N GLN A 249 2.82 2.64 -19.38
CA GLN A 249 2.88 1.23 -19.65
C GLN A 249 3.00 0.94 -21.15
N VAL A 250 2.41 1.82 -21.99
CA VAL A 250 2.45 1.67 -23.46
C VAL A 250 3.91 1.95 -23.93
N GLU A 251 4.57 2.89 -23.28
CA GLU A 251 5.95 3.13 -23.65
C GLU A 251 6.82 1.93 -23.34
N VAL A 252 6.66 1.30 -22.17
CA VAL A 252 7.33 0.04 -21.84
C VAL A 252 6.96 -1.00 -22.87
N GLY A 253 5.69 -1.00 -23.27
CA GLY A 253 5.21 -1.95 -24.27
C GLY A 253 5.84 -1.79 -25.66
N LYS A 254 6.07 -0.56 -26.08
CA LYS A 254 6.71 -0.32 -27.38
C LYS A 254 8.15 -0.81 -27.44
N THR A 255 8.91 -0.63 -26.35
CA THR A 255 10.26 -1.15 -26.24
C THR A 255 10.24 -2.68 -26.09
N ALA A 256 9.20 -3.24 -25.48
CA ALA A 256 9.05 -4.70 -25.45
C ALA A 256 8.87 -5.23 -26.86
N ALA A 257 8.02 -4.57 -27.64
CA ALA A 257 7.87 -4.99 -29.06
C ALA A 257 9.21 -5.03 -29.77
N TYR A 258 9.99 -3.96 -29.61
CA TYR A 258 11.31 -3.91 -30.24
C TYR A 258 12.16 -5.12 -29.78
N LEU A 259 12.18 -5.39 -28.47
CA LEU A 259 13.03 -6.45 -27.90
C LEU A 259 12.53 -7.88 -28.23
N LEU A 260 11.21 -8.04 -28.38
CA LEU A 260 10.66 -9.36 -28.63
C LEU A 260 10.65 -9.63 -30.14
N SER A 261 10.83 -8.62 -30.96
CA SER A 261 10.83 -8.80 -32.42
C SER A 261 12.26 -8.92 -32.95
N ASP A 262 12.35 -9.19 -34.25
CA ASP A 262 13.59 -9.25 -34.99
C ASP A 262 14.23 -7.87 -35.21
N LEU A 263 13.52 -6.79 -34.89
CA LEU A 263 14.17 -5.48 -34.88
C LEU A 263 15.41 -5.43 -33.98
N SER A 264 15.41 -6.20 -32.89
CA SER A 264 16.56 -6.18 -31.99
C SER A 264 17.46 -7.43 -32.10
N SER A 265 17.57 -7.98 -33.29
N SER A 265 17.64 -7.96 -33.30
CA SER A 265 18.53 -9.06 -33.50
CA SER A 265 18.18 -9.32 -33.45
C SER A 265 19.88 -8.44 -33.20
C SER A 265 19.62 -9.46 -32.92
N GLY A 266 20.84 -9.24 -32.75
N GLY A 266 20.34 -8.34 -32.93
CA GLY A 266 22.09 -8.68 -32.27
CA GLY A 266 21.75 -8.32 -32.51
C GLY A 266 22.07 -8.14 -30.85
C GLY A 266 21.97 -7.91 -31.07
N VAL A 267 20.90 -7.86 -30.28
CA VAL A 267 20.87 -7.22 -28.98
C VAL A 267 20.44 -8.24 -27.95
N THR A 268 21.35 -8.54 -27.03
CA THR A 268 21.07 -9.50 -25.97
C THR A 268 21.92 -9.13 -24.75
N GLY A 269 21.42 -9.48 -23.57
CA GLY A 269 22.09 -9.21 -22.28
C GLY A 269 22.03 -7.73 -21.88
N GLU A 270 21.11 -7.00 -22.48
CA GLU A 270 21.05 -5.53 -22.42
C GLU A 270 19.93 -5.10 -21.45
N ASN A 271 20.09 -3.90 -20.87
CA ASN A 271 19.11 -3.38 -19.92
C ASN A 271 18.67 -2.04 -20.55
N ILE A 272 17.48 -1.96 -21.16
CA ILE A 272 17.04 -0.69 -21.82
C ILE A 272 16.19 0.14 -20.86
N HIS A 273 16.59 1.36 -20.55
CA HIS A 273 15.86 2.18 -19.57
C HIS A 273 14.79 2.94 -20.28
N VAL A 274 13.54 2.66 -19.93
CA VAL A 274 12.39 3.43 -20.36
C VAL A 274 11.90 4.29 -19.18
N ASP A 275 12.52 5.44 -19.05
CA ASP A 275 12.46 6.16 -17.80
C ASP A 275 12.66 7.68 -17.97
N SER A 276 12.40 8.14 -19.19
CA SER A 276 12.58 9.55 -19.54
C SER A 276 14.02 10.03 -19.39
N GLY A 277 14.97 9.08 -19.37
CA GLY A 277 16.39 9.47 -19.34
C GLY A 277 16.92 9.60 -17.92
N PHE A 278 16.11 9.26 -16.91
CA PHE A 278 16.54 9.47 -15.53
C PHE A 278 17.85 8.72 -15.15
N HIS A 279 18.03 7.52 -15.70
CA HIS A 279 19.21 6.72 -15.45
C HIS A 279 20.51 7.48 -15.79
N ALA A 280 20.43 8.43 -16.71
CA ALA A 280 21.63 9.03 -17.31
C ALA A 280 22.08 10.27 -16.53
N ILE A 281 21.30 10.68 -15.53
CA ILE A 281 21.60 11.92 -14.81
C ILE A 281 21.84 11.66 -13.31
N LYS A 282 22.42 12.63 -12.63
CA LYS A 282 22.67 12.52 -11.22
C LYS A 282 22.60 13.96 -10.68
N VAL B 28 48.76 1.91 7.14
CA VAL B 28 47.93 2.67 8.13
C VAL B 28 48.52 2.62 9.56
N ASN B 29 47.64 2.46 10.57
CA ASN B 29 47.97 2.49 12.02
C ASN B 29 46.83 1.98 12.91
N LEU B 30 46.72 0.66 13.12
CA LEU B 30 45.47 0.11 13.63
C LEU B 30 45.52 -0.43 15.07
N GLU B 31 46.45 0.04 15.89
CA GLU B 31 46.42 -0.32 17.30
C GLU B 31 45.19 0.23 18.02
N ASN B 32 44.71 -0.52 19.01
CA ASN B 32 43.46 -0.16 19.66
C ASN B 32 42.22 -0.23 18.76
N LYS B 33 42.37 -0.75 17.54
CA LYS B 33 41.26 -1.20 16.70
C LYS B 33 41.03 -2.69 16.79
N THR B 34 39.75 -3.06 16.68
CA THR B 34 39.35 -4.46 16.71
C THR B 34 38.46 -4.80 15.51
N TYR B 35 38.83 -5.86 14.79
CA TYR B 35 38.09 -6.29 13.61
C TYR B 35 37.66 -7.75 13.71
N VAL B 36 36.44 -8.03 13.25
CA VAL B 36 35.98 -9.40 13.11
C VAL B 36 36.22 -9.87 11.67
N ILE B 37 36.96 -10.96 11.53
CA ILE B 37 37.19 -11.55 10.23
C ILE B 37 36.43 -12.87 10.10
N MET B 38 35.50 -12.92 9.15
CA MET B 38 34.68 -14.09 8.90
C MET B 38 35.12 -14.79 7.63
N GLY B 39 35.34 -16.10 7.70
CA GLY B 39 35.57 -16.85 6.48
C GLY B 39 36.99 -17.35 6.24
N ILE B 40 37.81 -17.49 7.29
CA ILE B 40 39.08 -18.23 7.11
C ILE B 40 38.92 -19.74 7.21
N ALA B 41 39.29 -20.47 6.15
CA ALA B 41 39.30 -21.95 6.19
C ALA B 41 40.72 -22.57 6.27
N ASN B 42 41.71 -21.89 5.67
CA ASN B 42 43.08 -22.36 5.61
C ASN B 42 44.04 -21.25 5.19
N LYS B 43 45.30 -21.58 4.97
CA LYS B 43 46.34 -20.55 4.82
C LYS B 43 46.14 -19.86 3.47
N ARG B 44 45.37 -20.46 2.56
CA ARG B 44 45.13 -19.86 1.24
CA ARG B 44 45.14 -19.86 1.25
C ARG B 44 43.86 -18.99 1.21
N SER B 45 43.09 -18.99 2.30
CA SER B 45 41.90 -18.14 2.28
C SER B 45 42.22 -16.65 2.06
N ILE B 46 41.37 -15.99 1.28
CA ILE B 46 41.51 -14.56 1.08
C ILE B 46 41.47 -13.87 2.46
N ALA B 47 40.58 -14.30 3.35
CA ALA B 47 40.48 -13.64 4.67
C ALA B 47 41.77 -13.78 5.48
N PHE B 48 42.55 -14.81 5.18
CA PHE B 48 43.77 -15.00 5.94
C PHE B 48 44.77 -13.92 5.52
N GLY B 49 44.79 -13.60 4.22
CA GLY B 49 45.56 -12.46 3.74
C GLY B 49 45.15 -11.14 4.36
N VAL B 50 43.85 -10.93 4.57
CA VAL B 50 43.36 -9.81 5.35
C VAL B 50 43.91 -9.87 6.78
N ALA B 51 43.84 -11.03 7.42
CA ALA B 51 44.25 -11.15 8.82
C ALA B 51 45.73 -10.78 8.99
N LYS B 52 46.59 -11.32 8.11
CA LYS B 52 48.03 -11.07 8.23
C LYS B 52 48.29 -9.58 8.12
N VAL B 53 47.62 -8.90 7.19
CA VAL B 53 47.91 -7.48 6.96
C VAL B 53 47.47 -6.67 8.17
N LEU B 54 46.30 -6.99 8.69
CA LEU B 54 45.68 -6.21 9.76
C LEU B 54 46.46 -6.46 11.04
N ASP B 55 46.85 -7.71 11.23
CA ASP B 55 47.60 -8.11 12.42
C ASP B 55 48.96 -7.41 12.42
N GLN B 56 49.61 -7.38 11.27
CA GLN B 56 50.88 -6.69 11.18
C GLN B 56 50.70 -5.19 11.50
N LEU B 57 49.51 -4.64 11.24
CA LEU B 57 49.22 -3.21 11.43
C LEU B 57 48.77 -2.90 12.87
N GLY B 58 48.76 -3.92 13.73
CA GLY B 58 48.46 -3.74 15.14
C GLY B 58 47.03 -3.94 15.58
N ALA B 59 46.13 -4.37 14.69
CA ALA B 59 44.76 -4.66 15.09
C ALA B 59 44.62 -5.86 16.03
N LYS B 60 43.58 -5.82 16.86
CA LYS B 60 43.15 -7.03 17.56
C LYS B 60 42.16 -7.70 16.64
N LEU B 61 42.33 -8.99 16.40
CA LEU B 61 41.42 -9.66 15.46
C LEU B 61 40.57 -10.72 16.15
N VAL B 62 39.33 -10.87 15.69
CA VAL B 62 38.40 -11.86 16.22
C VAL B 62 38.08 -12.66 14.99
N PHE B 63 37.98 -13.97 15.11
CA PHE B 63 37.79 -14.80 13.91
C PHE B 63 36.51 -15.61 14.04
N THR B 64 35.73 -15.68 12.97
CA THR B 64 34.61 -16.59 12.97
C THR B 64 34.78 -17.70 11.92
N TYR B 65 34.20 -18.86 12.22
CA TYR B 65 34.33 -20.06 11.36
C TYR B 65 33.01 -20.85 11.33
N ARG B 66 32.84 -21.70 10.31
CA ARG B 66 31.75 -22.69 10.29
C ARG B 66 32.18 -24.12 10.70
N LYS B 67 33.12 -24.74 9.98
CA LYS B 67 33.49 -26.13 10.24
C LYS B 67 34.44 -26.23 11.43
N GLU B 68 34.28 -27.28 12.23
CA GLU B 68 35.24 -27.50 13.29
CA GLU B 68 35.24 -27.69 13.25
C GLU B 68 36.67 -27.61 12.72
N ARG B 69 36.83 -28.15 11.51
CA ARG B 69 38.14 -28.19 10.82
C ARG B 69 38.72 -26.80 10.50
N SER B 70 37.87 -25.84 10.15
CA SER B 70 38.36 -24.47 9.96
C SER B 70 38.85 -23.90 11.31
N ARG B 71 38.18 -24.18 12.44
CA ARG B 71 38.71 -23.73 13.72
CA ARG B 71 38.69 -23.76 13.74
C ARG B 71 40.12 -24.29 13.95
N LYS B 72 40.32 -25.58 13.67
CA LYS B 72 41.65 -26.18 13.85
C LYS B 72 42.74 -25.49 13.02
N GLU B 73 42.40 -25.12 11.80
CA GLU B 73 43.32 -24.38 10.96
C GLU B 73 43.67 -22.99 11.53
N LEU B 74 42.64 -22.31 12.04
CA LEU B 74 42.82 -21.03 12.72
C LEU B 74 43.78 -21.12 13.90
N GLU B 75 43.60 -22.13 14.75
CA GLU B 75 44.43 -22.27 15.95
C GLU B 75 45.88 -22.37 15.53
N LYS B 76 46.12 -23.06 14.40
CA LYS B 76 47.46 -23.22 13.83
C LYS B 76 47.93 -21.95 13.08
N LEU B 77 47.05 -21.33 12.29
CA LEU B 77 47.45 -20.13 11.58
C LEU B 77 47.77 -18.99 12.54
N LEU B 78 47.21 -19.03 13.73
CA LEU B 78 47.39 -17.99 14.75
C LEU B 78 48.80 -17.91 15.36
N GLU B 79 49.56 -18.98 15.24
CA GLU B 79 50.95 -18.92 15.60
C GLU B 79 51.79 -18.04 14.67
N GLN B 80 51.40 -17.89 13.40
CA GLN B 80 52.05 -16.92 12.52
C GLN B 80 51.68 -15.47 12.79
N LEU B 81 50.82 -15.22 13.76
CA LEU B 81 50.25 -13.91 13.96
C LEU B 81 50.66 -13.37 15.32
N ASN B 82 50.57 -12.07 15.46
CA ASN B 82 50.91 -11.41 16.71
C ASN B 82 49.72 -11.34 17.66
N GLN B 83 48.67 -12.11 17.44
CA GLN B 83 47.55 -12.03 18.34
C GLN B 83 47.88 -12.67 19.70
N PRO B 84 47.86 -11.91 20.80
CA PRO B 84 48.29 -12.62 21.99
C PRO B 84 47.18 -13.54 22.51
N GLU B 85 45.96 -13.41 21.96
CA GLU B 85 44.79 -14.16 22.38
C GLU B 85 44.06 -14.72 21.16
N ALA B 86 43.49 -15.92 21.30
CA ALA B 86 42.74 -16.52 20.23
C ALA B 86 41.26 -16.21 20.44
N HIS B 87 40.67 -15.36 19.61
CA HIS B 87 39.23 -15.15 19.76
C HIS B 87 38.44 -15.82 18.64
N LEU B 88 38.06 -17.08 18.84
CA LEU B 88 37.47 -17.88 17.79
C LEU B 88 36.01 -18.14 18.12
N TYR B 89 35.11 -17.88 17.16
CA TYR B 89 33.70 -18.07 17.38
C TYR B 89 33.08 -18.85 16.21
N GLN B 90 32.32 -19.87 16.54
CA GLN B 90 31.58 -20.58 15.50
C GLN B 90 30.35 -19.79 15.10
N ILE B 91 30.21 -19.46 13.83
CA ILE B 91 29.03 -18.80 13.34
C ILE B 91 28.78 -19.35 11.94
N ASP B 92 27.76 -20.18 11.80
CA ASP B 92 27.19 -20.55 10.51
C ASP B 92 26.21 -19.47 10.07
N VAL B 93 26.56 -18.68 9.06
CA VAL B 93 25.66 -17.58 8.69
C VAL B 93 24.32 -18.01 8.09
N GLN B 94 24.09 -19.30 7.92
CA GLN B 94 22.74 -19.78 7.64
C GLN B 94 21.79 -19.62 8.80
N SER B 95 22.30 -19.45 10.01
CA SER B 95 21.41 -19.47 11.16
C SER B 95 21.41 -18.10 11.86
N ASP B 96 20.25 -17.48 12.03
CA ASP B 96 20.20 -16.17 12.67
C ASP B 96 20.73 -16.28 14.11
N GLU B 97 20.23 -17.28 14.82
CA GLU B 97 20.63 -17.55 16.20
CA GLU B 97 20.62 -17.41 16.20
C GLU B 97 22.14 -17.49 16.34
N GLU B 98 22.83 -18.10 15.38
CA GLU B 98 24.29 -18.18 15.50
C GLU B 98 24.99 -16.83 15.27
N VAL B 99 24.49 -16.08 14.29
CA VAL B 99 25.01 -14.74 14.03
C VAL B 99 24.61 -13.85 15.20
N ILE B 100 23.34 -13.89 15.61
CA ILE B 100 22.96 -13.09 16.79
C ILE B 100 23.81 -13.38 18.05
N ASN B 101 23.93 -14.66 18.44
CA ASN B 101 24.57 -14.99 19.71
C ASN B 101 26.06 -14.79 19.59
N GLY B 102 26.55 -15.05 18.38
CA GLY B 102 27.97 -14.95 18.05
C GLY B 102 28.46 -13.54 18.27
N PHE B 103 27.81 -12.58 17.63
CA PHE B 103 28.24 -11.20 17.81
C PHE B 103 27.98 -10.72 19.26
N GLU B 104 26.88 -11.17 19.87
CA GLU B 104 26.64 -10.74 21.25
C GLU B 104 27.77 -11.20 22.15
N GLN B 105 28.26 -12.42 21.91
CA GLN B 105 29.30 -13.04 22.72
C GLN B 105 30.61 -12.27 22.50
N ILE B 106 30.86 -11.94 21.24
CA ILE B 106 32.05 -11.18 20.83
C ILE B 106 32.07 -9.85 21.59
N GLY B 107 30.89 -9.24 21.70
CA GLY B 107 30.72 -7.96 22.34
C GLY B 107 31.06 -8.06 23.82
N LYS B 108 30.73 -9.16 24.48
CA LYS B 108 30.99 -9.27 25.90
C LYS B 108 32.44 -9.69 26.14
N ASP B 109 33.02 -10.42 25.19
CA ASP B 109 34.39 -10.87 25.34
C ASP B 109 35.37 -9.77 24.91
N VAL B 110 35.07 -8.97 23.90
CA VAL B 110 36.04 -7.95 23.48
C VAL B 110 35.54 -6.49 23.46
N GLY B 111 34.32 -6.25 23.92
CA GLY B 111 33.77 -4.90 23.86
C GLY B 111 33.47 -4.53 22.41
N ASN B 112 33.42 -3.23 22.13
CA ASN B 112 33.06 -2.68 20.83
C ASN B 112 34.13 -2.90 19.75
N ILE B 113 33.69 -3.03 18.51
CA ILE B 113 34.59 -3.40 17.41
C ILE B 113 34.62 -2.24 16.41
N ASP B 114 35.64 -2.22 15.56
CA ASP B 114 35.72 -1.17 14.55
C ASP B 114 35.27 -1.59 13.16
N GLY B 115 35.09 -2.88 12.91
CA GLY B 115 34.72 -3.26 11.52
C GLY B 115 34.73 -4.77 11.37
N VAL B 116 34.14 -5.23 10.27
CA VAL B 116 33.97 -6.64 9.97
C VAL B 116 34.43 -6.84 8.54
N TYR B 117 35.27 -7.87 8.33
CA TYR B 117 35.64 -8.37 7.02
C TYR B 117 34.88 -9.67 6.72
N HIS B 118 34.03 -9.61 5.69
CA HIS B 118 33.15 -10.71 5.35
C HIS B 118 33.73 -11.41 4.12
N SER B 119 34.11 -12.69 4.30
CA SER B 119 34.75 -13.46 3.20
C SER B 119 34.07 -14.81 2.98
N ILE B 120 32.75 -14.79 2.84
CA ILE B 120 31.96 -16.02 2.92
C ILE B 120 31.08 -16.12 1.64
N ALA B 121 31.08 -17.29 1.01
CA ALA B 121 30.16 -17.57 -0.08
C ALA B 121 30.06 -19.08 -0.20
N PHE B 122 28.98 -19.52 -0.85
CA PHE B 122 28.76 -20.93 -1.08
C PHE B 122 27.67 -21.13 -2.15
N ALA B 123 27.85 -22.16 -3.00
CA ALA B 123 26.81 -22.69 -3.88
C ALA B 123 27.20 -24.12 -4.14
N ASN B 124 26.21 -24.95 -4.45
CA ASN B 124 26.44 -26.34 -4.86
C ASN B 124 27.26 -26.46 -6.14
N MET B 125 28.15 -27.46 -6.20
N MET B 125 28.25 -27.36 -6.09
CA MET B 125 28.80 -27.86 -7.45
CA MET B 125 29.33 -27.42 -7.06
C MET B 125 27.77 -28.18 -8.52
C MET B 125 28.81 -27.58 -8.48
N GLU B 126 26.70 -28.85 -8.10
N GLU B 126 27.73 -28.33 -8.64
CA GLU B 126 25.79 -29.49 -9.03
CA GLU B 126 27.13 -28.55 -9.94
C GLU B 126 25.06 -28.40 -9.80
C GLU B 126 26.42 -27.27 -10.36
N ASP B 127 24.85 -27.26 -9.14
N ASP B 127 26.60 -26.22 -9.57
CA ASP B 127 24.31 -26.09 -9.81
CA ASP B 127 26.21 -24.89 -9.99
C ASP B 127 25.44 -25.39 -10.54
C ASP B 127 27.38 -23.94 -10.26
N LEU B 128 26.60 -25.22 -9.90
N LEU B 128 28.56 -24.44 -10.67
CA LEU B 128 27.75 -24.54 -10.56
CA LEU B 128 29.70 -23.57 -11.00
C LEU B 128 28.15 -25.16 -11.90
C LEU B 128 30.51 -24.01 -12.24
N ARG B 129 28.15 -26.49 -11.97
N ARG B 129 29.80 -24.72 -13.12
CA ARG B 129 28.77 -27.20 -13.07
CA ARG B 129 30.28 -25.14 -14.42
C ARG B 129 27.70 -27.71 -14.01
C ARG B 129 29.01 -25.42 -15.22
N GLY B 130 26.53 -27.08 -14.03
N GLY B 130 29.16 -25.86 -16.48
CA GLY B 130 25.49 -27.33 -15.01
CA GLY B 130 28.01 -26.13 -17.35
C GLY B 130 25.32 -26.01 -15.74
C GLY B 130 27.03 -24.98 -17.41
N ARG B 131 24.52 -25.99 -16.82
N ARG B 131 25.73 -25.30 -17.38
CA ARG B 131 24.09 -24.78 -17.54
CA ARG B 131 24.68 -24.37 -17.80
C ARG B 131 23.38 -23.79 -16.62
C ARG B 131 23.80 -23.80 -16.68
N PHE B 132 23.62 -22.48 -16.76
CA PHE B 132 22.96 -21.61 -15.77
C PHE B 132 21.45 -21.81 -15.74
N SER B 133 20.88 -21.98 -16.93
CA SER B 133 19.44 -22.04 -17.09
C SER B 133 18.88 -23.30 -16.43
N GLU B 134 19.74 -24.22 -16.02
CA GLU B 134 19.29 -25.44 -15.34
C GLU B 134 19.44 -25.36 -13.81
N THR B 135 19.85 -24.19 -13.27
CA THR B 135 19.98 -24.02 -11.81
C THR B 135 18.74 -24.44 -11.00
N SER B 136 18.92 -25.13 -9.88
CA SER B 136 17.75 -25.56 -9.12
C SER B 136 17.31 -24.33 -8.32
N ARG B 137 16.00 -24.19 -8.08
CA ARG B 137 15.50 -23.22 -7.09
C ARG B 137 16.26 -23.32 -5.74
N GLU B 138 16.44 -24.53 -5.26
CA GLU B 138 16.99 -24.65 -3.92
C GLU B 138 18.49 -24.25 -3.90
N GLY B 139 19.22 -24.50 -4.99
CA GLY B 139 20.63 -24.11 -5.06
C GLY B 139 20.80 -22.60 -5.31
N PHE B 140 19.88 -22.00 -6.03
CA PHE B 140 19.89 -20.56 -6.21
C PHE B 140 19.66 -19.81 -4.88
N LEU B 141 18.70 -20.28 -4.10
CA LEU B 141 18.38 -19.62 -2.84
C LEU B 141 19.47 -19.85 -1.77
N LEU B 142 20.09 -21.05 -1.85
CA LEU B 142 21.24 -21.37 -1.02
C LEU B 142 22.39 -20.39 -1.28
N ALA B 143 22.68 -20.12 -2.55
CA ALA B 143 23.77 -19.22 -2.85
C ALA B 143 23.43 -17.77 -2.43
N GLN B 144 22.17 -17.36 -2.58
CA GLN B 144 21.72 -16.01 -2.17
C GLN B 144 21.87 -15.91 -0.65
N ASP B 145 21.54 -17.01 0.04
CA ASP B 145 21.39 -17.01 1.49
C ASP B 145 22.77 -16.91 2.15
N ILE B 146 23.69 -17.77 1.74
CA ILE B 146 25.03 -17.71 2.30
C ILE B 146 25.85 -16.54 1.78
N SER B 147 25.77 -16.23 0.48
CA SER B 147 26.74 -15.34 -0.18
C SER B 147 26.25 -13.89 -0.26
N SER B 148 24.95 -13.66 -0.02
CA SER B 148 24.43 -12.28 0.01
C SER B 148 23.66 -11.88 1.27
N TYR B 149 22.68 -12.69 1.68
CA TYR B 149 21.85 -12.30 2.81
C TYR B 149 22.71 -12.25 4.04
N SER B 150 23.70 -13.13 4.11
CA SER B 150 24.48 -13.13 5.31
C SER B 150 25.09 -11.78 5.63
N LEU B 151 25.51 -11.01 4.63
CA LEU B 151 26.03 -9.68 4.93
C LEU B 151 25.04 -8.79 5.69
N THR B 152 23.77 -8.84 5.30
CA THR B 152 22.73 -8.02 5.88
C THR B 152 22.58 -8.28 7.37
N ILE B 153 22.45 -9.57 7.72
CA ILE B 153 22.23 -9.93 9.13
CA ILE B 153 22.23 -9.92 9.12
C ILE B 153 23.53 -9.72 9.92
N VAL B 154 24.66 -10.05 9.32
CA VAL B 154 25.93 -9.74 9.95
C VAL B 154 26.02 -8.22 10.26
N ALA B 155 25.70 -7.40 9.26
CA ALA B 155 25.74 -5.95 9.43
C ALA B 155 24.81 -5.51 10.55
N HIS B 156 23.64 -6.13 10.65
CA HIS B 156 22.65 -5.70 11.64
C HIS B 156 23.17 -5.97 13.07
N GLU B 157 23.78 -7.14 13.24
CA GLU B 157 24.23 -7.57 14.57
C GLU B 157 25.54 -6.86 14.96
N ALA B 158 26.40 -6.65 13.96
CA ALA B 158 27.68 -5.94 14.18
C ALA B 158 27.45 -4.47 14.46
N LYS B 159 26.37 -3.90 13.94
CA LYS B 159 26.08 -2.48 14.26
C LYS B 159 25.96 -2.24 15.77
N LYS B 160 25.34 -3.17 16.49
CA LYS B 160 25.21 -3.03 17.93
C LYS B 160 26.55 -2.89 18.61
N LEU B 161 27.64 -3.31 17.98
CA LEU B 161 28.98 -3.21 18.59
C LEU B 161 29.82 -2.04 17.99
N MET B 162 29.14 -1.19 17.22
CA MET B 162 29.78 -0.05 16.60
C MET B 162 29.03 1.25 16.88
N PRO B 163 28.86 1.61 18.17
CA PRO B 163 28.04 2.79 18.47
C PRO B 163 28.62 4.12 17.96
N GLU B 164 29.95 4.21 17.75
CA GLU B 164 30.59 5.38 17.15
C GLU B 164 30.79 5.26 15.64
N GLY B 165 30.33 4.18 15.02
CA GLY B 165 30.62 3.96 13.62
C GLY B 165 31.71 2.92 13.37
N GLY B 166 31.92 2.58 12.10
CA GLY B 166 32.91 1.58 11.74
C GLY B 166 32.83 1.29 10.27
N SER B 167 33.37 0.14 9.86
CA SER B 167 33.53 -0.20 8.45
C SER B 167 33.26 -1.69 8.23
N ILE B 168 32.51 -2.00 7.16
CA ILE B 168 32.24 -3.39 6.84
C ILE B 168 32.62 -3.61 5.40
N VAL B 169 33.40 -4.67 5.17
CA VAL B 169 33.91 -4.99 3.85
C VAL B 169 33.53 -6.42 3.47
N ALA B 170 32.96 -6.57 2.28
CA ALA B 170 32.60 -7.90 1.76
C ALA B 170 33.46 -8.24 0.52
N THR B 171 33.58 -9.53 0.21
CA THR B 171 34.41 -9.89 -0.93
C THR B 171 33.54 -10.27 -2.13
N THR B 172 33.78 -9.67 -3.28
CA THR B 172 33.01 -10.03 -4.44
C THR B 172 33.91 -10.38 -5.62
N TYR B 173 33.30 -10.65 -6.78
CA TYR B 173 34.08 -11.02 -7.94
C TYR B 173 33.39 -10.41 -9.16
N LEU B 174 34.19 -10.11 -10.18
CA LEU B 174 33.74 -9.53 -11.46
C LEU B 174 32.50 -10.22 -12.04
N GLY B 175 32.36 -11.51 -11.82
CA GLY B 175 31.16 -12.24 -12.26
C GLY B 175 29.86 -11.74 -11.67
N GLY B 176 29.88 -10.88 -10.66
CA GLY B 176 28.70 -10.12 -10.23
C GLY B 176 28.30 -8.97 -11.15
N GLU B 177 29.24 -8.50 -11.98
CA GLU B 177 28.99 -7.37 -12.82
C GLU B 177 28.80 -7.80 -14.27
N PHE B 178 29.35 -8.94 -14.69
CA PHE B 178 29.27 -9.42 -16.07
C PHE B 178 29.05 -10.93 -16.01
N ALA B 179 28.51 -11.47 -17.09
CA ALA B 179 28.33 -12.90 -17.18
C ALA B 179 29.67 -13.53 -17.57
N VAL B 180 30.24 -14.29 -16.65
CA VAL B 180 31.52 -14.96 -16.79
C VAL B 180 31.24 -16.46 -17.01
N GLN B 181 31.87 -17.10 -17.98
CA GLN B 181 31.64 -18.53 -18.22
C GLN B 181 31.83 -19.33 -16.92
N ASN B 182 30.93 -20.27 -16.66
CA ASN B 182 31.00 -21.19 -15.48
C ASN B 182 30.61 -20.65 -14.13
N TYR B 183 30.58 -19.34 -13.93
CA TYR B 183 30.42 -18.85 -12.58
C TYR B 183 28.95 -18.88 -12.19
N ASN B 184 28.08 -18.75 -13.20
CA ASN B 184 26.70 -19.16 -13.09
C ASN B 184 25.98 -18.60 -11.86
N VAL B 185 25.44 -19.49 -11.03
CA VAL B 185 24.61 -19.08 -9.91
C VAL B 185 25.38 -18.19 -8.90
N MET B 186 26.69 -18.35 -8.84
CA MET B 186 27.44 -17.46 -7.97
C MET B 186 27.52 -16.03 -8.54
N GLY B 187 27.48 -15.87 -9.86
CA GLY B 187 27.48 -14.54 -10.45
C GLY B 187 26.26 -13.77 -9.96
N VAL B 188 25.12 -14.47 -9.97
CA VAL B 188 23.87 -13.82 -9.56
C VAL B 188 23.90 -13.56 -8.05
N ALA B 189 24.51 -14.44 -7.25
CA ALA B 189 24.63 -14.16 -5.84
C ALA B 189 25.57 -12.96 -5.57
N LYS B 190 26.65 -12.77 -6.33
CA LYS B 190 27.52 -11.62 -6.16
C LYS B 190 26.89 -10.29 -6.60
N ALA B 191 26.10 -10.33 -7.67
CA ALA B 191 25.35 -9.16 -8.12
C ALA B 191 24.46 -8.72 -6.94
N SER B 192 23.79 -9.68 -6.34
CA SER B 192 22.94 -9.42 -5.20
C SER B 192 23.80 -8.88 -4.05
N LEU B 193 24.98 -9.46 -3.85
CA LEU B 193 25.87 -9.01 -2.77
C LEU B 193 26.36 -7.58 -3.02
N GLU B 194 26.67 -7.25 -4.27
CA GLU B 194 27.09 -5.89 -4.55
C GLU B 194 25.95 -4.88 -4.29
N ALA B 195 24.71 -5.26 -4.58
CA ALA B 195 23.59 -4.35 -4.33
C ALA B 195 23.35 -4.26 -2.80
N ASN B 196 23.53 -5.38 -2.11
CA ASN B 196 23.36 -5.43 -0.65
C ASN B 196 24.34 -4.41 -0.03
N VAL B 197 25.60 -4.43 -0.47
CA VAL B 197 26.53 -3.39 -0.06
C VAL B 197 26.03 -1.93 -0.25
N LYS B 198 25.35 -1.66 -1.35
CA LYS B 198 24.99 -0.27 -1.60
C LYS B 198 23.82 0.08 -0.68
N TYR B 199 22.87 -0.85 -0.54
CA TYR B 199 21.69 -0.60 0.28
C TYR B 199 22.05 -0.49 1.77
N LEU B 200 23.00 -1.31 2.23
CA LEU B 200 23.50 -1.15 3.58
C LEU B 200 24.29 0.17 3.74
N ALA B 201 25.17 0.53 2.80
CA ALA B 201 25.86 1.82 2.85
C ALA B 201 24.87 2.96 3.13
N LEU B 202 23.77 2.97 2.35
CA LEU B 202 22.71 3.98 2.50
C LEU B 202 22.02 3.91 3.85
N ASP B 203 21.61 2.71 4.25
CA ASP B 203 20.91 2.55 5.52
C ASP B 203 21.80 2.91 6.73
N LEU B 204 23.08 2.52 6.71
CA LEU B 204 23.93 2.64 7.93
C LEU B 204 24.81 3.86 7.93
N GLY B 205 24.88 4.57 6.81
CA GLY B 205 25.66 5.78 6.66
C GLY B 205 25.41 6.81 7.74
N PRO B 206 24.13 7.07 8.06
CA PRO B 206 23.84 8.02 9.14
C PRO B 206 24.40 7.53 10.49
N ASP B 207 24.75 6.26 10.61
CA ASP B 207 25.29 5.75 11.88
C ASP B 207 26.80 5.81 11.87
N ASN B 208 27.32 6.47 10.84
CA ASN B 208 28.75 6.46 10.55
C ASN B 208 29.38 5.09 10.32
N ILE B 209 28.61 4.16 9.75
CA ILE B 209 29.10 2.86 9.35
C ILE B 209 29.18 2.79 7.81
N ARG B 210 30.41 2.61 7.32
CA ARG B 210 30.66 2.54 5.91
C ARG B 210 30.61 1.06 5.50
N VAL B 211 30.14 0.77 4.30
CA VAL B 211 30.04 -0.62 3.90
C VAL B 211 30.54 -0.58 2.48
N ASN B 212 31.45 -1.48 2.13
CA ASN B 212 32.13 -1.46 0.84
C ASN B 212 32.45 -2.89 0.36
N ALA B 213 32.81 -3.02 -0.91
CA ALA B 213 33.21 -4.31 -1.42
C ALA B 213 34.62 -4.22 -2.01
N ILE B 214 35.38 -5.30 -1.88
CA ILE B 214 36.53 -5.57 -2.72
C ILE B 214 36.21 -6.61 -3.79
N SER B 215 36.49 -6.28 -5.05
CA SER B 215 36.32 -7.22 -6.14
C SER B 215 37.65 -7.85 -6.50
N ALA B 216 37.88 -9.06 -6.00
CA ALA B 216 39.22 -9.66 -6.07
C ALA B 216 39.30 -10.40 -7.40
N GLY B 217 40.49 -10.35 -8.00
CA GLY B 217 40.91 -11.18 -9.11
C GLY B 217 40.96 -12.62 -8.66
N PRO B 218 41.09 -13.57 -9.62
CA PRO B 218 41.11 -14.98 -9.22
C PRO B 218 42.36 -15.32 -8.43
N ILE B 219 42.14 -16.07 -7.36
CA ILE B 219 43.20 -16.48 -6.45
C ILE B 219 42.97 -17.96 -6.13
N ARG B 220 44.02 -18.76 -6.23
CA ARG B 220 43.97 -20.15 -5.83
CA ARG B 220 44.00 -20.17 -5.83
C ARG B 220 43.63 -20.39 -4.36
N THR B 221 42.41 -20.85 -4.11
CA THR B 221 41.89 -21.12 -2.78
C THR B 221 41.11 -22.43 -2.82
N LEU B 222 40.68 -22.95 -1.67
CA LEU B 222 39.88 -24.18 -1.68
C LEU B 222 38.57 -24.03 -2.47
N SER B 223 37.91 -22.89 -2.32
CA SER B 223 36.64 -22.65 -2.99
C SER B 223 36.84 -22.48 -4.49
N ALA B 224 38.00 -22.00 -4.93
CA ALA B 224 38.21 -21.84 -6.38
C ALA B 224 38.10 -23.16 -7.11
N LYS B 225 38.25 -24.26 -6.37
CA LYS B 225 38.14 -25.58 -6.99
C LYS B 225 36.74 -25.83 -7.53
N GLY B 226 35.78 -25.03 -7.09
CA GLY B 226 34.39 -25.17 -7.48
C GLY B 226 34.07 -24.52 -8.80
N VAL B 227 34.89 -23.56 -9.20
CA VAL B 227 34.70 -22.82 -10.42
C VAL B 227 35.23 -23.53 -11.69
N GLY B 228 34.37 -24.10 -12.52
CA GLY B 228 34.88 -24.66 -13.78
C GLY B 228 35.84 -23.74 -14.54
N GLY B 229 36.93 -24.27 -15.10
CA GLY B 229 37.83 -23.47 -15.93
C GLY B 229 38.66 -22.44 -15.18
N PHE B 230 38.72 -22.58 -13.86
CA PHE B 230 39.52 -21.69 -13.01
C PHE B 230 40.94 -21.42 -13.49
N ASN B 231 41.64 -22.40 -14.07
CA ASN B 231 43.03 -22.21 -14.51
C ASN B 231 43.12 -21.40 -15.80
N THR B 232 42.13 -21.54 -16.67
CA THR B 232 42.10 -20.62 -17.81
C THR B 232 41.73 -19.21 -17.38
N ILE B 233 41.09 -19.01 -16.22
CA ILE B 233 40.73 -17.65 -15.77
C ILE B 233 42.00 -16.96 -15.33
N LEU B 234 42.79 -17.64 -14.52
CA LEU B 234 44.13 -17.18 -14.12
C LEU B 234 45.06 -16.80 -15.30
N LYS B 235 45.16 -17.69 -16.28
CA LYS B 235 45.99 -17.46 -17.44
C LYS B 235 45.52 -16.23 -18.20
N GLU B 236 44.21 -16.02 -18.27
CA GLU B 236 43.71 -14.88 -19.03
C GLU B 236 44.06 -13.55 -18.34
N ILE B 237 44.21 -13.57 -17.03
CA ILE B 237 44.57 -12.37 -16.32
C ILE B 237 46.01 -12.04 -16.66
N GLU B 238 46.88 -13.05 -16.63
CA GLU B 238 48.28 -12.86 -16.92
C GLU B 238 48.46 -12.35 -18.34
N GLU B 239 47.76 -12.92 -19.32
CA GLU B 239 47.93 -12.44 -20.68
C GLU B 239 47.27 -11.09 -20.95
N ARG B 240 46.17 -10.78 -20.26
CA ARG B 240 45.35 -9.64 -20.69
C ARG B 240 45.18 -8.45 -19.76
N ALA B 241 45.23 -8.62 -18.45
CA ALA B 241 45.03 -7.55 -17.49
C ALA B 241 46.15 -6.52 -17.65
N PRO B 242 45.86 -5.23 -17.44
CA PRO B 242 46.92 -4.23 -17.47
C PRO B 242 48.23 -4.62 -16.78
N LEU B 243 48.19 -5.22 -15.59
CA LEU B 243 49.45 -5.53 -14.90
C LEU B 243 50.10 -6.82 -15.42
N LYS B 244 49.37 -7.59 -16.22
CA LYS B 244 49.91 -8.85 -16.77
C LYS B 244 50.40 -9.79 -15.68
N ARG B 245 49.75 -9.80 -14.52
CA ARG B 245 50.05 -10.81 -13.49
C ARG B 245 48.81 -10.96 -12.63
N ASN B 246 48.73 -12.07 -11.90
CA ASN B 246 47.63 -12.28 -11.02
C ASN B 246 47.86 -11.53 -9.71
N VAL B 247 46.84 -11.42 -8.86
CA VAL B 247 47.02 -10.75 -7.56
C VAL B 247 47.09 -11.87 -6.56
N ASP B 248 47.28 -11.52 -5.30
CA ASP B 248 47.29 -12.50 -4.23
C ASP B 248 46.54 -11.98 -3.00
N GLN B 249 46.42 -12.83 -2.00
CA GLN B 249 45.52 -12.59 -0.86
C GLN B 249 45.96 -11.35 -0.07
N VAL B 250 47.28 -11.14 -0.02
CA VAL B 250 47.88 -10.03 0.74
C VAL B 250 47.48 -8.72 0.04
N GLU B 251 47.42 -8.73 -1.29
CA GLU B 251 46.99 -7.54 -2.01
C GLU B 251 45.56 -7.15 -1.67
N VAL B 252 44.71 -8.17 -1.49
CA VAL B 252 43.33 -7.92 -1.08
C VAL B 252 43.35 -7.42 0.36
N GLY B 253 44.21 -8.05 1.17
CA GLY B 253 44.34 -7.62 2.55
C GLY B 253 44.73 -6.16 2.66
N LYS B 254 45.64 -5.70 1.80
CA LYS B 254 46.08 -4.30 1.88
C LYS B 254 44.94 -3.31 1.50
N THR B 255 44.19 -3.55 0.43
CA THR B 255 43.02 -2.74 0.17
C THR B 255 41.99 -2.86 1.31
N ALA B 256 41.84 -4.04 1.90
CA ALA B 256 41.00 -4.15 3.10
C ALA B 256 41.44 -3.23 4.24
N ALA B 257 42.73 -3.17 4.52
CA ALA B 257 43.24 -2.31 5.57
C ALA B 257 42.85 -0.84 5.33
N TYR B 258 42.95 -0.41 4.06
CA TYR B 258 42.52 0.92 3.68
C TYR B 258 41.00 1.06 3.97
N LEU B 259 40.21 0.13 3.46
CA LEU B 259 38.75 0.26 3.61
C LEU B 259 38.29 0.21 5.07
N LEU B 260 39.08 -0.39 5.94
CA LEU B 260 38.64 -0.65 7.31
C LEU B 260 39.10 0.48 8.22
N SER B 261 39.97 1.33 7.68
CA SER B 261 40.63 2.30 8.49
C SER B 261 40.08 3.67 8.14
N ASP B 262 40.59 4.67 8.85
CA ASP B 262 40.20 6.04 8.58
C ASP B 262 40.71 6.64 7.25
N LEU B 263 41.65 5.99 6.56
CA LEU B 263 42.08 6.50 5.26
C LEU B 263 40.93 6.62 4.26
N SER B 264 39.94 5.78 4.48
CA SER B 264 38.87 5.59 3.51
C SER B 264 37.60 6.29 4.04
N SER B 265 37.79 7.20 4.99
N SER B 265 37.78 7.26 4.93
CA SER B 265 36.69 8.05 5.41
CA SER B 265 36.66 7.82 5.69
C SER B 265 36.15 8.77 4.18
C SER B 265 35.52 8.40 4.82
N GLY B 266 34.83 8.78 4.03
N GLY B 266 35.84 8.84 3.60
CA GLY B 266 34.24 9.39 2.86
CA GLY B 266 34.88 9.44 2.69
C GLY B 266 33.94 8.40 1.75
C GLY B 266 34.22 8.48 1.69
N VAL B 267 34.53 7.20 1.83
CA VAL B 267 34.27 6.15 0.88
C VAL B 267 33.22 5.14 1.42
N THR B 268 32.07 5.04 0.77
CA THR B 268 31.07 4.02 1.09
C THR B 268 30.19 3.68 -0.14
N GLY B 269 29.67 2.45 -0.17
CA GLY B 269 28.88 1.98 -1.31
C GLY B 269 29.82 1.73 -2.48
N GLU B 270 31.11 1.58 -2.21
CA GLU B 270 32.10 1.46 -3.28
C GLU B 270 32.52 -0.01 -3.57
N ASN B 271 32.93 -0.30 -4.82
CA ASN B 271 33.45 -1.64 -5.17
C ASN B 271 34.87 -1.46 -5.69
N ILE B 272 35.90 -1.78 -4.90
CA ILE B 272 37.30 -1.61 -5.34
C ILE B 272 37.85 -2.89 -5.96
N HIS B 273 38.15 -2.86 -7.27
CA HIS B 273 38.67 -4.02 -7.99
C HIS B 273 40.16 -4.20 -7.70
N VAL B 274 40.48 -5.27 -6.99
CA VAL B 274 41.85 -5.64 -6.74
C VAL B 274 42.17 -6.78 -7.72
N ASP B 275 42.42 -6.41 -8.98
CA ASP B 275 42.45 -7.40 -10.04
C ASP B 275 43.40 -7.14 -11.21
N SER B 276 44.49 -6.40 -10.95
CA SER B 276 45.49 -6.09 -11.96
C SER B 276 44.95 -5.24 -13.11
N GLY B 277 43.82 -4.59 -12.86
CA GLY B 277 43.17 -3.74 -13.88
C GLY B 277 42.18 -4.45 -14.79
N PHE B 278 42.01 -5.76 -14.61
CA PHE B 278 41.22 -6.54 -15.57
C PHE B 278 39.80 -6.03 -15.74
N HIS B 279 39.19 -5.49 -14.69
CA HIS B 279 37.84 -4.94 -14.80
C HIS B 279 37.76 -3.86 -15.86
N ALA B 280 38.88 -3.21 -16.19
CA ALA B 280 38.83 -2.00 -17.01
C ALA B 280 39.06 -2.26 -18.49
N ILE B 281 39.38 -3.48 -18.89
CA ILE B 281 39.72 -3.78 -20.29
C ILE B 281 38.63 -4.69 -20.83
N LYS B 282 38.37 -4.69 -22.14
CA LYS B 282 37.61 -5.77 -22.77
C LYS B 282 38.42 -6.30 -23.94
N VAL C 28 50.82 2.47 6.06
CA VAL C 28 51.28 3.62 5.18
C VAL C 28 52.39 4.49 5.88
N ASN C 29 53.64 4.30 5.42
CA ASN C 29 54.73 5.24 5.62
C ASN C 29 55.44 5.63 4.32
N LEU C 30 55.55 6.91 3.96
CA LEU C 30 56.04 7.24 2.62
C LEU C 30 57.42 7.90 2.55
N GLU C 31 58.15 7.82 3.65
CA GLU C 31 59.57 8.17 3.68
C GLU C 31 60.34 7.57 2.52
N ASN C 32 61.20 8.36 1.89
CA ASN C 32 61.97 7.88 0.75
C ASN C 32 61.12 7.67 -0.49
N LYS C 33 59.87 8.13 -0.48
CA LYS C 33 59.12 8.33 -1.71
C LYS C 33 59.10 9.80 -2.13
N THR C 34 58.82 10.04 -3.40
CA THR C 34 58.80 11.38 -3.94
C THR C 34 57.65 11.51 -4.93
N TYR C 35 56.79 12.50 -4.69
CA TYR C 35 55.57 12.68 -5.44
C TYR C 35 55.54 14.13 -6.00
N VAL C 36 55.25 14.21 -7.29
CA VAL C 36 54.89 15.44 -7.97
C VAL C 36 53.37 15.69 -7.89
N ILE C 37 53.02 16.83 -7.32
CA ILE C 37 51.65 17.27 -7.13
C ILE C 37 51.41 18.48 -8.05
N MET C 38 50.43 18.32 -8.95
CA MET C 38 50.15 19.34 -9.94
C MET C 38 48.79 19.95 -9.63
N GLY C 39 48.72 21.28 -9.51
CA GLY C 39 47.41 21.96 -9.47
C GLY C 39 47.02 22.46 -8.09
N ILE C 40 48.00 22.76 -7.24
CA ILE C 40 47.73 23.68 -6.14
C ILE C 40 47.67 25.16 -6.58
N ALA C 41 46.55 25.81 -6.25
CA ALA C 41 46.37 27.26 -6.44
C ALA C 41 46.36 28.03 -5.09
N ASN C 42 45.78 27.40 -4.06
CA ASN C 42 45.68 28.02 -2.74
C ASN C 42 45.35 27.00 -1.64
N LYS C 43 45.05 27.48 -0.44
CA LYS C 43 44.89 26.57 0.69
C LYS C 43 43.66 25.67 0.53
N ARG C 44 42.69 26.06 -0.28
CA ARG C 44 41.47 25.27 -0.50
CA ARG C 44 41.52 25.21 -0.44
C ARG C 44 41.64 24.23 -1.61
N SER C 45 42.72 24.34 -2.39
CA SER C 45 42.91 23.38 -3.47
C SER C 45 42.83 21.92 -2.99
N ILE C 46 42.14 21.09 -3.76
CA ILE C 46 42.14 19.65 -3.49
C ILE C 46 43.57 19.14 -3.40
N ALA C 47 44.45 19.65 -4.26
CA ALA C 47 45.82 19.10 -4.29
C ALA C 47 46.59 19.48 -3.02
N PHE C 48 46.13 20.51 -2.32
CA PHE C 48 46.76 20.87 -1.04
C PHE C 48 46.33 19.88 0.07
N GLY C 49 45.11 19.38 0.00
CA GLY C 49 44.71 18.29 0.87
C GLY C 49 45.63 17.09 0.69
N VAL C 50 45.85 16.70 -0.57
CA VAL C 50 46.75 15.63 -0.93
C VAL C 50 48.14 15.94 -0.35
N ALA C 51 48.66 17.13 -0.63
CA ALA C 51 49.97 17.56 -0.12
C ALA C 51 50.09 17.39 1.38
N LYS C 52 49.09 17.85 2.13
CA LYS C 52 49.16 17.79 3.60
C LYS C 52 49.26 16.35 4.04
N VAL C 53 48.50 15.47 3.37
CA VAL C 53 48.46 14.08 3.81
C VAL C 53 49.78 13.41 3.43
N LEU C 54 50.20 13.54 2.17
CA LEU C 54 51.48 12.94 1.80
C LEU C 54 52.66 13.42 2.63
N ASP C 55 52.66 14.70 2.98
CA ASP C 55 53.79 15.37 3.62
C ASP C 55 53.90 14.83 5.04
N GLN C 56 52.73 14.67 5.62
CA GLN C 56 52.54 14.14 6.94
C GLN C 56 52.96 12.66 7.00
N LEU C 57 52.96 11.97 5.87
CA LEU C 57 53.36 10.57 5.85
C LEU C 57 54.86 10.44 5.54
N GLY C 58 55.56 11.56 5.49
CA GLY C 58 57.01 11.53 5.26
C GLY C 58 57.46 11.61 3.81
N ALA C 59 56.54 11.79 2.84
CA ALA C 59 56.96 11.94 1.44
C ALA C 59 57.66 13.26 1.07
N LYS C 60 58.60 13.17 0.13
CA LYS C 60 59.18 14.35 -0.49
C LYS C 60 58.25 14.78 -1.63
N LEU C 61 57.99 16.08 -1.71
CA LEU C 61 56.95 16.56 -2.61
C LEU C 61 57.52 17.61 -3.57
N VAL C 62 57.07 17.56 -4.81
CA VAL C 62 57.49 18.49 -5.86
C VAL C 62 56.16 19.04 -6.34
N PHE C 63 56.11 20.36 -6.52
CA PHE C 63 54.85 21.02 -6.88
C PHE C 63 54.97 21.75 -8.21
N THR C 64 53.94 21.64 -9.03
CA THR C 64 53.94 22.39 -10.27
C THR C 64 52.74 23.34 -10.32
N TYR C 65 52.90 24.48 -10.98
CA TYR C 65 51.83 25.50 -10.94
C TYR C 65 51.77 26.14 -12.33
N ARG C 66 50.70 26.86 -12.66
CA ARG C 66 50.71 27.60 -13.92
C ARG C 66 51.02 29.10 -13.67
N LYS C 67 50.24 29.79 -12.84
CA LYS C 67 50.36 31.24 -12.72
C LYS C 67 51.29 31.59 -11.57
N GLU C 68 52.03 32.68 -11.75
CA GLU C 68 52.92 33.08 -10.69
C GLU C 68 52.14 33.30 -9.39
N ARG C 69 50.88 33.68 -9.47
CA ARG C 69 50.13 33.80 -8.23
C ARG C 69 50.05 32.46 -7.45
N SER C 70 49.89 31.36 -8.18
CA SER C 70 49.87 30.06 -7.52
C SER C 70 51.24 29.73 -6.89
N ARG C 71 52.33 30.14 -7.54
CA ARG C 71 53.64 29.91 -6.97
C ARG C 71 53.78 30.71 -5.67
N LYS C 72 53.35 31.97 -5.68
CA LYS C 72 53.42 32.78 -4.48
C LYS C 72 52.58 32.14 -3.36
N GLU C 73 51.41 31.63 -3.70
CA GLU C 73 50.61 30.85 -2.76
C GLU C 73 51.34 29.61 -2.24
N LEU C 74 51.96 28.84 -3.14
CA LEU C 74 52.76 27.67 -2.77
C LEU C 74 53.86 28.04 -1.80
N GLU C 75 54.50 29.19 -1.98
CA GLU C 75 55.60 29.55 -1.08
C GLU C 75 55.10 29.75 0.33
N LYS C 76 53.97 30.42 0.48
CA LYS C 76 53.29 30.55 1.78
C LYS C 76 52.86 29.20 2.40
N LEU C 77 52.31 28.33 1.58
CA LEU C 77 51.65 27.12 2.06
C LEU C 77 52.71 26.11 2.51
N LEU C 78 53.87 26.16 1.87
CA LEU C 78 54.98 25.33 2.29
C LEU C 78 55.42 25.50 3.73
N GLU C 79 55.30 26.71 4.26
CA GLU C 79 55.70 26.96 5.63
C GLU C 79 54.90 26.16 6.65
N GLN C 80 53.75 25.66 6.20
CA GLN C 80 52.89 24.72 6.93
C GLN C 80 53.30 23.25 6.85
N LEU C 81 54.13 22.90 5.87
CA LEU C 81 54.47 21.52 5.62
C LEU C 81 55.84 21.22 6.19
N ASN C 82 56.18 19.95 6.31
CA ASN C 82 57.46 19.53 6.87
C ASN C 82 58.54 19.44 5.82
N GLN C 83 58.32 19.95 4.61
CA GLN C 83 59.28 19.72 3.54
C GLN C 83 60.52 20.57 3.81
N PRO C 84 61.71 19.94 3.82
CA PRO C 84 62.86 20.79 4.07
C PRO C 84 63.10 21.78 2.92
N GLU C 85 62.71 21.45 1.70
CA GLU C 85 62.89 22.44 0.63
C GLU C 85 61.74 22.59 -0.36
N ALA C 86 61.77 23.71 -1.07
CA ALA C 86 60.74 24.05 -2.05
C ALA C 86 61.19 23.52 -3.40
N HIS C 87 60.44 22.58 -3.95
CA HIS C 87 60.69 22.18 -5.31
C HIS C 87 59.48 22.65 -6.14
N LEU C 88 59.63 23.75 -6.86
CA LEU C 88 58.47 24.39 -7.48
C LEU C 88 58.69 24.58 -8.99
N TYR C 89 57.75 24.12 -9.82
CA TYR C 89 58.03 24.20 -11.26
C TYR C 89 56.82 24.73 -11.97
N GLN C 90 57.05 25.63 -12.92
CA GLN C 90 55.97 26.22 -13.67
C GLN C 90 55.65 25.27 -14.82
N ILE C 91 54.48 24.66 -14.82
CA ILE C 91 54.11 23.89 -15.98
C ILE C 91 52.67 24.22 -16.35
N ASP C 92 52.54 24.92 -17.47
CA ASP C 92 51.26 25.05 -18.12
C ASP C 92 51.07 23.81 -19.01
N VAL C 93 50.07 22.97 -18.69
CA VAL C 93 49.92 21.73 -19.44
C VAL C 93 49.41 21.91 -20.88
N GLN C 94 49.10 23.13 -21.32
CA GLN C 94 48.82 23.37 -22.74
C GLN C 94 50.08 23.32 -23.62
N SER C 95 51.26 23.35 -23.00
CA SER C 95 52.51 23.45 -23.75
C SER C 95 53.27 22.13 -23.67
N ASP C 96 53.49 21.48 -24.81
CA ASP C 96 54.29 20.25 -24.80
C ASP C 96 55.67 20.55 -24.20
N GLU C 97 56.28 21.66 -24.61
CA GLU C 97 57.62 21.93 -24.11
CA GLU C 97 57.59 22.13 -24.12
C GLU C 97 57.64 22.17 -22.60
N GLU C 98 56.61 22.79 -22.03
CA GLU C 98 56.69 23.05 -20.61
C GLU C 98 56.54 21.76 -19.80
N VAL C 99 55.70 20.83 -20.27
CA VAL C 99 55.56 19.53 -19.59
C VAL C 99 56.84 18.73 -19.73
N ILE C 100 57.36 18.69 -20.96
CA ILE C 100 58.56 17.93 -21.28
C ILE C 100 59.77 18.46 -20.52
N ASN C 101 60.00 19.77 -20.63
CA ASN C 101 61.12 20.39 -19.90
C ASN C 101 60.93 20.43 -18.40
N GLY C 102 59.69 20.60 -17.94
CA GLY C 102 59.40 20.52 -16.53
C GLY C 102 59.73 19.19 -15.86
N PHE C 103 59.21 18.10 -16.45
CA PHE C 103 59.53 16.79 -15.86
C PHE C 103 61.03 16.46 -15.98
N GLU C 104 61.64 16.85 -17.08
CA GLU C 104 63.06 16.54 -17.25
C GLU C 104 63.89 17.32 -16.22
N GLN C 105 63.50 18.56 -15.95
CA GLN C 105 64.14 19.35 -14.91
C GLN C 105 63.93 18.72 -13.52
N ILE C 106 62.71 18.26 -13.25
CA ILE C 106 62.37 17.59 -12.00
C ILE C 106 63.27 16.37 -11.80
N GLY C 107 63.47 15.61 -12.88
CA GLY C 107 64.32 14.43 -12.82
C GLY C 107 65.75 14.83 -12.43
N LYS C 108 66.21 15.98 -12.91
CA LYS C 108 67.58 16.41 -12.61
C LYS C 108 67.75 16.91 -11.19
N ASP C 109 66.70 17.46 -10.59
CA ASP C 109 66.78 18.07 -9.26
C ASP C 109 66.53 17.06 -8.15
N VAL C 110 65.57 16.17 -8.37
CA VAL C 110 65.21 15.19 -7.34
C VAL C 110 65.48 13.73 -7.72
N GLY C 111 65.86 13.46 -8.97
CA GLY C 111 66.00 12.06 -9.38
C GLY C 111 64.67 11.40 -9.67
N ASN C 112 64.63 10.07 -9.61
CA ASN C 112 63.44 9.30 -9.93
C ASN C 112 62.24 9.61 -9.03
N ILE C 113 61.02 9.53 -9.57
CA ILE C 113 59.84 9.73 -8.74
C ILE C 113 59.00 8.47 -8.56
N ASP C 114 58.01 8.57 -7.67
CA ASP C 114 57.19 7.45 -7.28
C ASP C 114 55.76 7.61 -7.82
N GLY C 115 55.35 8.83 -8.12
CA GLY C 115 54.07 9.03 -8.74
C GLY C 115 53.77 10.50 -8.96
N VAL C 116 52.56 10.73 -9.49
CA VAL C 116 52.04 12.03 -9.86
C VAL C 116 50.57 12.14 -9.43
N TYR C 117 50.25 13.22 -8.72
CA TYR C 117 48.87 13.54 -8.44
C TYR C 117 48.44 14.63 -9.39
N HIS C 118 47.44 14.30 -10.20
CA HIS C 118 47.04 15.25 -11.21
C HIS C 118 45.73 15.90 -10.76
N SER C 119 45.78 17.22 -10.58
CA SER C 119 44.64 17.98 -10.03
C SER C 119 44.34 19.23 -10.87
N ILE C 120 44.11 19.02 -12.18
CA ILE C 120 44.14 20.12 -13.12
C ILE C 120 42.93 19.99 -14.03
N ALA C 121 42.14 21.05 -14.12
CA ALA C 121 41.09 21.12 -15.15
C ALA C 121 40.83 22.57 -15.46
N PHE C 122 40.13 22.82 -16.55
CA PHE C 122 39.74 24.15 -16.92
C PHE C 122 38.70 24.05 -18.01
N ALA C 123 37.77 25.01 -18.01
CA ALA C 123 36.92 25.27 -19.17
C ALA C 123 36.50 26.72 -18.98
N ASN C 124 36.03 27.36 -20.03
CA ASN C 124 35.57 28.75 -19.90
C ASN C 124 34.24 28.82 -19.18
N MET C 125 34.14 29.84 -18.33
N MET C 125 34.04 29.87 -18.40
CA MET C 125 32.93 30.17 -17.56
CA MET C 125 32.70 30.21 -17.95
C MET C 125 31.63 29.84 -18.28
C MET C 125 31.75 30.42 -19.13
N GLU C 126 31.46 30.37 -19.49
N GLU C 126 32.28 30.98 -20.22
CA GLU C 126 30.15 30.31 -20.15
CA GLU C 126 31.49 31.27 -21.41
C GLU C 126 29.71 28.86 -20.44
C GLU C 126 30.79 30.03 -21.98
N ASP C 127 30.66 27.94 -20.39
N ASP C 127 31.44 28.88 -21.96
CA ASP C 127 30.43 26.53 -20.64
CA ASP C 127 30.70 27.67 -22.32
C ASP C 127 30.21 25.70 -19.35
C ASP C 127 30.03 27.01 -21.11
N LEU C 128 29.58 26.29 -18.33
N LEU C 128 30.55 27.21 -19.91
CA LEU C 128 29.45 25.67 -17.00
CA LEU C 128 29.97 26.59 -18.71
C LEU C 128 28.16 26.07 -16.23
C LEU C 128 28.56 27.09 -18.37
N ARG C 129 27.14 26.38 -17.03
N ARG C 129 28.42 28.40 -18.24
CA ARG C 129 25.83 26.86 -16.63
CA ARG C 129 27.12 29.06 -18.11
C ARG C 129 25.01 27.02 -17.92
C ARG C 129 26.50 29.32 -19.48
N GLY C 130 23.68 27.09 -17.83
N GLY C 130 26.06 28.24 -20.12
CA GLY C 130 22.80 27.04 -19.01
CA GLY C 130 25.57 28.23 -21.49
C GLY C 130 22.96 25.78 -19.85
C GLY C 130 24.95 26.86 -21.56
N ARG C 131 23.17 25.97 -21.16
N ARG C 131 23.96 26.66 -22.41
CA ARG C 131 22.90 24.98 -22.22
CA ARG C 131 23.34 25.35 -22.61
C ARG C 131 24.13 24.43 -22.95
C ARG C 131 24.43 24.42 -23.09
N PHE C 132 24.40 23.15 -22.70
CA PHE C 132 25.45 22.33 -23.31
C PHE C 132 25.44 22.32 -24.85
N SER C 133 24.28 22.30 -25.49
CA SER C 133 24.26 22.20 -26.97
C SER C 133 24.83 23.47 -27.61
N GLU C 134 25.08 24.50 -26.81
CA GLU C 134 25.56 25.74 -27.37
C GLU C 134 27.05 25.84 -27.19
N THR C 135 27.69 24.78 -26.72
CA THR C 135 29.14 24.84 -26.50
C THR C 135 29.90 25.07 -27.82
N SER C 136 30.90 25.95 -27.70
CA SER C 136 31.70 26.35 -28.83
C SER C 136 32.76 25.25 -28.99
N ARG C 137 33.14 25.00 -30.23
CA ARG C 137 34.24 24.07 -30.53
C ARG C 137 35.56 24.38 -29.78
N GLU C 138 35.92 25.67 -29.79
CA GLU C 138 37.09 26.18 -29.11
C GLU C 138 37.03 25.90 -27.61
N GLY C 139 35.86 26.09 -26.98
CA GLY C 139 35.69 25.86 -25.55
C GLY C 139 35.67 24.36 -25.26
N PHE C 140 35.16 23.56 -26.19
CA PHE C 140 35.07 22.12 -25.96
C PHE C 140 36.46 21.51 -26.05
N LEU C 141 37.23 22.02 -26.98
CA LEU C 141 38.58 21.49 -27.21
C LEU C 141 39.56 22.02 -26.15
N LEU C 142 39.37 23.26 -25.70
CA LEU C 142 40.13 23.77 -24.55
C LEU C 142 39.99 22.87 -23.31
N ALA C 143 38.75 22.60 -22.95
CA ALA C 143 38.44 21.73 -21.82
C ALA C 143 39.09 20.34 -21.93
N GLN C 144 38.96 19.68 -23.09
CA GLN C 144 39.65 18.41 -23.36
C GLN C 144 41.18 18.53 -23.23
N ASP C 145 41.73 19.60 -23.79
CA ASP C 145 43.17 19.79 -23.81
C ASP C 145 43.74 19.83 -22.37
N ILE C 146 43.17 20.66 -21.50
CA ILE C 146 43.72 20.89 -20.18
C ILE C 146 43.28 19.82 -19.19
N SER C 147 42.04 19.34 -19.34
CA SER C 147 41.44 18.53 -18.31
C SER C 147 41.61 17.04 -18.65
N SER C 148 41.98 16.72 -19.90
CA SER C 148 42.13 15.29 -20.26
C SER C 148 43.47 14.95 -20.91
N TYR C 149 43.77 15.57 -22.04
CA TYR C 149 45.03 15.31 -22.72
C TYR C 149 46.21 15.59 -21.79
N SER C 150 46.14 16.62 -20.95
CA SER C 150 47.25 16.84 -20.03
C SER C 150 47.70 15.56 -19.30
N LEU C 151 46.78 14.68 -18.95
CA LEU C 151 47.18 13.51 -18.17
C LEU C 151 48.00 12.57 -19.06
N THR C 152 47.64 12.51 -20.34
CA THR C 152 48.35 11.63 -21.27
C THR C 152 49.83 12.03 -21.40
N ILE C 153 50.07 13.31 -21.68
CA ILE C 153 51.40 13.74 -21.93
C ILE C 153 52.18 13.78 -20.60
N VAL C 154 51.52 14.11 -19.50
CA VAL C 154 52.15 14.09 -18.19
C VAL C 154 52.63 12.67 -17.92
N ALA C 155 51.80 11.68 -18.16
CA ALA C 155 52.17 10.29 -17.90
C ALA C 155 53.36 9.85 -18.76
N HIS C 156 53.36 10.25 -20.03
CA HIS C 156 54.43 9.89 -20.95
C HIS C 156 55.75 10.43 -20.42
N GLU C 157 55.75 11.65 -19.90
CA GLU C 157 56.98 12.32 -19.47
C GLU C 157 57.38 11.85 -18.08
N ALA C 158 56.39 11.76 -17.19
CA ALA C 158 56.62 11.21 -15.86
C ALA C 158 57.14 9.76 -15.93
N LYS C 159 56.76 8.99 -16.95
CA LYS C 159 57.17 7.58 -16.99
C LYS C 159 58.68 7.49 -17.03
N LYS C 160 59.32 8.45 -17.69
CA LYS C 160 60.78 8.53 -17.80
C LYS C 160 61.49 8.58 -16.45
N LEU C 161 60.78 9.01 -15.41
CA LEU C 161 61.30 9.15 -14.06
C LEU C 161 60.82 7.99 -13.21
N MET C 162 60.14 7.04 -13.81
CA MET C 162 59.64 5.91 -13.02
C MET C 162 60.06 4.58 -13.60
N PRO C 163 61.38 4.31 -13.70
CA PRO C 163 61.84 3.06 -14.32
C PRO C 163 61.51 1.78 -13.53
N GLU C 164 61.30 1.84 -12.21
CA GLU C 164 60.87 0.68 -11.43
C GLU C 164 59.36 0.67 -11.22
N GLY C 165 58.63 1.54 -11.93
CA GLY C 165 57.18 1.58 -11.78
C GLY C 165 56.75 2.70 -10.85
N GLY C 166 55.45 2.99 -10.80
CA GLY C 166 54.95 3.96 -9.85
C GLY C 166 53.46 4.11 -10.03
N SER C 167 52.97 5.30 -9.68
CA SER C 167 51.52 5.47 -9.50
C SER C 167 51.03 6.86 -9.90
N ILE C 168 50.15 6.93 -10.89
CA ILE C 168 49.54 8.19 -11.29
C ILE C 168 48.05 8.22 -10.92
N VAL C 169 47.65 9.31 -10.24
CA VAL C 169 46.26 9.51 -9.83
C VAL C 169 45.76 10.82 -10.41
N ALA C 170 44.56 10.82 -10.97
CA ALA C 170 43.93 12.05 -11.43
C ALA C 170 42.61 12.29 -10.71
N THR C 171 42.18 13.55 -10.69
CA THR C 171 40.97 13.88 -9.96
C THR C 171 39.79 14.06 -10.91
N THR C 172 38.68 13.38 -10.63
CA THR C 172 37.54 13.51 -11.54
C THR C 172 36.31 13.85 -10.72
N TYR C 173 35.18 13.92 -11.39
CA TYR C 173 33.92 14.26 -10.75
C TYR C 173 32.85 13.35 -11.33
N LEU C 174 31.82 13.05 -10.55
CA LEU C 174 30.66 12.25 -10.93
C LEU C 174 29.99 12.72 -12.23
N GLY C 175 30.11 14.01 -12.54
CA GLY C 175 29.62 14.52 -13.83
C GLY C 175 30.28 13.89 -15.05
N GLY C 176 31.40 13.18 -14.87
CA GLY C 176 31.97 12.37 -15.96
C GLY C 176 31.21 11.09 -16.29
N GLU C 177 30.49 10.55 -15.31
CA GLU C 177 29.72 9.35 -15.50
C GLU C 177 28.24 9.57 -15.79
N PHE C 178 27.68 10.69 -15.31
CA PHE C 178 26.26 11.03 -15.53
C PHE C 178 26.13 12.49 -15.90
N ALA C 179 25.06 12.85 -16.60
CA ALA C 179 24.79 14.25 -16.96
C ALA C 179 24.29 14.91 -15.68
N VAL C 180 25.08 15.86 -15.20
CA VAL C 180 24.77 16.67 -14.03
C VAL C 180 24.43 18.06 -14.55
N GLN C 181 23.39 18.70 -14.04
CA GLN C 181 23.10 20.07 -14.48
CA GLN C 181 23.06 20.09 -14.35
C GLN C 181 24.31 21.02 -14.26
N ASN C 182 24.50 21.88 -15.23
CA ASN C 182 25.54 22.92 -15.23
C ASN C 182 26.97 22.55 -15.53
N TYR C 183 27.38 21.33 -15.21
CA TYR C 183 28.73 20.84 -15.40
C TYR C 183 29.08 20.79 -16.89
N ASN C 184 28.12 20.39 -17.72
CA ASN C 184 28.18 20.63 -19.18
C ASN C 184 29.51 20.23 -19.80
N VAL C 185 30.27 21.18 -20.33
CA VAL C 185 31.41 20.76 -21.14
C VAL C 185 32.49 20.08 -20.27
N MET C 186 32.55 20.42 -18.97
CA MET C 186 33.50 19.75 -18.11
C MET C 186 33.16 18.26 -17.89
N GLY C 187 31.87 17.96 -17.83
CA GLY C 187 31.45 16.57 -17.79
C GLY C 187 31.97 15.72 -18.93
N VAL C 188 31.88 16.25 -20.14
CA VAL C 188 32.43 15.55 -21.30
C VAL C 188 33.95 15.48 -21.19
N ALA C 189 34.58 16.54 -20.70
CA ALA C 189 36.00 16.46 -20.38
C ALA C 189 36.31 15.39 -19.34
N LYS C 190 35.50 15.27 -18.28
CA LYS C 190 35.78 14.22 -17.27
C LYS C 190 35.57 12.78 -17.77
N ALA C 191 34.60 12.58 -18.66
CA ALA C 191 34.37 11.28 -19.26
C ALA C 191 35.66 10.86 -19.99
N SER C 192 36.17 11.84 -20.73
CA SER C 192 37.38 11.68 -21.51
C SER C 192 38.55 11.34 -20.58
N LEU C 193 38.73 12.12 -19.50
CA LEU C 193 39.71 11.80 -18.44
C LEU C 193 39.59 10.39 -17.88
N GLU C 194 38.38 9.97 -17.56
CA GLU C 194 38.19 8.65 -17.01
C GLU C 194 38.54 7.53 -18.03
N ALA C 195 38.30 7.73 -19.33
CA ALA C 195 38.74 6.72 -20.30
C ALA C 195 40.27 6.82 -20.50
N ASN C 196 40.80 8.03 -20.38
CA ASN C 196 42.22 8.28 -20.47
C ASN C 196 42.93 7.44 -19.40
N VAL C 197 42.52 7.56 -18.13
CA VAL C 197 42.99 6.68 -17.04
C VAL C 197 42.99 5.18 -17.39
N LYS C 198 41.91 4.70 -18.02
CA LYS C 198 41.84 3.29 -18.39
C LYS C 198 42.84 2.93 -19.50
N TYR C 199 42.91 3.73 -20.56
CA TYR C 199 43.85 3.47 -21.64
C TYR C 199 45.32 3.58 -21.17
N LEU C 200 45.62 4.57 -20.34
CA LEU C 200 46.92 4.71 -19.71
C LEU C 200 47.28 3.49 -18.85
N ALA C 201 46.31 3.03 -18.06
CA ALA C 201 46.49 1.86 -17.21
C ALA C 201 46.87 0.62 -18.01
N LEU C 202 46.16 0.39 -19.11
CA LEU C 202 46.44 -0.74 -19.98
C LEU C 202 47.82 -0.54 -20.61
N ASP C 203 48.09 0.67 -21.12
CA ASP C 203 49.34 0.92 -21.86
C ASP C 203 50.54 0.82 -20.94
N LEU C 204 50.41 1.35 -19.72
CA LEU C 204 51.56 1.42 -18.82
C LEU C 204 51.63 0.32 -17.76
N GLY C 205 50.57 -0.46 -17.57
CA GLY C 205 50.64 -1.62 -16.68
C GLY C 205 51.90 -2.50 -16.79
N PRO C 206 52.28 -2.88 -18.04
CA PRO C 206 53.48 -3.75 -18.20
C PRO C 206 54.76 -3.09 -17.70
N ASP C 207 54.75 -1.76 -17.51
CA ASP C 207 55.89 -1.02 -16.94
C ASP C 207 55.75 -0.87 -15.43
N ASN C 208 54.74 -1.53 -14.88
CA ASN C 208 54.45 -1.40 -13.45
C ASN C 208 54.06 0.03 -13.05
N ILE C 209 53.40 0.77 -13.95
CA ILE C 209 52.86 2.06 -13.56
C ILE C 209 51.35 1.92 -13.46
N ARG C 210 50.81 2.15 -12.25
CA ARG C 210 49.36 2.15 -12.04
C ARG C 210 48.79 3.56 -12.28
N VAL C 211 47.58 3.57 -12.84
CA VAL C 211 46.91 4.82 -13.15
C VAL C 211 45.49 4.68 -12.64
N ASN C 212 45.05 5.66 -11.84
CA ASN C 212 43.73 5.56 -11.19
C ASN C 212 43.18 6.96 -11.05
N ALA C 213 41.89 7.05 -10.79
CA ALA C 213 41.22 8.33 -10.60
C ALA C 213 40.58 8.31 -9.20
N ILE C 214 40.43 9.50 -8.62
CA ILE C 214 39.58 9.72 -7.45
C ILE C 214 38.45 10.63 -7.90
N SER C 215 37.22 10.17 -7.71
CA SER C 215 36.05 10.91 -8.09
C SER C 215 35.65 11.65 -6.84
N ALA C 216 36.05 12.91 -6.74
CA ALA C 216 35.83 13.65 -5.50
C ALA C 216 34.41 14.21 -5.45
N GLY C 217 33.81 14.19 -4.27
CA GLY C 217 32.59 14.93 -4.00
C GLY C 217 32.82 16.44 -4.11
N PRO C 218 31.73 17.23 -4.09
CA PRO C 218 31.89 18.70 -4.22
C PRO C 218 32.63 19.32 -3.03
N ILE C 219 33.62 20.18 -3.26
CA ILE C 219 34.39 20.81 -2.19
C ILE C 219 34.53 22.30 -2.57
N ARG C 220 34.33 23.22 -1.62
CA ARG C 220 34.55 24.64 -1.91
C ARG C 220 36.02 24.92 -2.22
N THR C 221 36.29 25.27 -3.48
CA THR C 221 37.61 25.66 -3.95
C THR C 221 37.45 26.84 -4.91
N LEU C 222 38.54 27.46 -5.34
CA LEU C 222 38.47 28.57 -6.28
C LEU C 222 37.76 28.16 -7.56
N SER C 223 38.10 27.00 -8.10
CA SER C 223 37.52 26.59 -9.34
C SER C 223 36.05 26.22 -9.24
N ALA C 224 35.55 25.84 -8.06
CA ALA C 224 34.10 25.55 -7.93
C ALA C 224 33.23 26.78 -8.10
N LYS C 225 33.88 27.94 -8.04
CA LYS C 225 33.15 29.18 -8.19
C LYS C 225 32.64 29.22 -9.61
N GLY C 226 33.12 28.30 -10.44
CA GLY C 226 32.75 28.31 -11.85
C GLY C 226 31.58 27.44 -12.24
N VAL C 227 31.26 26.50 -11.36
CA VAL C 227 30.13 25.60 -11.61
C VAL C 227 28.79 26.25 -11.18
N GLY C 228 27.91 26.57 -12.11
CA GLY C 228 26.59 27.02 -11.69
C GLY C 228 25.92 26.12 -10.65
N GLY C 229 25.26 26.77 -9.69
CA GLY C 229 24.48 26.03 -8.71
C GLY C 229 25.30 25.18 -7.76
N PHE C 230 26.59 25.48 -7.64
CA PHE C 230 27.46 24.71 -6.75
C PHE C 230 26.97 24.57 -5.29
N ASN C 231 26.38 25.62 -4.73
CA ASN C 231 25.83 25.55 -3.40
C ASN C 231 24.69 24.54 -3.25
N THR C 232 23.82 24.45 -4.26
CA THR C 232 22.79 23.43 -4.19
C THR C 232 23.36 22.02 -4.41
N ILE C 233 24.53 21.89 -5.06
CA ILE C 233 25.19 20.58 -5.15
C ILE C 233 25.64 20.08 -3.76
N LEU C 234 26.35 20.92 -3.01
CA LEU C 234 26.79 20.62 -1.67
C LEU C 234 25.62 20.20 -0.78
N LYS C 235 24.57 21.01 -0.82
CA LYS C 235 23.44 20.79 0.03
C LYS C 235 22.76 19.49 -0.38
N GLU C 236 22.74 19.16 -1.68
CA GLU C 236 22.19 17.85 -2.03
C GLU C 236 22.96 16.65 -1.41
N ILE C 237 24.28 16.74 -1.40
CA ILE C 237 25.06 15.72 -0.77
C ILE C 237 24.69 15.56 0.70
N GLU C 238 24.48 16.66 1.42
CA GLU C 238 24.24 16.56 2.86
C GLU C 238 22.93 15.85 3.09
N GLU C 239 21.96 16.16 2.24
CA GLU C 239 20.64 15.64 2.50
C GLU C 239 20.48 14.19 2.04
N ARG C 240 21.19 13.82 0.98
CA ARG C 240 20.88 12.59 0.24
CA ARG C 240 20.88 12.59 0.26
C ARG C 240 21.99 11.53 0.28
N ALA C 241 23.25 11.94 0.39
CA ALA C 241 24.37 10.97 0.36
C ALA C 241 24.31 10.07 1.60
N PRO C 242 24.71 8.79 1.47
CA PRO C 242 24.71 7.90 2.63
C PRO C 242 25.32 8.52 3.90
N LEU C 243 26.40 9.31 3.80
CA LEU C 243 26.99 9.71 5.09
C LEU C 243 26.37 11.01 5.54
N LYS C 244 25.50 11.58 4.70
CA LYS C 244 24.75 12.78 5.09
C LYS C 244 25.68 13.94 5.47
N ARG C 245 26.83 14.07 4.80
CA ARG C 245 27.73 15.19 5.08
C ARG C 245 28.62 15.29 3.85
N ASN C 246 29.17 16.47 3.62
CA ASN C 246 30.20 16.65 2.62
C ASN C 246 31.58 16.12 2.97
N VAL C 247 32.40 15.94 1.95
CA VAL C 247 33.75 15.47 2.14
C VAL C 247 34.63 16.72 2.16
N ASP C 248 35.88 16.57 2.62
CA ASP C 248 36.86 17.63 2.43
C ASP C 248 38.15 17.13 1.82
N GLN C 249 39.03 18.08 1.53
CA GLN C 249 40.25 17.86 0.74
C GLN C 249 41.19 16.82 1.34
N VAL C 250 41.32 16.80 2.66
CA VAL C 250 42.15 15.81 3.35
C VAL C 250 41.56 14.39 3.14
N GLU C 251 40.24 14.27 3.05
CA GLU C 251 39.70 12.94 2.82
C GLU C 251 40.05 12.47 1.42
N VAL C 252 40.11 13.40 0.47
CA VAL C 252 40.61 13.08 -0.87
C VAL C 252 42.09 12.73 -0.77
N GLY C 253 42.86 13.50 0.00
CA GLY C 253 44.30 13.21 0.17
C GLY C 253 44.62 11.86 0.81
N LYS C 254 43.81 11.45 1.79
CA LYS C 254 43.89 10.10 2.36
C LYS C 254 43.66 8.96 1.33
N THR C 255 42.67 9.08 0.46
CA THR C 255 42.54 8.09 -0.60
C THR C 255 43.67 8.19 -1.63
N ALA C 256 44.19 9.41 -1.84
CA ALA C 256 45.34 9.58 -2.73
C ALA C 256 46.57 8.88 -2.13
N ALA C 257 46.75 8.98 -0.81
CA ALA C 257 47.85 8.26 -0.18
C ALA C 257 47.76 6.75 -0.41
N TYR C 258 46.60 6.16 -0.22
CA TYR C 258 46.35 4.76 -0.59
C TYR C 258 46.72 4.48 -2.07
N LEU C 259 46.18 5.27 -3.00
CA LEU C 259 46.44 5.02 -4.42
C LEU C 259 47.92 5.19 -4.82
N LEU C 260 48.61 6.15 -4.22
CA LEU C 260 50.00 6.46 -4.59
C LEU C 260 51.01 5.54 -3.91
N SER C 261 50.52 4.71 -2.99
CA SER C 261 51.37 3.86 -2.17
C SER C 261 51.21 2.37 -2.50
N ASP C 262 52.07 1.55 -1.89
CA ASP C 262 51.98 0.09 -2.06
C ASP C 262 50.72 -0.57 -1.46
N LEU C 263 49.91 0.16 -0.70
CA LEU C 263 48.63 -0.42 -0.28
C LEU C 263 47.72 -0.75 -1.46
N SER C 264 47.88 -0.05 -2.57
CA SER C 264 46.94 -0.28 -3.67
C SER C 264 47.58 -1.07 -4.79
N SER C 265 48.65 -1.81 -4.51
N SER C 265 48.62 -1.85 -4.48
CA SER C 265 49.20 -2.70 -5.54
CA SER C 265 49.42 -2.56 -5.48
C SER C 265 48.13 -3.73 -5.93
C SER C 265 48.62 -3.34 -6.54
N GLY C 266 47.99 -3.99 -7.22
N GLY C 266 47.43 -3.82 -6.17
CA GLY C 266 46.82 -4.71 -7.74
CA GLY C 266 46.59 -4.63 -7.05
C GLY C 266 45.73 -3.81 -8.32
C GLY C 266 45.54 -3.86 -7.84
N VAL C 267 45.70 -2.54 -7.93
CA VAL C 267 44.58 -1.68 -8.28
C VAL C 267 45.06 -0.75 -9.39
N THR C 268 44.46 -0.84 -10.57
CA THR C 268 44.79 0.10 -11.64
C THR C 268 43.60 0.15 -12.58
N GLY C 269 43.44 1.25 -13.30
CA GLY C 269 42.23 1.49 -14.10
C GLY C 269 40.97 1.75 -13.29
N GLU C 270 41.13 2.15 -12.03
CA GLU C 270 40.02 2.17 -11.10
C GLU C 270 39.64 3.63 -10.77
N ASN C 271 38.36 3.84 -10.44
CA ASN C 271 37.87 5.18 -10.15
C ASN C 271 37.25 5.12 -8.77
N ILE C 272 37.94 5.65 -7.77
CA ILE C 272 37.41 5.56 -6.42
C ILE C 272 36.68 6.83 -6.01
N HIS C 273 35.44 6.70 -5.57
CA HIS C 273 34.57 7.82 -5.29
C HIS C 273 34.74 8.17 -3.83
N VAL C 274 35.26 9.36 -3.56
CA VAL C 274 35.35 9.90 -2.23
C VAL C 274 34.32 11.03 -2.10
N ASP C 275 33.10 10.61 -1.75
CA ASP C 275 31.94 11.45 -2.01
C ASP C 275 30.80 11.05 -1.10
N SER C 276 31.13 10.47 0.04
CA SER C 276 30.14 10.18 1.07
C SER C 276 29.08 9.18 0.58
N GLY C 277 29.36 8.45 -0.48
CA GLY C 277 28.41 7.44 -0.99
C GLY C 277 27.54 7.88 -2.15
N PHE C 278 27.64 9.13 -2.61
CA PHE C 278 26.60 9.72 -3.44
C PHE C 278 26.50 8.95 -4.76
N HIS C 279 27.62 8.48 -5.26
CA HIS C 279 27.62 7.76 -6.56
C HIS C 279 26.78 6.49 -6.49
N ALA C 280 26.52 5.97 -5.29
CA ALA C 280 25.89 4.64 -5.19
C ALA C 280 24.38 4.72 -5.09
N ILE C 281 23.87 5.93 -4.93
CA ILE C 281 22.46 6.16 -4.71
C ILE C 281 21.81 6.91 -5.90
N LYS C 282 20.51 6.73 -6.04
CA LYS C 282 19.72 7.50 -6.97
C LYS C 282 18.42 7.95 -6.28
N ASN D 29 6.84 1.90 -38.97
CA ASN D 29 6.45 2.64 -40.22
C ASN D 29 6.80 4.14 -40.25
N LEU D 30 7.68 4.53 -41.16
CA LEU D 30 8.28 5.86 -41.16
C LEU D 30 7.89 6.70 -42.37
N GLU D 31 6.79 6.34 -43.02
CA GLU D 31 6.25 7.19 -44.08
C GLU D 31 6.05 8.59 -43.54
N ASN D 32 6.45 9.61 -44.31
CA ASN D 32 6.32 10.98 -43.82
C ASN D 32 7.23 11.35 -42.66
N LYS D 33 8.24 10.52 -42.40
CA LYS D 33 9.34 10.99 -41.60
C LYS D 33 10.48 11.37 -42.52
N THR D 34 11.32 12.27 -42.03
CA THR D 34 12.53 12.59 -42.74
C THR D 34 13.73 12.52 -41.80
N TYR D 35 14.75 11.78 -42.24
CA TYR D 35 15.96 11.62 -41.49
C TYR D 35 17.21 12.07 -42.25
N VAL D 36 18.12 12.77 -41.57
CA VAL D 36 19.41 13.10 -42.14
C VAL D 36 20.38 12.02 -41.68
N ILE D 37 21.05 11.37 -42.64
CA ILE D 37 22.04 10.35 -42.32
C ILE D 37 23.43 10.86 -42.67
N MET D 38 24.32 10.89 -41.69
CA MET D 38 25.64 11.50 -41.93
C MET D 38 26.68 10.39 -41.85
N GLY D 39 27.58 10.28 -42.82
CA GLY D 39 28.65 9.28 -42.67
C GLY D 39 28.65 8.10 -43.62
N ILE D 40 27.88 8.10 -44.70
CA ILE D 40 28.06 7.05 -45.72
C ILE D 40 29.34 7.29 -46.55
N ALA D 41 30.27 6.33 -46.50
CA ALA D 41 31.41 6.32 -47.44
C ALA D 41 31.18 5.39 -48.66
N ASN D 42 30.65 4.21 -48.42
CA ASN D 42 30.55 3.19 -49.48
C ASN D 42 29.51 2.16 -49.08
N LYS D 43 29.36 1.10 -49.88
CA LYS D 43 28.31 0.13 -49.61
C LYS D 43 28.48 -0.55 -48.25
N ARG D 44 29.67 -0.43 -47.63
CA ARG D 44 29.95 -1.13 -46.36
C ARG D 44 29.74 -0.27 -45.11
N SER D 45 29.48 1.02 -45.29
CA SER D 45 29.35 1.91 -44.16
C SER D 45 28.19 1.50 -43.29
N ILE D 46 28.40 1.59 -41.98
CA ILE D 46 27.31 1.33 -41.07
C ILE D 46 26.13 2.22 -41.41
N ALA D 47 26.40 3.48 -41.77
CA ALA D 47 25.30 4.41 -42.04
C ALA D 47 24.44 3.98 -43.24
N PHE D 48 25.00 3.20 -44.16
CA PHE D 48 24.23 2.73 -45.34
C PHE D 48 23.32 1.58 -44.99
N GLY D 49 23.76 0.75 -44.04
CA GLY D 49 22.88 -0.19 -43.35
C GLY D 49 21.68 0.54 -42.75
N VAL D 50 21.96 1.67 -42.12
CA VAL D 50 20.92 2.42 -41.49
C VAL D 50 19.98 2.88 -42.62
N ALA D 51 20.55 3.45 -43.66
CA ALA D 51 19.76 3.93 -44.81
C ALA D 51 18.89 2.87 -45.49
N LYS D 52 19.37 1.66 -45.72
CA LYS D 52 18.52 0.63 -46.35
C LYS D 52 17.33 0.37 -45.48
N VAL D 53 17.52 0.36 -44.17
CA VAL D 53 16.44 -0.02 -43.26
C VAL D 53 15.36 1.06 -43.16
N LEU D 54 15.77 2.32 -43.06
CA LEU D 54 14.83 3.44 -42.95
C LEU D 54 14.17 3.63 -44.30
N ASP D 55 14.90 3.30 -45.36
CA ASP D 55 14.37 3.45 -46.71
C ASP D 55 13.29 2.39 -46.93
N GLN D 56 13.58 1.13 -46.64
CA GLN D 56 12.58 0.07 -46.61
C GLN D 56 11.37 0.47 -45.78
N LEU D 57 11.58 1.15 -44.66
CA LEU D 57 10.43 1.54 -43.85
C LEU D 57 9.66 2.78 -44.35
N GLY D 58 10.00 3.32 -45.52
CA GLY D 58 9.29 4.45 -46.11
C GLY D 58 9.64 5.87 -45.63
N ALA D 59 10.82 6.06 -45.04
CA ALA D 59 11.30 7.41 -44.69
C ALA D 59 11.84 8.17 -45.90
N LYS D 60 11.64 9.49 -45.92
CA LYS D 60 12.45 10.38 -46.77
C LYS D 60 13.84 10.58 -46.14
N LEU D 61 14.88 10.32 -46.93
CA LEU D 61 16.23 10.45 -46.39
C LEU D 61 17.03 11.56 -47.04
N VAL D 62 17.90 12.16 -46.22
CA VAL D 62 18.84 13.17 -46.70
C VAL D 62 20.25 12.71 -46.31
N PHE D 63 21.23 12.92 -47.19
CA PHE D 63 22.55 12.40 -46.88
C PHE D 63 23.56 13.52 -46.91
N THR D 64 24.45 13.51 -45.92
CA THR D 64 25.65 14.34 -45.97
C THR D 64 26.92 13.51 -46.20
N TYR D 65 27.92 14.10 -46.86
CA TYR D 65 29.23 13.50 -47.08
C TYR D 65 30.34 14.53 -46.81
N ARG D 66 31.58 14.05 -46.64
CA ARG D 66 32.72 14.88 -46.29
C ARG D 66 33.41 15.54 -47.49
N LYS D 67 33.63 14.77 -48.55
CA LYS D 67 34.52 15.14 -49.64
C LYS D 67 34.08 14.40 -50.94
N GLU D 68 34.58 14.79 -52.12
CA GLU D 68 33.91 14.47 -53.39
C GLU D 68 34.14 13.10 -54.03
N ARG D 69 34.91 12.25 -53.36
CA ARG D 69 34.96 10.82 -53.65
C ARG D 69 33.77 10.18 -52.98
N SER D 70 33.33 10.73 -51.84
CA SER D 70 32.16 10.12 -51.28
C SER D 70 30.88 10.45 -52.08
N ARG D 71 30.90 11.53 -52.89
CA ARG D 71 29.66 12.00 -53.50
C ARG D 71 29.26 11.19 -54.69
N LYS D 72 30.12 11.28 -55.71
CA LYS D 72 30.05 10.45 -56.91
C LYS D 72 29.54 9.02 -56.62
N GLU D 73 30.38 8.21 -55.99
CA GLU D 73 29.93 7.21 -55.02
C GLU D 73 28.46 7.33 -54.59
N LEU D 74 28.21 7.93 -53.42
CA LEU D 74 26.87 8.11 -52.87
C LEU D 74 25.74 8.09 -53.88
N GLU D 75 25.90 8.92 -54.92
CA GLU D 75 24.89 9.04 -55.97
C GLU D 75 24.57 7.68 -56.58
N LYS D 76 25.59 6.94 -56.99
CA LYS D 76 25.47 5.55 -57.45
C LYS D 76 24.81 4.62 -56.45
N LEU D 77 25.25 4.67 -55.20
CA LEU D 77 24.69 3.84 -54.15
C LEU D 77 23.17 4.00 -53.97
N LEU D 78 22.68 5.23 -53.97
CA LEU D 78 21.25 5.47 -53.81
C LEU D 78 20.30 5.00 -54.92
N GLU D 79 20.80 4.35 -55.97
CA GLU D 79 19.88 3.76 -56.91
C GLU D 79 19.30 2.47 -56.35
N GLN D 80 19.90 2.01 -55.26
CA GLN D 80 19.46 0.80 -54.57
C GLN D 80 18.35 1.11 -53.56
N LEU D 81 18.08 2.39 -53.32
CA LEU D 81 17.00 2.76 -52.43
C LEU D 81 15.78 3.24 -53.20
N ASN D 82 14.67 3.37 -52.50
CA ASN D 82 13.46 3.80 -53.17
C ASN D 82 13.32 5.29 -53.07
N GLN D 83 14.37 5.98 -52.64
CA GLN D 83 14.35 7.44 -52.59
C GLN D 83 14.04 7.95 -53.98
N PRO D 84 12.90 8.65 -54.16
CA PRO D 84 12.68 9.25 -55.47
C PRO D 84 13.35 10.61 -55.64
N GLU D 85 14.02 11.16 -54.63
CA GLU D 85 15.12 12.03 -55.01
C GLU D 85 16.41 12.00 -54.19
N ALA D 86 17.47 12.43 -54.86
CA ALA D 86 18.82 12.54 -54.32
C ALA D 86 19.00 13.88 -53.61
N HIS D 87 18.93 13.84 -52.28
CA HIS D 87 19.17 15.02 -51.47
C HIS D 87 20.53 14.83 -50.80
N LEU D 88 21.57 15.44 -51.36
CA LEU D 88 22.91 15.31 -50.82
C LEU D 88 23.60 16.63 -50.55
N TYR D 89 24.33 16.68 -49.43
CA TYR D 89 24.92 17.92 -48.91
C TYR D 89 26.30 17.60 -48.42
N GLN D 90 27.26 18.36 -48.87
CA GLN D 90 28.60 18.24 -48.37
C GLN D 90 28.68 18.92 -47.00
N ILE D 91 29.16 18.21 -45.98
CA ILE D 91 29.41 18.82 -44.71
C ILE D 91 30.58 18.07 -44.11
N ASP D 92 31.67 18.82 -43.95
CA ASP D 92 32.78 18.40 -43.12
C ASP D 92 32.55 18.99 -41.72
N VAL D 93 32.42 18.08 -40.75
CA VAL D 93 31.99 18.45 -39.41
C VAL D 93 33.11 19.15 -38.66
N GLN D 94 34.26 19.34 -39.30
CA GLN D 94 35.30 20.15 -38.69
C GLN D 94 35.06 21.62 -38.89
N SER D 95 34.13 21.96 -39.78
CA SER D 95 33.76 23.35 -40.05
C SER D 95 32.36 23.73 -39.50
N ASP D 96 32.29 24.68 -38.59
CA ASP D 96 31.01 25.24 -38.16
C ASP D 96 30.14 25.73 -39.33
N GLU D 97 30.72 26.58 -40.18
CA GLU D 97 30.09 27.16 -41.37
C GLU D 97 29.37 26.11 -42.21
N GLU D 98 30.08 25.03 -42.48
CA GLU D 98 29.58 23.97 -43.32
C GLU D 98 28.40 23.25 -42.65
N VAL D 99 28.52 22.99 -41.35
CA VAL D 99 27.43 22.38 -40.59
C VAL D 99 26.22 23.33 -40.52
N ILE D 100 26.49 24.61 -40.20
CA ILE D 100 25.47 25.63 -40.02
C ILE D 100 24.69 25.80 -41.33
N ASN D 101 25.43 25.97 -42.43
CA ASN D 101 24.85 26.18 -43.76
C ASN D 101 24.24 24.92 -44.37
N GLY D 102 24.79 23.75 -44.08
CA GLY D 102 24.26 22.48 -44.56
C GLY D 102 22.88 22.20 -43.98
N PHE D 103 22.73 22.30 -42.66
CA PHE D 103 21.41 22.14 -42.05
C PHE D 103 20.44 23.25 -42.46
N GLU D 104 20.95 24.47 -42.60
CA GLU D 104 20.13 25.53 -43.11
C GLU D 104 19.51 25.18 -44.46
N GLN D 105 20.36 24.72 -45.39
CA GLN D 105 19.98 24.40 -46.76
C GLN D 105 19.05 23.18 -46.82
N ILE D 106 19.34 22.18 -46.01
CA ILE D 106 18.46 21.04 -45.82
C ILE D 106 17.09 21.52 -45.38
N GLY D 107 17.10 22.38 -44.37
CA GLY D 107 15.86 22.96 -43.89
C GLY D 107 15.10 23.62 -45.01
N LYS D 108 15.78 24.41 -45.85
CA LYS D 108 15.13 24.99 -47.00
C LYS D 108 14.72 24.00 -48.09
N ASP D 109 15.42 22.89 -48.22
CA ASP D 109 15.07 22.01 -49.33
C ASP D 109 13.99 20.99 -48.96
N VAL D 110 13.97 20.54 -47.71
CA VAL D 110 13.01 19.52 -47.32
C VAL D 110 12.13 19.92 -46.12
N GLY D 111 12.45 21.01 -45.43
CA GLY D 111 11.62 21.43 -44.30
C GLY D 111 12.07 20.69 -43.05
N ASN D 112 11.22 20.67 -42.03
CA ASN D 112 11.52 20.04 -40.75
C ASN D 112 11.81 18.56 -40.93
N ILE D 113 12.72 18.07 -40.09
CA ILE D 113 13.14 16.68 -40.10
C ILE D 113 12.70 16.07 -38.80
N ASP D 114 12.80 14.74 -38.73
CA ASP D 114 12.39 14.00 -37.55
C ASP D 114 13.57 13.43 -36.79
N GLY D 115 14.76 13.45 -37.38
CA GLY D 115 15.90 12.92 -36.62
C GLY D 115 17.18 12.95 -37.43
N VAL D 116 18.28 12.55 -36.78
CA VAL D 116 19.62 12.58 -37.37
C VAL D 116 20.37 11.33 -36.96
N TYR D 117 20.89 10.57 -37.91
CA TYR D 117 21.83 9.49 -37.57
C TYR D 117 23.27 9.99 -37.71
N HIS D 118 24.06 9.94 -36.64
CA HIS D 118 25.42 10.43 -36.82
C HIS D 118 26.33 9.22 -36.89
N SER D 119 27.05 9.06 -38.00
CA SER D 119 27.93 7.89 -38.14
C SER D 119 29.32 8.35 -38.56
N ILE D 120 29.98 9.15 -37.73
CA ILE D 120 31.16 9.91 -38.18
C ILE D 120 32.28 9.86 -37.13
N ALA D 121 33.49 9.48 -37.54
CA ALA D 121 34.59 9.44 -36.60
C ALA D 121 35.90 9.52 -37.36
N PHE D 122 36.93 10.03 -36.69
CA PHE D 122 38.25 10.00 -37.28
C PHE D 122 39.35 10.14 -36.22
N ALA D 123 40.50 9.56 -36.52
CA ALA D 123 41.75 9.75 -35.80
C ALA D 123 42.84 9.50 -36.81
N ASN D 124 44.07 9.94 -36.53
CA ASN D 124 45.24 9.57 -37.33
C ASN D 124 45.61 8.11 -37.13
N MET D 125 46.00 7.46 -38.22
CA MET D 125 46.29 6.01 -38.20
CA MET D 125 46.27 6.03 -38.19
C MET D 125 47.38 5.66 -37.18
N GLU D 126 48.45 6.44 -37.10
CA GLU D 126 49.57 6.14 -36.18
C GLU D 126 49.14 5.96 -34.73
N ASP D 127 47.99 6.55 -34.44
CA ASP D 127 47.52 6.69 -33.11
C ASP D 127 46.71 5.44 -32.75
N LEU D 128 46.12 4.78 -33.75
CA LEU D 128 45.25 3.60 -33.55
C LEU D 128 45.97 2.24 -33.48
N ARG D 129 47.19 2.30 -32.93
CA ARG D 129 48.13 1.19 -32.89
C ARG D 129 49.29 1.66 -32.04
N GLY D 130 50.07 0.72 -31.52
CA GLY D 130 51.16 1.07 -30.62
C GLY D 130 50.57 1.76 -29.40
N ARG D 131 51.22 2.83 -28.92
CA ARG D 131 51.12 3.15 -27.48
C ARG D 131 50.28 4.40 -27.27
N PHE D 132 49.19 4.23 -26.53
CA PHE D 132 48.31 5.33 -26.27
C PHE D 132 49.07 6.46 -25.58
N SER D 133 50.02 6.12 -24.72
CA SER D 133 50.75 7.16 -23.98
C SER D 133 51.58 8.04 -24.92
N GLU D 134 51.70 7.66 -26.19
CA GLU D 134 52.54 8.44 -27.09
C GLU D 134 51.69 9.30 -28.05
N THR D 135 50.38 9.31 -27.83
CA THR D 135 49.51 10.12 -28.66
C THR D 135 49.87 11.62 -28.65
N SER D 136 49.82 12.28 -29.82
CA SER D 136 50.13 13.71 -29.90
C SER D 136 48.91 14.49 -29.48
N ARG D 137 49.13 15.69 -28.94
CA ARG D 137 48.07 16.61 -28.61
C ARG D 137 47.16 16.84 -29.83
N GLU D 138 47.79 17.12 -30.97
CA GLU D 138 47.03 17.38 -32.19
C GLU D 138 46.14 16.19 -32.52
N GLY D 139 46.72 14.99 -32.47
CA GLY D 139 46.00 13.77 -32.83
C GLY D 139 44.84 13.49 -31.88
N PHE D 140 45.06 13.73 -30.59
CA PHE D 140 44.05 13.60 -29.59
C PHE D 140 42.89 14.58 -29.80
N LEU D 141 43.23 15.84 -30.04
CA LEU D 141 42.23 16.88 -30.19
C LEU D 141 41.47 16.70 -31.53
N LEU D 142 42.13 16.17 -32.56
CA LEU D 142 41.46 15.88 -33.85
C LEU D 142 40.38 14.79 -33.70
N ALA D 143 40.69 13.75 -32.93
CA ALA D 143 39.70 12.70 -32.75
C ALA D 143 38.50 13.20 -31.93
N GLN D 144 38.75 14.05 -30.94
CA GLN D 144 37.71 14.63 -30.10
C GLN D 144 36.80 15.49 -30.99
N ASP D 145 37.43 16.42 -31.69
CA ASP D 145 36.79 17.29 -32.66
C ASP D 145 35.83 16.52 -33.61
N ILE D 146 36.37 15.59 -34.39
CA ILE D 146 35.53 14.98 -35.41
C ILE D 146 34.58 13.93 -34.81
N SER D 147 35.01 13.22 -33.77
CA SER D 147 34.28 12.04 -33.29
C SER D 147 33.34 12.35 -32.11
N SER D 148 33.51 13.52 -31.51
CA SER D 148 32.67 13.88 -30.39
C SER D 148 32.03 15.26 -30.54
N TYR D 149 32.82 16.31 -30.71
CA TYR D 149 32.25 17.63 -30.71
C TYR D 149 31.28 17.74 -31.87
N SER D 150 31.53 17.03 -32.96
CA SER D 150 30.66 17.17 -34.13
C SER D 150 29.20 16.85 -33.82
N LEU D 151 28.96 16.00 -32.82
CA LEU D 151 27.57 15.70 -32.43
C LEU D 151 26.90 16.88 -31.74
N THR D 152 27.64 17.55 -30.85
CA THR D 152 27.14 18.77 -30.22
C THR D 152 26.67 19.83 -31.25
N ILE D 153 27.51 20.14 -32.23
CA ILE D 153 27.16 21.18 -33.18
C ILE D 153 26.07 20.68 -34.14
N VAL D 154 26.16 19.42 -34.57
CA VAL D 154 25.13 18.86 -35.44
C VAL D 154 23.78 18.90 -34.68
N ALA D 155 23.80 18.61 -33.38
CA ALA D 155 22.60 18.66 -32.55
C ALA D 155 22.04 20.06 -32.46
N HIS D 156 22.91 21.04 -32.19
CA HIS D 156 22.45 22.40 -32.10
C HIS D 156 21.80 22.83 -33.44
N GLU D 157 22.35 22.39 -34.58
CA GLU D 157 21.87 22.88 -35.87
C GLU D 157 20.62 22.13 -36.32
N ALA D 158 20.62 20.82 -36.08
CA ALA D 158 19.44 19.97 -36.31
C ALA D 158 18.20 20.38 -35.47
N LYS D 159 18.40 20.80 -34.22
CA LYS D 159 17.33 21.20 -33.32
C LYS D 159 16.50 22.26 -34.05
N LYS D 160 17.16 23.07 -34.86
CA LYS D 160 16.42 24.13 -35.55
C LYS D 160 15.36 23.56 -36.50
N LEU D 161 15.53 22.32 -36.97
CA LEU D 161 14.63 21.70 -37.95
C LEU D 161 13.66 20.70 -37.30
N MET D 162 13.59 20.75 -35.98
CA MET D 162 12.81 19.83 -35.17
C MET D 162 12.01 20.57 -34.09
N PRO D 163 11.22 21.59 -34.49
CA PRO D 163 10.42 22.35 -33.50
C PRO D 163 9.45 21.50 -32.66
N GLU D 164 8.99 20.36 -33.18
CA GLU D 164 8.09 19.50 -32.41
C GLU D 164 8.82 18.31 -31.82
N GLY D 165 10.14 18.31 -31.91
CA GLY D 165 10.94 17.25 -31.26
C GLY D 165 11.49 16.27 -32.28
N GLY D 166 12.21 15.28 -31.80
CA GLY D 166 12.76 14.32 -32.73
C GLY D 166 13.81 13.50 -32.05
N SER D 167 14.70 12.93 -32.87
CA SER D 167 15.52 11.85 -32.36
C SER D 167 16.93 11.89 -32.92
N ILE D 168 17.95 11.88 -32.05
CA ILE D 168 19.34 11.92 -32.56
C ILE D 168 20.11 10.69 -32.08
N VAL D 169 20.69 9.96 -33.02
CA VAL D 169 21.43 8.74 -32.68
C VAL D 169 22.87 8.87 -33.11
N ALA D 170 23.83 8.52 -32.25
CA ALA D 170 25.24 8.45 -32.64
C ALA D 170 25.75 7.00 -32.54
N THR D 171 26.86 6.69 -33.21
CA THR D 171 27.41 5.32 -33.23
C THR D 171 28.68 5.23 -32.41
N THR D 172 28.68 4.46 -31.35
CA THR D 172 29.90 4.35 -30.54
C THR D 172 30.44 2.89 -30.55
N TYR D 173 31.39 2.60 -29.66
CA TYR D 173 32.04 1.30 -29.64
C TYR D 173 32.38 1.05 -28.17
N LEU D 174 32.42 -0.21 -27.78
CA LEU D 174 32.77 -0.66 -26.45
C LEU D 174 34.07 -0.06 -25.94
N GLY D 175 34.97 0.25 -26.86
CA GLY D 175 36.23 0.91 -26.54
C GLY D 175 36.03 2.29 -25.91
N GLY D 176 34.82 2.83 -25.92
CA GLY D 176 34.55 4.03 -25.10
C GLY D 176 34.25 3.70 -23.64
N GLU D 177 33.90 2.46 -23.34
CA GLU D 177 33.58 2.08 -21.96
C GLU D 177 34.70 1.32 -21.32
N PHE D 178 35.51 0.61 -22.11
CA PHE D 178 36.62 -0.21 -21.60
C PHE D 178 37.89 0.09 -22.36
N ALA D 179 39.05 -0.07 -21.75
CA ALA D 179 40.29 0.00 -22.56
C ALA D 179 40.47 -1.25 -23.44
N VAL D 180 40.52 -1.05 -24.74
CA VAL D 180 40.67 -2.13 -25.67
C VAL D 180 42.01 -1.92 -26.41
N GLN D 181 42.76 -3.01 -26.65
CA GLN D 181 44.02 -2.94 -27.35
CA GLN D 181 44.01 -2.99 -27.41
C GLN D 181 43.84 -2.22 -28.70
N ASN D 182 44.81 -1.36 -29.01
CA ASN D 182 44.88 -0.60 -30.26
C ASN D 182 43.91 0.56 -30.45
N TYR D 183 42.74 0.53 -29.82
CA TYR D 183 41.71 1.48 -30.19
C TYR D 183 42.06 2.88 -29.65
N ASN D 184 42.80 2.89 -28.55
CA ASN D 184 43.62 4.01 -28.09
C ASN D 184 42.92 5.36 -28.11
N VAL D 185 43.34 6.27 -28.98
CA VAL D 185 42.76 7.61 -28.91
C VAL D 185 41.26 7.62 -29.28
N MET D 186 40.83 6.65 -30.07
CA MET D 186 39.46 6.69 -30.52
C MET D 186 38.57 6.26 -29.35
N GLY D 187 39.11 5.43 -28.45
CA GLY D 187 38.38 5.00 -27.25
C GLY D 187 38.11 6.19 -26.34
N VAL D 188 39.13 7.03 -26.11
CA VAL D 188 38.88 8.29 -25.38
C VAL D 188 37.90 9.23 -26.16
N ALA D 189 37.97 9.32 -27.48
CA ALA D 189 36.94 10.06 -28.22
C ALA D 189 35.52 9.49 -28.05
N LYS D 190 35.38 8.16 -28.03
CA LYS D 190 34.06 7.60 -27.78
C LYS D 190 33.61 7.73 -26.34
N ALA D 191 34.51 7.74 -25.36
CA ALA D 191 34.09 7.98 -24.00
C ALA D 191 33.47 9.37 -24.03
N SER D 192 34.17 10.29 -24.69
CA SER D 192 33.71 11.66 -24.71
C SER D 192 32.36 11.72 -25.46
N LEU D 193 32.28 11.06 -26.62
CA LEU D 193 31.01 10.97 -27.36
C LEU D 193 29.85 10.40 -26.54
N GLU D 194 30.11 9.40 -25.70
CA GLU D 194 29.06 8.83 -24.89
C GLU D 194 28.56 9.81 -23.83
N ALA D 195 29.46 10.58 -23.22
CA ALA D 195 29.01 11.63 -22.33
C ALA D 195 28.26 12.72 -23.09
N ASN D 196 28.78 13.09 -24.26
CA ASN D 196 28.14 14.08 -25.12
C ASN D 196 26.65 13.72 -25.29
N VAL D 197 26.37 12.45 -25.56
CA VAL D 197 24.99 12.02 -25.72
C VAL D 197 24.17 12.26 -24.45
N LYS D 198 24.74 11.91 -23.31
CA LYS D 198 24.02 12.11 -22.06
C LYS D 198 23.73 13.59 -21.77
N TYR D 199 24.71 14.45 -22.03
CA TYR D 199 24.53 15.86 -21.74
C TYR D 199 23.60 16.51 -22.76
N LEU D 200 23.64 16.02 -23.98
CA LEU D 200 22.66 16.52 -24.94
C LEU D 200 21.29 15.99 -24.59
N ALA D 201 21.16 14.75 -24.10
CA ALA D 201 19.85 14.27 -23.72
C ALA D 201 19.29 15.19 -22.65
N LEU D 202 20.11 15.50 -21.63
CA LEU D 202 19.64 16.34 -20.55
C LEU D 202 19.19 17.72 -21.09
N ASP D 203 20.00 18.34 -21.94
CA ASP D 203 19.75 19.66 -22.53
C ASP D 203 18.53 19.67 -23.44
N LEU D 204 18.40 18.68 -24.31
CA LEU D 204 17.43 18.85 -25.37
C LEU D 204 16.14 18.16 -25.00
N GLY D 205 16.14 17.43 -23.88
CA GLY D 205 14.95 16.67 -23.45
C GLY D 205 13.69 17.51 -23.34
N PRO D 206 13.81 18.75 -22.80
CA PRO D 206 12.60 19.56 -22.67
C PRO D 206 12.07 19.99 -24.02
N ASP D 207 12.91 20.00 -25.05
CA ASP D 207 12.47 20.31 -26.41
C ASP D 207 11.96 19.09 -27.13
N ASN D 208 11.81 18.01 -26.36
CA ASN D 208 11.34 16.74 -26.92
C ASN D 208 12.27 16.17 -28.00
N ILE D 209 13.59 16.31 -27.79
CA ILE D 209 14.57 15.71 -28.66
C ILE D 209 15.32 14.68 -27.83
N ARG D 210 15.23 13.44 -28.28
CA ARG D 210 15.91 12.32 -27.63
C ARG D 210 17.29 12.10 -28.24
N VAL D 211 18.26 11.72 -27.42
CA VAL D 211 19.62 11.62 -27.97
C VAL D 211 20.12 10.35 -27.35
N ASN D 212 20.57 9.44 -28.20
CA ASN D 212 20.98 8.09 -27.82
C ASN D 212 22.18 7.63 -28.65
N ALA D 213 22.78 6.53 -28.21
CA ALA D 213 23.84 5.92 -28.97
C ALA D 213 23.52 4.44 -29.24
N ILE D 214 24.19 3.92 -30.28
CA ILE D 214 24.23 2.48 -30.55
C ILE D 214 25.69 2.12 -30.51
N SER D 215 26.03 1.28 -29.54
CA SER D 215 27.35 0.70 -29.47
C SER D 215 27.41 -0.53 -30.37
N ALA D 216 27.89 -0.36 -31.60
CA ALA D 216 28.01 -1.46 -32.55
C ALA D 216 29.18 -2.38 -32.25
N GLY D 217 28.96 -3.68 -32.40
CA GLY D 217 30.06 -4.65 -32.44
C GLY D 217 30.96 -4.42 -33.65
N PRO D 218 32.03 -5.21 -33.80
CA PRO D 218 32.91 -4.90 -34.94
C PRO D 218 32.32 -5.32 -36.30
N ILE D 219 32.53 -4.49 -37.31
CA ILE D 219 31.96 -4.66 -38.63
C ILE D 219 33.02 -4.22 -39.65
N ARG D 220 33.32 -5.11 -40.60
CA ARG D 220 34.29 -4.79 -41.68
C ARG D 220 33.78 -3.63 -42.58
N THR D 221 34.41 -2.47 -42.39
CA THR D 221 34.10 -1.23 -43.07
C THR D 221 35.42 -0.64 -43.54
N LEU D 222 35.37 0.22 -44.53
CA LEU D 222 36.49 1.09 -44.85
C LEU D 222 37.26 1.59 -43.63
N SER D 223 36.62 2.19 -42.63
CA SER D 223 37.38 2.64 -41.45
C SER D 223 37.91 1.52 -40.57
N ALA D 224 37.20 0.40 -40.48
CA ALA D 224 37.75 -0.73 -39.70
C ALA D 224 39.19 -1.09 -40.10
N LYS D 225 39.58 -0.84 -41.34
CA LYS D 225 40.91 -1.25 -41.82
C LYS D 225 42.02 -0.57 -41.01
N GLY D 226 41.78 0.69 -40.65
CA GLY D 226 42.73 1.47 -39.87
C GLY D 226 42.84 1.12 -38.39
N VAL D 227 41.96 0.27 -37.85
CA VAL D 227 42.04 -0.17 -36.45
C VAL D 227 43.05 -1.32 -36.35
N GLY D 228 44.09 -1.12 -35.54
CA GLY D 228 45.03 -2.20 -35.31
C GLY D 228 44.31 -3.46 -34.85
N GLY D 229 44.56 -4.58 -35.52
CA GLY D 229 44.20 -5.90 -34.99
C GLY D 229 42.71 -6.17 -35.13
N PHE D 230 42.07 -5.43 -36.03
CA PHE D 230 40.65 -5.62 -36.31
C PHE D 230 40.22 -7.09 -36.49
N ASN D 231 40.99 -7.91 -37.19
CA ASN D 231 40.49 -9.22 -37.54
C ASN D 231 40.32 -10.11 -36.32
N THR D 232 41.15 -9.83 -35.31
CA THR D 232 41.17 -10.58 -34.07
C THR D 232 39.97 -10.17 -33.22
N ILE D 233 39.64 -8.87 -33.27
CA ILE D 233 38.44 -8.38 -32.61
C ILE D 233 37.21 -9.15 -33.16
N LEU D 234 37.08 -9.17 -34.49
CA LEU D 234 36.06 -9.96 -35.17
C LEU D 234 35.96 -11.40 -34.65
N LYS D 235 37.08 -12.11 -34.65
CA LYS D 235 37.09 -13.50 -34.18
C LYS D 235 36.74 -13.64 -32.70
N GLU D 236 37.18 -12.68 -31.87
CA GLU D 236 36.84 -12.75 -30.46
C GLU D 236 35.32 -12.75 -30.22
N ILE D 237 34.57 -11.90 -30.92
CA ILE D 237 33.12 -11.93 -30.87
C ILE D 237 32.54 -13.30 -31.19
N GLU D 238 33.04 -13.98 -32.23
CA GLU D 238 32.41 -15.23 -32.62
C GLU D 238 32.58 -16.25 -31.54
N GLU D 239 33.75 -16.24 -30.94
CA GLU D 239 34.10 -17.22 -29.91
C GLU D 239 33.45 -16.96 -28.54
N ARG D 240 33.35 -15.69 -28.16
CA ARG D 240 33.01 -15.32 -26.79
C ARG D 240 31.67 -14.59 -26.60
N ALA D 241 31.13 -13.91 -27.61
CA ALA D 241 29.83 -13.22 -27.41
C ALA D 241 28.68 -14.23 -27.28
N PRO D 242 27.65 -13.91 -26.46
CA PRO D 242 26.51 -14.79 -26.24
C PRO D 242 25.94 -15.37 -27.55
N LEU D 243 25.86 -14.57 -28.62
CA LEU D 243 25.25 -15.10 -29.84
C LEU D 243 26.23 -15.89 -30.70
N LYS D 244 27.51 -15.88 -30.30
CA LYS D 244 28.56 -16.60 -31.00
C LYS D 244 28.58 -16.22 -32.50
N ARG D 245 28.28 -14.97 -32.84
CA ARG D 245 28.38 -14.59 -34.23
C ARG D 245 28.63 -13.10 -34.24
N ASN D 246 29.08 -12.55 -35.36
CA ASN D 246 29.21 -11.11 -35.49
C ASN D 246 27.93 -10.45 -35.96
N VAL D 247 27.79 -9.13 -35.75
CA VAL D 247 26.62 -8.42 -36.27
C VAL D 247 26.90 -7.76 -37.63
N ASP D 248 25.87 -7.20 -38.25
CA ASP D 248 26.11 -6.38 -39.43
C ASP D 248 25.37 -5.04 -39.45
N GLN D 249 25.59 -4.36 -40.55
CA GLN D 249 25.21 -2.97 -40.71
C GLN D 249 23.69 -2.86 -40.63
N VAL D 250 23.01 -3.87 -41.16
CA VAL D 250 21.55 -3.92 -41.11
C VAL D 250 21.02 -4.14 -39.68
N GLU D 251 21.74 -4.90 -38.85
CA GLU D 251 21.29 -5.04 -37.46
C GLU D 251 21.44 -3.73 -36.69
N VAL D 252 22.49 -2.98 -36.99
CA VAL D 252 22.61 -1.60 -36.51
C VAL D 252 21.44 -0.79 -37.02
N GLY D 253 21.16 -0.86 -38.32
CA GLY D 253 20.11 -0.07 -38.90
C GLY D 253 18.73 -0.32 -38.36
N LYS D 254 18.44 -1.57 -37.96
CA LYS D 254 17.20 -1.92 -37.27
C LYS D 254 17.04 -1.32 -35.87
N THR D 255 18.10 -1.34 -35.06
CA THR D 255 18.07 -0.66 -33.79
C THR D 255 18.03 0.87 -34.01
N ALA D 256 18.61 1.38 -35.09
CA ALA D 256 18.50 2.79 -35.44
C ALA D 256 17.05 3.15 -35.74
N ALA D 257 16.35 2.32 -36.50
CA ALA D 257 14.94 2.58 -36.80
C ALA D 257 14.16 2.64 -35.48
N TYR D 258 14.42 1.70 -34.58
CA TYR D 258 13.79 1.80 -33.26
C TYR D 258 14.03 3.18 -32.57
N LEU D 259 15.29 3.57 -32.47
CA LEU D 259 15.66 4.75 -31.72
C LEU D 259 15.20 6.03 -32.43
N LEU D 260 15.02 5.97 -33.73
CA LEU D 260 14.68 7.14 -34.53
C LEU D 260 13.18 7.30 -34.55
N SER D 261 12.45 6.23 -34.28
CA SER D 261 11.00 6.27 -34.25
C SER D 261 10.39 6.42 -32.86
N ASP D 262 9.06 6.36 -32.89
CA ASP D 262 8.25 6.56 -31.73
C ASP D 262 8.13 5.26 -30.94
N LEU D 263 8.66 4.15 -31.43
CA LEU D 263 8.76 2.96 -30.56
C LEU D 263 9.61 3.21 -29.32
N SER D 264 10.57 4.12 -29.42
CA SER D 264 11.47 4.35 -28.29
C SER D 264 11.16 5.66 -27.59
N SER D 265 9.89 6.08 -27.51
N SER D 265 9.90 6.11 -27.67
CA SER D 265 9.58 7.43 -27.04
CA SER D 265 9.52 7.25 -26.87
C SER D 265 10.02 7.71 -25.59
C SER D 265 9.78 6.83 -25.44
N GLY D 266 10.18 6.65 -24.80
N GLY D 266 10.37 7.73 -24.68
CA GLY D 266 10.45 6.79 -23.38
CA GLY D 266 10.61 7.46 -23.28
C GLY D 266 11.95 6.71 -23.10
C GLY D 266 12.07 7.14 -23.09
N VAL D 267 12.74 6.73 -24.18
CA VAL D 267 14.12 6.32 -24.13
C VAL D 267 15.06 7.46 -24.57
N THR D 268 15.92 7.91 -23.68
CA THR D 268 16.86 8.96 -24.05
C THR D 268 18.08 8.85 -23.16
N GLY D 269 19.21 9.36 -23.62
CA GLY D 269 20.42 9.26 -22.81
C GLY D 269 20.95 7.83 -22.75
N GLU D 270 20.45 7.00 -23.67
CA GLU D 270 20.70 5.55 -23.60
C GLU D 270 21.81 5.11 -24.60
N ASN D 271 22.47 4.00 -24.31
CA ASN D 271 23.48 3.45 -25.18
C ASN D 271 23.06 2.00 -25.45
N ILE D 272 22.63 1.67 -26.67
CA ILE D 272 22.17 0.28 -26.88
C ILE D 272 23.23 -0.53 -27.61
N HIS D 273 23.69 -1.64 -27.01
CA HIS D 273 24.76 -2.46 -27.61
C HIS D 273 24.21 -3.41 -28.66
N VAL D 274 24.59 -3.21 -29.90
CA VAL D 274 24.17 -4.15 -30.95
C VAL D 274 25.43 -4.94 -31.29
N ASP D 275 25.76 -5.84 -30.37
CA ASP D 275 27.09 -6.46 -30.32
C ASP D 275 27.11 -7.97 -29.97
N SER D 276 26.00 -8.63 -30.25
CA SER D 276 25.79 -10.03 -29.99
C SER D 276 25.87 -10.38 -28.51
N GLY D 277 25.59 -9.42 -27.62
CA GLY D 277 25.81 -9.60 -26.16
C GLY D 277 27.22 -9.43 -25.61
N PHE D 278 28.16 -9.05 -26.48
CA PHE D 278 29.55 -9.02 -26.02
C PHE D 278 29.72 -8.10 -24.80
N HIS D 279 28.96 -7.01 -24.74
CA HIS D 279 29.20 -6.01 -23.71
C HIS D 279 28.90 -6.54 -22.29
N ALA D 280 28.22 -7.69 -22.22
CA ALA D 280 27.58 -8.17 -21.00
C ALA D 280 28.43 -9.28 -20.39
N ILE D 281 29.48 -9.67 -21.10
CA ILE D 281 30.27 -10.80 -20.66
C ILE D 281 31.68 -10.31 -20.41
N LYS D 282 32.40 -11.08 -19.64
CA LYS D 282 33.79 -10.76 -19.41
C LYS D 282 34.54 -12.07 -19.28
N VAL E 28 -7.65 0.29 37.41
CA VAL E 28 -7.57 -1.01 36.67
C VAL E 28 -6.14 -1.55 36.85
N ASN E 29 -5.73 -1.95 38.06
CA ASN E 29 -4.41 -2.56 38.22
C ASN E 29 -4.34 -4.05 37.81
N LEU E 30 -3.43 -4.40 36.89
CA LEU E 30 -3.41 -5.74 36.28
C LEU E 30 -2.20 -6.61 36.65
N GLU E 31 -1.61 -6.35 37.81
CA GLU E 31 -0.55 -7.22 38.28
C GLU E 31 -1.16 -8.58 38.52
N ASN E 32 -0.43 -9.61 38.16
CA ASN E 32 -0.93 -10.97 38.38
C ASN E 32 -1.96 -11.42 37.37
N LYS E 33 -2.07 -10.60 36.34
CA LYS E 33 -2.81 -10.93 35.14
C LYS E 33 -1.86 -11.30 34.00
N THR E 34 -2.32 -12.19 33.15
CA THR E 34 -1.59 -12.56 31.97
C THR E 34 -2.53 -12.47 30.75
N TYR E 35 -2.08 -11.79 29.71
CA TYR E 35 -2.83 -11.60 28.48
C TYR E 35 -2.01 -12.00 27.28
N VAL E 36 -2.67 -12.62 26.30
CA VAL E 36 -2.05 -12.90 25.01
C VAL E 36 -2.45 -11.83 23.99
N ILE E 37 -1.46 -11.24 23.34
CA ILE E 37 -1.70 -10.20 22.32
C ILE E 37 -1.28 -10.70 20.94
N MET E 38 -2.26 -10.83 20.05
CA MET E 38 -1.99 -11.36 18.72
C MET E 38 -2.04 -10.22 17.72
N GLY E 39 -1.00 -10.11 16.90
CA GLY E 39 -1.04 -9.14 15.81
C GLY E 39 -0.13 -7.94 15.91
N ILE E 40 0.86 -7.90 16.80
CA ILE E 40 1.89 -6.87 16.60
C ILE E 40 2.80 -7.12 15.40
N ALA E 41 2.95 -6.15 14.50
CA ALA E 41 3.95 -6.24 13.44
C ALA E 41 5.07 -5.19 13.57
N ASN E 42 4.73 -4.02 14.10
CA ASN E 42 5.70 -2.96 14.33
C ASN E 42 5.19 -1.96 15.37
N LYS E 43 5.92 -0.87 15.55
CA LYS E 43 5.61 0.06 16.63
C LYS E 43 4.28 0.80 16.36
N ARG E 44 3.79 0.79 15.13
CA ARG E 44 2.55 1.49 14.79
CA ARG E 44 2.54 1.50 14.82
C ARG E 44 1.33 0.55 14.91
N SER E 45 1.59 -0.75 15.09
CA SER E 45 0.49 -1.69 15.33
C SER E 45 -0.47 -1.27 16.44
N ILE E 46 -1.77 -1.35 16.14
CA ILE E 46 -2.77 -1.13 17.18
C ILE E 46 -2.48 -2.00 18.41
N ALA E 47 -2.12 -3.26 18.20
CA ALA E 47 -1.86 -4.15 19.35
C ALA E 47 -0.62 -3.76 20.17
N PHE E 48 0.27 -2.95 19.60
CA PHE E 48 1.38 -2.47 20.43
C PHE E 48 0.95 -1.28 21.32
N GLY E 49 -0.06 -0.52 20.87
CA GLY E 49 -0.74 0.40 21.78
C GLY E 49 -1.39 -0.35 22.94
N VAL E 50 -2.06 -1.45 22.60
CA VAL E 50 -2.64 -2.31 23.63
C VAL E 50 -1.52 -2.79 24.55
N ALA E 51 -0.45 -3.32 23.98
CA ALA E 51 0.66 -3.79 24.80
C ALA E 51 1.25 -2.75 25.78
N LYS E 52 1.64 -1.57 25.29
CA LYS E 52 2.09 -0.49 26.18
C LYS E 52 1.18 -0.17 27.36
N VAL E 53 -0.13 -0.12 27.12
CA VAL E 53 -1.05 0.14 28.22
C VAL E 53 -1.02 -1.00 29.26
N LEU E 54 -1.25 -2.24 28.80
CA LEU E 54 -1.40 -3.34 29.73
C LEU E 54 -0.08 -3.51 30.46
N ASP E 55 1.01 -3.21 29.77
CA ASP E 55 2.31 -3.33 30.38
C ASP E 55 2.46 -2.29 31.47
N GLN E 56 2.10 -1.04 31.17
CA GLN E 56 2.14 0.02 32.17
CA GLN E 56 2.15 0.03 32.17
C GLN E 56 1.31 -0.35 33.39
N LEU E 57 0.23 -1.12 33.19
CA LEU E 57 -0.65 -1.50 34.30
C LEU E 57 -0.20 -2.76 35.05
N GLY E 58 0.97 -3.27 34.70
CA GLY E 58 1.51 -4.40 35.44
C GLY E 58 1.15 -5.80 34.94
N ALA E 59 0.45 -5.94 33.81
CA ALA E 59 0.16 -7.26 33.25
C ALA E 59 1.43 -7.97 32.75
N LYS E 60 1.48 -9.28 32.88
CA LYS E 60 2.45 -10.11 32.15
C LYS E 60 1.83 -10.40 30.80
N LEU E 61 2.63 -10.22 29.75
CA LEU E 61 2.16 -10.33 28.37
C LEU E 61 2.89 -11.39 27.54
N VAL E 62 2.14 -12.07 26.66
CA VAL E 62 2.63 -13.12 25.79
C VAL E 62 2.27 -12.62 24.42
N PHE E 63 3.16 -12.80 23.44
CA PHE E 63 2.89 -12.21 22.11
C PHE E 63 2.89 -13.27 21.04
N THR E 64 2.03 -13.12 20.03
CA THR E 64 2.07 -14.04 18.93
C THR E 64 2.25 -13.31 17.59
N TYR E 65 2.91 -13.97 16.62
CA TYR E 65 3.23 -13.31 15.34
C TYR E 65 3.05 -14.31 14.20
N ARG E 66 2.95 -13.81 12.97
CA ARG E 66 3.07 -14.64 11.78
C ARG E 66 4.50 -14.60 11.13
N LYS E 67 4.93 -13.47 10.59
CA LYS E 67 6.20 -13.38 9.89
C LYS E 67 7.39 -13.20 10.82
N GLU E 68 8.50 -13.78 10.38
CA GLU E 68 9.81 -13.68 11.02
CA GLU E 68 9.72 -13.68 11.16
C GLU E 68 10.08 -12.20 11.30
N ARG E 69 9.75 -11.36 10.31
CA ARG E 69 10.07 -9.94 10.43
C ARG E 69 9.33 -9.33 11.63
N SER E 70 8.12 -9.82 11.90
CA SER E 70 7.31 -9.33 13.03
C SER E 70 7.92 -9.75 14.36
N ARG E 71 8.42 -10.99 14.43
CA ARG E 71 9.06 -11.47 15.66
C ARG E 71 10.25 -10.57 15.95
N LYS E 72 10.98 -10.20 14.91
CA LYS E 72 12.16 -9.37 15.13
C LYS E 72 11.79 -7.98 15.67
N GLU E 73 10.76 -7.38 15.09
CA GLU E 73 10.21 -6.13 15.62
C GLU E 73 9.79 -6.28 17.09
N LEU E 74 9.14 -7.39 17.38
CA LEU E 74 8.71 -7.69 18.75
C LEU E 74 9.91 -7.75 19.67
N GLU E 75 11.01 -8.36 19.25
CA GLU E 75 12.15 -8.40 20.14
C GLU E 75 12.65 -6.98 20.48
N LYS E 76 12.65 -6.10 19.50
CA LYS E 76 13.10 -4.71 19.65
C LYS E 76 12.09 -3.88 20.47
N LEU E 77 10.79 -4.14 20.28
CA LEU E 77 9.77 -3.39 20.98
C LEU E 77 9.67 -3.75 22.48
N LEU E 78 9.89 -5.03 22.80
CA LEU E 78 10.03 -5.48 24.19
C LEU E 78 10.99 -4.63 25.05
N GLU E 79 12.09 -4.14 24.47
CA GLU E 79 13.01 -3.23 25.17
C GLU E 79 12.37 -1.93 25.72
N GLN E 80 11.23 -1.51 25.18
CA GLN E 80 10.48 -0.38 25.73
C GLN E 80 9.46 -0.76 26.79
N LEU E 81 9.24 -2.05 27.02
CA LEU E 81 8.22 -2.45 27.98
C LEU E 81 8.89 -2.90 29.25
N ASN E 82 8.10 -3.16 30.28
CA ASN E 82 8.63 -3.55 31.57
C ASN E 82 8.59 -5.06 31.66
N GLN E 83 8.26 -5.75 30.58
CA GLN E 83 8.19 -7.22 30.58
C GLN E 83 9.58 -7.73 30.81
N PRO E 84 9.83 -8.52 31.90
CA PRO E 84 11.14 -9.09 32.17
C PRO E 84 11.48 -10.36 31.37
N GLU E 85 10.51 -10.96 30.67
CA GLU E 85 10.78 -12.05 29.71
C GLU E 85 10.05 -11.79 28.41
N ALA E 86 10.68 -12.20 27.31
CA ALA E 86 10.09 -12.23 25.99
C ALA E 86 9.32 -13.54 25.83
N HIS E 87 7.99 -13.51 25.93
CA HIS E 87 7.25 -14.73 25.69
C HIS E 87 6.71 -14.69 24.26
N LEU E 88 7.41 -15.21 23.26
CA LEU E 88 7.01 -14.97 21.85
C LEU E 88 6.63 -16.22 21.09
N TYR E 89 5.45 -16.27 20.45
CA TYR E 89 5.02 -17.49 19.76
C TYR E 89 4.58 -17.25 18.33
N GLN E 90 5.04 -18.10 17.41
CA GLN E 90 4.64 -17.95 16.02
C GLN E 90 3.29 -18.63 15.84
N ILE E 91 2.26 -17.87 15.44
CA ILE E 91 0.98 -18.48 15.13
C ILE E 91 0.39 -17.81 13.93
N ASP E 92 0.29 -18.58 12.85
CA ASP E 92 -0.43 -18.18 11.65
C ASP E 92 -1.85 -18.70 11.74
N VAL E 93 -2.81 -17.79 11.89
CA VAL E 93 -4.14 -18.24 12.27
C VAL E 93 -4.82 -18.98 11.12
N GLN E 94 -4.16 -19.09 9.96
CA GLN E 94 -4.66 -19.95 8.89
C GLN E 94 -4.47 -21.42 9.14
N SER E 95 -3.73 -21.75 10.20
CA SER E 95 -3.42 -23.16 10.49
C SER E 95 -4.01 -23.57 11.84
N ASP E 96 -4.93 -24.53 11.85
CA ASP E 96 -5.48 -24.96 13.11
C ASP E 96 -4.38 -25.47 14.01
N GLU E 97 -3.50 -26.32 13.49
CA GLU E 97 -2.36 -26.89 14.25
CA GLU E 97 -2.44 -26.90 14.36
C GLU E 97 -1.52 -25.82 14.95
N GLU E 98 -1.31 -24.70 14.27
CA GLU E 98 -0.42 -23.70 14.86
C GLU E 98 -1.14 -22.96 16.00
N VAL E 99 -2.44 -22.70 15.84
CA VAL E 99 -3.28 -22.12 16.91
C VAL E 99 -3.39 -23.09 18.08
N ILE E 100 -3.70 -24.37 17.78
CA ILE E 100 -3.82 -25.37 18.85
C ILE E 100 -2.48 -25.53 19.56
N ASN E 101 -1.40 -25.72 18.81
CA ASN E 101 -0.07 -25.96 19.41
C ASN E 101 0.56 -24.74 20.08
N GLY E 102 0.24 -23.54 19.56
CA GLY E 102 0.63 -22.25 20.15
C GLY E 102 0.08 -21.98 21.55
N PHE E 103 -1.24 -22.10 21.68
CA PHE E 103 -1.90 -21.90 22.97
C PHE E 103 -1.52 -23.07 23.89
N GLU E 104 -1.47 -24.29 23.38
CA GLU E 104 -0.97 -25.31 24.24
C GLU E 104 0.41 -24.95 24.83
N GLN E 105 1.35 -24.53 23.99
CA GLN E 105 2.69 -24.14 24.50
C GLN E 105 2.64 -22.99 25.52
N ILE E 106 1.91 -21.94 25.17
CA ILE E 106 1.63 -20.85 26.09
C ILE E 106 1.20 -21.33 27.49
N GLY E 107 0.24 -22.24 27.56
CA GLY E 107 -0.23 -22.70 28.86
C GLY E 107 0.87 -23.48 29.57
N LYS E 108 1.70 -24.17 28.80
CA LYS E 108 2.81 -24.88 29.37
C LYS E 108 3.86 -23.89 29.88
N ASP E 109 4.09 -22.77 29.20
CA ASP E 109 5.12 -21.82 29.60
C ASP E 109 4.74 -20.84 30.70
N VAL E 110 3.53 -20.31 30.66
CA VAL E 110 3.10 -19.28 31.61
C VAL E 110 1.85 -19.66 32.44
N GLY E 111 1.20 -20.78 32.12
CA GLY E 111 0.06 -21.22 32.94
C GLY E 111 -1.24 -20.64 32.42
N ASN E 112 -2.21 -20.48 33.31
CA ASN E 112 -3.50 -19.96 32.91
C ASN E 112 -3.44 -18.47 32.60
N ILE E 113 -4.31 -18.01 31.71
CA ILE E 113 -4.28 -16.60 31.30
C ILE E 113 -5.60 -15.94 31.63
N ASP E 114 -5.60 -14.62 31.52
CA ASP E 114 -6.80 -13.85 31.84
C ASP E 114 -7.53 -13.26 30.63
N GLY E 115 -6.90 -13.29 29.46
CA GLY E 115 -7.64 -12.78 28.27
C GLY E 115 -6.79 -12.78 27.03
N VAL E 116 -7.39 -12.48 25.87
CA VAL E 116 -6.67 -12.44 24.61
C VAL E 116 -7.11 -11.18 23.92
N TYR E 117 -6.14 -10.42 23.40
CA TYR E 117 -6.42 -9.31 22.49
C TYR E 117 -6.12 -9.76 21.04
N HIS E 118 -7.12 -9.76 20.17
CA HIS E 118 -6.97 -10.24 18.82
C HIS E 118 -6.95 -9.05 17.84
N SER E 119 -5.85 -8.90 17.12
CA SER E 119 -5.61 -7.71 16.33
C SER E 119 -5.15 -8.17 14.95
N ILE E 120 -5.94 -9.03 14.32
CA ILE E 120 -5.47 -9.68 13.10
C ILE E 120 -6.49 -9.53 11.99
N ALA E 121 -6.07 -9.11 10.80
CA ALA E 121 -6.95 -9.19 9.63
C ALA E 121 -6.11 -9.27 8.37
N PHE E 122 -6.68 -9.73 7.26
CA PHE E 122 -6.00 -9.72 5.96
C PHE E 122 -6.98 -9.83 4.80
N ALA E 123 -6.64 -9.25 3.66
CA ALA E 123 -7.35 -9.47 2.42
C ALA E 123 -6.35 -9.20 1.28
N ASN E 124 -6.58 -9.71 0.07
CA ASN E 124 -5.75 -9.28 -1.04
C ASN E 124 -6.03 -7.83 -1.42
N MET E 125 -4.98 -7.06 -1.66
N MET E 125 -4.92 -7.12 -1.60
CA MET E 125 -5.11 -5.77 -2.33
CA MET E 125 -4.83 -5.75 -2.12
C MET E 125 -5.84 -5.90 -3.67
C MET E 125 -5.99 -5.32 -2.99
N GLU E 126 -5.59 -7.02 -4.32
N GLU E 126 -6.12 -5.94 -4.16
CA GLU E 126 -6.25 -7.47 -5.55
CA GLU E 126 -7.09 -5.47 -5.14
C GLU E 126 -7.77 -7.40 -5.52
C GLU E 126 -8.52 -5.62 -4.68
N ASP E 127 -8.35 -7.92 -4.45
N ASP E 127 -8.68 -5.95 -3.40
CA ASP E 127 -9.78 -7.72 -4.21
CA ASP E 127 -9.99 -6.10 -2.79
C ASP E 127 -10.15 -6.35 -3.61
C ASP E 127 -10.27 -4.97 -1.79
N LEU E 128 -9.31 -5.81 -2.74
N LEU E 128 -9.49 -3.90 -1.83
CA LEU E 128 -9.60 -4.53 -2.09
CA LEU E 128 -9.63 -2.77 -0.89
C LEU E 128 -9.72 -3.35 -3.05
C LEU E 128 -9.64 -1.37 -1.55
N ARG E 129 -8.80 -3.27 -4.01
N ARG E 129 -10.26 -1.36 -2.74
CA ARG E 129 -8.67 -2.14 -4.93
CA ARG E 129 -10.31 -0.27 -3.73
C ARG E 129 -9.50 -2.33 -6.20
C ARG E 129 -11.27 -0.68 -4.85
N GLY E 130 -10.30 -3.39 -6.26
N GLY E 130 -11.85 0.30 -5.54
CA GLY E 130 -11.28 -3.58 -7.33
CA GLY E 130 -12.66 0.03 -6.72
C GLY E 130 -12.66 -3.33 -6.80
C GLY E 130 -13.95 -0.69 -6.32
N ARG E 131 -13.67 -3.33 -7.69
N ARG E 131 -14.25 -1.79 -7.02
CA ARG E 131 -15.08 -3.11 -7.33
CA ARG E 131 -15.56 -2.42 -7.04
C ARG E 131 -15.55 -4.21 -6.38
C ARG E 131 -15.63 -3.83 -6.47
N PHE E 132 -16.41 -3.93 -5.40
CA PHE E 132 -16.74 -5.08 -4.56
C PHE E 132 -17.41 -6.25 -5.33
N SER E 133 -18.25 -5.91 -6.30
CA SER E 133 -18.99 -6.96 -7.00
C SER E 133 -18.00 -7.80 -7.79
N GLU E 134 -16.71 -7.44 -7.78
CA GLU E 134 -15.78 -8.18 -8.65
C GLU E 134 -14.87 -9.01 -7.80
N THR E 135 -15.09 -8.97 -6.47
CA THR E 135 -14.31 -9.78 -5.57
C THR E 135 -14.25 -11.27 -5.97
N SER E 136 -13.08 -11.89 -5.81
CA SER E 136 -12.95 -13.32 -6.12
C SER E 136 -13.46 -14.15 -4.93
N ARG E 137 -13.91 -15.36 -5.23
CA ARG E 137 -14.26 -16.35 -4.25
C ARG E 137 -13.11 -16.59 -3.29
N GLU E 138 -11.90 -16.79 -3.85
CA GLU E 138 -10.76 -17.23 -3.03
C GLU E 138 -10.36 -16.07 -2.13
N GLY E 139 -10.44 -14.86 -2.68
CA GLY E 139 -10.17 -13.62 -1.98
C GLY E 139 -11.20 -13.30 -0.90
N PHE E 140 -12.49 -13.56 -1.14
CA PHE E 140 -13.54 -13.41 -0.11
C PHE E 140 -13.34 -14.38 1.04
N LEU E 141 -13.02 -15.62 0.70
CA LEU E 141 -12.93 -16.65 1.70
C LEU E 141 -11.65 -16.46 2.52
N LEU E 142 -10.57 -16.02 1.88
CA LEU E 142 -9.31 -15.66 2.60
C LEU E 142 -9.54 -14.59 3.67
N ALA E 143 -10.26 -13.53 3.28
CA ALA E 143 -10.54 -12.48 4.25
C ALA E 143 -11.36 -13.02 5.41
N GLN E 144 -12.38 -13.86 5.12
CA GLN E 144 -13.19 -14.44 6.22
C GLN E 144 -12.37 -15.34 7.15
N ASP E 145 -11.51 -16.16 6.54
CA ASP E 145 -10.64 -17.09 7.26
C ASP E 145 -9.75 -16.37 8.28
N ILE E 146 -8.99 -15.39 7.79
CA ILE E 146 -8.04 -14.75 8.65
C ILE E 146 -8.71 -13.74 9.60
N SER E 147 -9.75 -13.07 9.11
CA SER E 147 -10.20 -11.87 9.80
C SER E 147 -11.37 -12.17 10.70
N SER E 148 -11.98 -13.35 10.54
CA SER E 148 -13.15 -13.68 11.33
C SER E 148 -13.00 -15.05 11.97
N TYR E 149 -12.92 -16.10 11.14
CA TYR E 149 -12.88 -17.43 11.71
C TYR E 149 -11.74 -17.56 12.73
N SER E 150 -10.64 -16.86 12.52
CA SER E 150 -9.53 -16.95 13.45
C SER E 150 -9.92 -16.66 14.88
N LEU E 151 -10.89 -15.77 15.12
CA LEU E 151 -11.38 -15.51 16.48
C LEU E 151 -12.01 -16.73 17.15
N THR E 152 -12.85 -17.44 16.40
CA THR E 152 -13.55 -18.64 16.89
C THR E 152 -12.58 -19.72 17.38
N ILE E 153 -11.60 -20.03 16.52
CA ILE E 153 -10.62 -21.07 16.88
C ILE E 153 -9.68 -20.61 18.01
N VAL E 154 -9.21 -19.36 17.94
CA VAL E 154 -8.45 -18.79 19.06
C VAL E 154 -9.25 -18.84 20.38
N ALA E 155 -10.54 -18.48 20.33
CA ALA E 155 -11.38 -18.52 21.53
C ALA E 155 -11.45 -19.92 22.07
N HIS E 156 -11.70 -20.87 21.18
CA HIS E 156 -11.80 -22.25 21.54
C HIS E 156 -10.52 -22.72 22.24
N GLU E 157 -9.36 -22.34 21.68
CA GLU E 157 -8.08 -22.80 22.27
C GLU E 157 -7.76 -22.05 23.56
N ALA E 158 -8.05 -20.75 23.60
CA ALA E 158 -7.67 -19.92 24.75
C ALA E 158 -8.54 -20.25 25.97
N LYS E 159 -9.80 -20.59 25.71
CA LYS E 159 -10.73 -21.07 26.71
C LYS E 159 -10.11 -22.15 27.59
N LYS E 160 -9.26 -23.02 27.05
CA LYS E 160 -8.64 -24.08 27.86
C LYS E 160 -7.69 -23.54 28.94
N LEU E 161 -7.16 -22.32 28.72
CA LEU E 161 -6.24 -21.64 29.64
C LEU E 161 -6.98 -20.66 30.54
N MET E 162 -8.31 -20.68 30.46
CA MET E 162 -9.13 -19.81 31.32
C MET E 162 -10.22 -20.52 32.10
N PRO E 163 -9.87 -21.49 32.97
CA PRO E 163 -10.88 -22.24 33.73
C PRO E 163 -11.79 -21.39 34.59
N GLU E 164 -11.25 -20.28 35.08
CA GLU E 164 -11.92 -19.43 36.03
C GLU E 164 -12.67 -18.32 35.32
N GLY E 165 -12.63 -18.30 33.99
CA GLY E 165 -13.18 -17.17 33.26
C GLY E 165 -12.14 -16.23 32.70
N GLY E 166 -12.56 -15.27 31.87
CA GLY E 166 -11.60 -14.40 31.21
C GLY E 166 -12.23 -13.42 30.24
N SER E 167 -11.38 -12.74 29.49
CA SER E 167 -11.89 -11.72 28.57
C SER E 167 -11.24 -11.82 27.20
N ILE E 168 -12.03 -11.81 26.15
CA ILE E 168 -11.42 -11.82 24.81
C ILE E 168 -11.84 -10.60 23.99
N VAL E 169 -10.90 -9.88 23.39
CA VAL E 169 -11.27 -8.68 22.64
C VAL E 169 -10.74 -8.77 21.20
N ALA E 170 -11.54 -8.35 20.23
CA ALA E 170 -11.13 -8.31 18.83
C ALA E 170 -11.29 -6.88 18.29
N THR E 171 -10.50 -6.55 17.27
CA THR E 171 -10.47 -5.20 16.75
C THR E 171 -11.32 -5.16 15.50
N THR E 172 -12.30 -4.27 15.48
CA THR E 172 -13.11 -4.14 14.27
C THR E 172 -13.10 -2.70 13.69
N TYR E 173 -13.74 -2.49 12.56
CA TYR E 173 -13.85 -1.14 12.02
C TYR E 173 -15.33 -0.90 11.66
N LEU E 174 -15.74 0.37 11.66
CA LEU E 174 -17.07 0.83 11.22
C LEU E 174 -17.58 0.20 9.91
N GLY E 175 -16.67 -0.04 8.96
CA GLY E 175 -16.96 -0.70 7.67
C GLY E 175 -17.59 -2.11 7.78
N GLY E 176 -17.62 -2.70 8.97
CA GLY E 176 -18.42 -3.88 9.24
C GLY E 176 -19.88 -3.54 9.51
N GLU E 177 -20.17 -2.30 9.91
CA GLU E 177 -21.57 -1.91 10.14
C GLU E 177 -22.21 -1.19 8.98
N PHE E 178 -21.41 -0.60 8.08
CA PHE E 178 -21.91 0.30 7.05
C PHE E 178 -21.03 0.10 5.81
N ALA E 179 -21.56 0.34 4.62
CA ALA E 179 -20.75 0.22 3.40
C ALA E 179 -19.92 1.51 3.30
N VAL E 180 -18.61 1.33 3.31
CA VAL E 180 -17.66 2.43 3.30
C VAL E 180 -16.91 2.26 1.99
N GLN E 181 -16.57 3.37 1.35
CA GLN E 181 -15.89 3.23 0.07
CA GLN E 181 -15.80 3.37 0.10
C GLN E 181 -14.51 2.54 0.26
N ASN E 182 -14.22 1.64 -0.67
CA ASN E 182 -12.91 1.00 -0.76
C ASN E 182 -12.70 -0.14 0.21
N TYR E 183 -13.37 -0.16 1.37
CA TYR E 183 -13.17 -1.22 2.31
C TYR E 183 -13.68 -2.59 1.84
N ASN E 184 -14.72 -2.62 1.00
CA ASN E 184 -15.05 -3.81 0.21
C ASN E 184 -15.01 -5.16 0.96
N VAL E 185 -14.17 -6.10 0.57
CA VAL E 185 -14.26 -7.43 1.14
C VAL E 185 -13.97 -7.37 2.65
N MET E 186 -13.15 -6.43 3.10
CA MET E 186 -12.80 -6.41 4.51
C MET E 186 -14.05 -6.02 5.32
N GLY E 187 -14.95 -5.22 4.72
CA GLY E 187 -16.16 -4.81 5.45
C GLY E 187 -17.07 -5.99 5.74
N VAL E 188 -17.18 -6.88 4.76
CA VAL E 188 -17.99 -8.08 4.91
C VAL E 188 -17.30 -9.00 5.91
N ALA E 189 -15.97 -9.04 5.96
CA ALA E 189 -15.30 -9.83 7.02
C ALA E 189 -15.42 -9.25 8.42
N LYS E 190 -15.45 -7.93 8.54
CA LYS E 190 -15.63 -7.36 9.88
C LYS E 190 -17.08 -7.56 10.35
N ALA E 191 -18.01 -7.51 9.42
CA ALA E 191 -19.42 -7.77 9.73
C ALA E 191 -19.52 -9.19 10.35
N SER E 192 -18.84 -10.15 9.72
CA SER E 192 -18.74 -11.52 10.17
C SER E 192 -18.00 -11.55 11.52
N LEU E 193 -16.89 -10.85 11.63
CA LEU E 193 -16.19 -10.80 12.94
C LEU E 193 -17.11 -10.34 14.10
N GLU E 194 -17.80 -9.23 13.87
CA GLU E 194 -18.74 -8.70 14.86
C GLU E 194 -19.83 -9.70 15.30
N ALA E 195 -20.42 -10.43 14.35
CA ALA E 195 -21.38 -11.51 14.71
C ALA E 195 -20.69 -12.62 15.50
N ASN E 196 -19.44 -12.89 15.13
CA ASN E 196 -18.61 -13.93 15.71
C ASN E 196 -18.43 -13.60 17.19
N VAL E 197 -18.18 -12.33 17.49
CA VAL E 197 -18.12 -11.85 18.84
C VAL E 197 -19.41 -12.11 19.64
N LYS E 198 -20.58 -11.82 19.05
CA LYS E 198 -21.89 -12.01 19.69
C LYS E 198 -22.13 -13.51 19.90
N TYR E 199 -21.93 -14.34 18.88
CA TYR E 199 -22.11 -15.79 19.07
C TYR E 199 -21.12 -16.42 20.09
N LEU E 200 -19.87 -15.94 20.14
CA LEU E 200 -18.96 -16.42 21.16
C LEU E 200 -19.37 -15.97 22.58
N ALA E 201 -19.78 -14.70 22.74
CA ALA E 201 -20.27 -14.18 24.00
C ALA E 201 -21.39 -15.07 24.51
N LEU E 202 -22.34 -15.42 23.64
CA LEU E 202 -23.48 -16.25 24.04
C LEU E 202 -22.97 -17.65 24.39
N ASP E 203 -22.03 -18.20 23.62
CA ASP E 203 -21.54 -19.56 23.86
C ASP E 203 -20.71 -19.61 25.15
N LEU E 204 -19.83 -18.63 25.30
CA LEU E 204 -18.77 -18.75 26.29
C LEU E 204 -19.17 -18.10 27.60
N GLY E 205 -20.24 -17.30 27.57
CA GLY E 205 -20.75 -16.59 28.77
C GLY E 205 -20.98 -17.47 29.97
N PRO E 206 -21.56 -18.68 29.79
CA PRO E 206 -21.70 -19.47 31.03
C PRO E 206 -20.37 -19.91 31.57
N ASP E 207 -19.32 -19.82 30.77
CA ASP E 207 -17.98 -20.15 31.29
C ASP E 207 -17.31 -18.94 31.92
N ASN E 208 -18.06 -17.85 32.03
CA ASN E 208 -17.51 -16.60 32.56
C ASN E 208 -16.39 -16.01 31.70
N ILE E 209 -16.46 -16.25 30.39
CA ILE E 209 -15.53 -15.65 29.42
C ILE E 209 -16.35 -14.67 28.59
N ARG E 210 -15.91 -13.41 28.65
CA ARG E 210 -16.60 -12.31 28.03
C ARG E 210 -15.87 -12.08 26.72
N VAL E 211 -16.61 -11.66 25.69
CA VAL E 211 -16.02 -11.50 24.38
C VAL E 211 -16.65 -10.21 23.83
N ASN E 212 -15.79 -9.29 23.41
CA ASN E 212 -16.23 -7.94 23.00
C ASN E 212 -15.40 -7.50 21.78
N ALA E 213 -15.73 -6.36 21.19
CA ALA E 213 -15.00 -5.80 20.06
C ALA E 213 -14.72 -4.32 20.33
N ILE E 214 -13.55 -3.82 19.90
CA ILE E 214 -13.31 -2.37 19.82
C ILE E 214 -13.38 -2.02 18.32
N SER E 215 -14.32 -1.16 17.94
CA SER E 215 -14.31 -0.52 16.64
C SER E 215 -13.36 0.68 16.68
N ALA E 216 -12.18 0.52 16.09
CA ALA E 216 -11.23 1.61 16.11
C ALA E 216 -11.46 2.56 14.94
N GLY E 217 -11.24 3.85 15.19
CA GLY E 217 -11.17 4.85 14.14
C GLY E 217 -9.92 4.63 13.30
N PRO E 218 -9.83 5.30 12.14
CA PRO E 218 -8.64 5.05 11.29
C PRO E 218 -7.33 5.53 11.96
N ILE E 219 -6.29 4.69 11.93
CA ILE E 219 -5.00 4.96 12.56
C ILE E 219 -3.94 4.54 11.55
N ARG E 220 -2.91 5.36 11.31
CA ARG E 220 -1.84 5.01 10.38
C ARG E 220 -1.07 3.80 10.87
N THR E 221 -1.19 2.70 10.13
CA THR E 221 -0.48 1.47 10.42
C THR E 221 -0.07 0.89 9.08
N LEU E 222 0.78 -0.14 9.12
CA LEU E 222 1.25 -0.79 7.92
C LEU E 222 0.05 -1.33 7.10
N SER E 223 -0.93 -1.97 7.73
CA SER E 223 -2.11 -2.48 7.04
C SER E 223 -3.04 -1.42 6.46
N ALA E 224 -3.06 -0.23 7.07
CA ALA E 224 -3.84 0.86 6.53
C ALA E 224 -3.47 1.23 5.12
N LYS E 225 -2.24 0.88 4.70
CA LYS E 225 -1.77 1.20 3.34
C LYS E 225 -2.59 0.43 2.31
N GLY E 226 -3.25 -0.63 2.77
CA GLY E 226 -4.08 -1.44 1.87
C GLY E 226 -5.42 -0.82 1.56
N VAL E 227 -5.89 0.07 2.42
CA VAL E 227 -7.20 0.71 2.27
C VAL E 227 -7.15 1.93 1.31
N GLY E 228 -7.68 1.82 0.09
CA GLY E 228 -7.70 2.98 -0.78
C GLY E 228 -8.35 4.20 -0.12
N GLY E 229 -7.76 5.37 -0.24
CA GLY E 229 -8.48 6.55 0.16
C GLY E 229 -8.25 6.82 1.62
N PHE E 230 -7.28 6.13 2.20
CA PHE E 230 -7.10 6.18 3.66
C PHE E 230 -6.85 7.62 4.17
N ASN E 231 -6.06 8.42 3.48
CA ASN E 231 -5.80 9.76 3.99
C ASN E 231 -7.09 10.57 4.03
N THR E 232 -7.97 10.32 3.07
CA THR E 232 -9.29 10.96 3.04
C THR E 232 -10.19 10.56 4.20
N ILE E 233 -10.10 9.29 4.62
CA ILE E 233 -10.85 8.81 5.77
C ILE E 233 -10.38 9.56 7.01
N LEU E 234 -9.06 9.68 7.16
CA LEU E 234 -8.48 10.45 8.24
C LEU E 234 -8.96 11.89 8.29
N LYS E 235 -8.94 12.59 7.16
CA LYS E 235 -9.35 13.97 7.16
C LYS E 235 -10.83 14.08 7.54
N GLU E 236 -11.66 13.19 7.02
CA GLU E 236 -13.06 13.24 7.37
C GLU E 236 -13.31 13.12 8.88
N ILE E 237 -12.57 12.29 9.59
CA ILE E 237 -12.67 12.25 11.06
C ILE E 237 -12.37 13.61 11.66
N GLU E 238 -11.30 14.26 11.21
CA GLU E 238 -10.93 15.54 11.80
C GLU E 238 -12.02 16.55 11.61
N GLU E 239 -12.54 16.62 10.38
CA GLU E 239 -13.59 17.57 10.03
C GLU E 239 -14.96 17.28 10.64
N ARG E 240 -15.31 16.00 10.77
CA ARG E 240 -16.69 15.64 11.03
C ARG E 240 -16.97 14.96 12.37
N ALA E 241 -16.03 14.19 12.91
CA ALA E 241 -16.29 13.49 14.17
C ALA E 241 -16.48 14.43 15.35
N PRO E 242 -17.36 14.07 16.30
CA PRO E 242 -17.59 14.91 17.49
C PRO E 242 -16.30 15.51 18.08
N LEU E 243 -15.26 14.70 18.16
CA LEU E 243 -14.15 15.17 18.94
C LEU E 243 -13.25 15.94 17.98
N LYS E 244 -13.55 15.93 16.68
CA LYS E 244 -12.75 16.70 15.70
C LYS E 244 -11.25 16.41 15.73
N ARG E 245 -10.86 15.16 15.97
CA ARG E 245 -9.47 14.77 15.95
C ARG E 245 -9.46 13.26 15.75
N ASN E 246 -8.34 12.71 15.30
CA ASN E 246 -8.20 11.28 15.18
C ASN E 246 -7.86 10.64 16.50
N VAL E 247 -8.08 9.32 16.59
CA VAL E 247 -7.62 8.55 17.77
C VAL E 247 -6.22 7.97 17.56
N ASP E 248 -5.61 7.46 18.62
CA ASP E 248 -4.36 6.75 18.38
C ASP E 248 -4.40 5.36 19.02
N GLN E 249 -3.31 4.61 18.88
CA GLN E 249 -3.27 3.23 19.29
C GLN E 249 -3.36 3.09 20.82
N VAL E 250 -2.86 4.11 21.53
CA VAL E 250 -2.93 4.10 22.99
C VAL E 250 -4.37 4.29 23.50
N GLU E 251 -5.19 5.01 22.74
CA GLU E 251 -6.57 5.16 23.11
C GLU E 251 -7.29 3.84 22.95
N VAL E 252 -7.06 3.10 21.86
CA VAL E 252 -7.57 1.75 21.78
C VAL E 252 -7.06 0.92 22.95
N GLY E 253 -5.77 1.05 23.23
CA GLY E 253 -5.19 0.38 24.36
C GLY E 253 -5.92 0.62 25.65
N LYS E 254 -6.26 1.88 25.94
CA LYS E 254 -6.93 2.17 27.21
C LYS E 254 -8.33 1.53 27.29
N THR E 255 -9.09 1.52 26.19
CA THR E 255 -10.36 0.78 26.19
C THR E 255 -10.14 -0.75 26.26
N ALA E 256 -9.02 -1.26 25.75
CA ALA E 256 -8.76 -2.67 25.85
C ALA E 256 -8.47 -3.02 27.32
N ALA E 257 -7.79 -2.11 28.03
CA ALA E 257 -7.52 -2.40 29.43
C ALA E 257 -8.85 -2.55 30.20
N TYR E 258 -9.80 -1.67 29.89
CA TYR E 258 -11.11 -1.73 30.52
C TYR E 258 -11.81 -3.06 30.18
N LEU E 259 -11.85 -3.43 28.91
CA LEU E 259 -12.55 -4.63 28.48
C LEU E 259 -11.89 -5.93 28.96
N LEU E 260 -10.57 -5.91 29.10
CA LEU E 260 -9.83 -7.09 29.54
C LEU E 260 -9.79 -7.15 31.06
N SER E 261 -10.14 -6.08 31.75
CA SER E 261 -10.15 -6.16 33.22
C SER E 261 -11.55 -6.39 33.82
N ASP E 262 -11.60 -6.55 35.14
CA ASP E 262 -12.85 -6.65 35.91
C ASP E 262 -13.71 -5.36 35.89
N LEU E 263 -13.17 -4.23 35.43
CA LEU E 263 -13.95 -3.01 35.41
C LEU E 263 -15.16 -3.19 34.47
N SER E 264 -15.00 -4.08 33.47
CA SER E 264 -16.06 -4.34 32.51
C SER E 264 -16.79 -5.65 32.77
N SER E 265 -16.88 -6.05 34.03
N SER E 265 -16.93 -6.05 34.04
CA SER E 265 -17.71 -7.20 34.34
CA SER E 265 -17.32 -7.44 34.30
C SER E 265 -19.14 -6.78 34.04
C SER E 265 -18.79 -7.76 33.99
N GLY E 266 -19.94 -7.72 33.55
N GLY E 266 -19.54 -6.72 33.63
CA GLY E 266 -21.27 -7.36 33.08
CA GLY E 266 -20.97 -6.85 33.29
C GLY E 266 -21.29 -7.00 31.62
C GLY E 266 -21.22 -6.78 31.80
N VAL E 267 -20.14 -6.67 31.03
CA VAL E 267 -20.17 -6.29 29.61
C VAL E 267 -19.68 -7.42 28.69
N THR E 268 -20.51 -7.86 27.75
CA THR E 268 -20.14 -8.93 26.81
C THR E 268 -21.02 -8.84 25.55
N GLY E 269 -20.46 -9.28 24.43
CA GLY E 269 -21.13 -9.16 23.14
C GLY E 269 -21.25 -7.72 22.67
N GLU E 270 -20.43 -6.83 23.22
CA GLU E 270 -20.54 -5.42 22.99
C GLU E 270 -19.47 -4.99 21.96
N ASN E 271 -19.77 -3.90 21.26
CA ASN E 271 -18.83 -3.32 20.31
C ASN E 271 -18.52 -1.90 20.78
N ILE E 272 -17.34 -1.65 21.38
CA ILE E 272 -17.07 -0.27 21.81
C ILE E 272 -16.32 0.59 20.80
N HIS E 273 -16.90 1.72 20.36
CA HIS E 273 -16.30 2.54 19.29
C HIS E 273 -15.33 3.53 19.88
N VAL E 274 -14.04 3.37 19.54
CA VAL E 274 -12.98 4.29 19.93
C VAL E 274 -12.60 5.03 18.66
N ASP E 275 -13.42 6.01 18.30
CA ASP E 275 -13.37 6.61 17.01
C ASP E 275 -13.73 8.08 17.09
N SER E 276 -13.63 8.68 18.27
CA SER E 276 -13.87 10.12 18.43
C SER E 276 -15.35 10.47 18.26
N GLY E 277 -16.23 9.47 18.27
CA GLY E 277 -17.68 9.70 18.12
C GLY E 277 -18.22 9.59 16.71
N PHE E 278 -17.38 9.18 15.76
CA PHE E 278 -17.76 9.23 14.35
C PHE E 278 -18.95 8.30 14.09
N HIS E 279 -18.94 7.19 14.81
CA HIS E 279 -19.96 6.17 14.58
C HIS E 279 -21.36 6.74 14.85
N ALA E 280 -21.45 7.79 15.66
CA ALA E 280 -22.72 8.33 16.16
C ALA E 280 -23.30 9.41 15.25
N ILE E 281 -22.60 9.81 14.19
CA ILE E 281 -23.06 10.91 13.38
C ILE E 281 -23.28 10.48 11.95
N LYS E 282 -23.94 11.34 11.20
CA LYS E 282 -24.18 11.05 9.80
C LYS E 282 -24.21 12.35 9.02
N VAL F 28 -48.40 -4.64 -7.15
CA VAL F 28 -47.88 -3.81 -8.28
C VAL F 28 -48.65 -4.01 -9.63
N ASN F 29 -47.86 -4.12 -10.72
CA ASN F 29 -48.24 -4.65 -12.06
C ASN F 29 -46.93 -5.15 -12.78
N LEU F 30 -46.68 -6.45 -12.92
CA LEU F 30 -45.31 -6.86 -13.37
C LEU F 30 -45.19 -7.51 -14.75
N GLU F 31 -46.10 -7.18 -15.66
CA GLU F 31 -46.04 -7.72 -17.00
C GLU F 31 -44.79 -7.23 -17.72
N ASN F 32 -44.22 -8.08 -18.58
CA ASN F 32 -43.07 -7.61 -19.34
C ASN F 32 -41.79 -7.50 -18.51
N LYS F 33 -41.89 -7.78 -17.21
CA LYS F 33 -40.72 -8.03 -16.38
C LYS F 33 -40.34 -9.52 -16.35
N THR F 34 -39.03 -9.79 -16.28
CA THR F 34 -38.49 -11.12 -16.10
C THR F 34 -37.58 -11.17 -14.86
N TYR F 35 -37.77 -12.18 -14.01
CA TYR F 35 -36.99 -12.37 -12.80
C TYR F 35 -36.43 -13.80 -12.68
N VAL F 36 -35.21 -13.89 -12.12
CA VAL F 36 -34.56 -15.14 -11.83
C VAL F 36 -34.73 -15.46 -10.33
N ILE F 37 -35.23 -16.66 -10.05
CA ILE F 37 -35.49 -17.18 -8.70
C ILE F 37 -34.56 -18.36 -8.42
N MET F 38 -33.63 -18.13 -7.48
CA MET F 38 -32.69 -19.15 -7.05
C MET F 38 -33.05 -19.70 -5.69
N GLY F 39 -33.12 -21.03 -5.60
CA GLY F 39 -33.29 -21.71 -4.34
C GLY F 39 -34.67 -22.30 -4.07
N ILE F 40 -35.45 -22.57 -5.10
CA ILE F 40 -36.60 -23.47 -4.87
C ILE F 40 -36.23 -24.97 -4.79
N ALA F 41 -36.45 -25.60 -3.63
CA ALA F 41 -36.35 -27.06 -3.45
C ALA F 41 -37.70 -27.82 -3.49
N ASN F 42 -38.76 -27.21 -2.94
CA ASN F 42 -40.09 -27.83 -2.90
C ASN F 42 -41.18 -26.80 -2.63
N LYS F 43 -42.39 -27.27 -2.33
CA LYS F 43 -43.55 -26.38 -2.24
C LYS F 43 -43.45 -25.47 -1.02
N ARG F 44 -42.69 -25.86 0.00
CA ARG F 44 -42.53 -25.06 1.21
CA ARG F 44 -42.56 -25.03 1.19
C ARG F 44 -41.38 -24.02 1.10
N SER F 45 -40.54 -24.12 0.08
CA SER F 45 -39.47 -23.12 0.00
C SER F 45 -39.99 -21.69 0.03
N ILE F 46 -39.30 -20.82 0.76
CA ILE F 46 -39.60 -19.41 0.77
C ILE F 46 -39.64 -18.91 -0.68
N ALA F 47 -38.71 -19.37 -1.51
CA ALA F 47 -38.65 -18.91 -2.89
C ALA F 47 -39.90 -19.28 -3.69
N PHE F 48 -40.59 -20.37 -3.31
CA PHE F 48 -41.83 -20.72 -4.01
C PHE F 48 -42.94 -19.72 -3.65
N GLY F 49 -42.96 -19.25 -2.41
CA GLY F 49 -43.75 -18.07 -2.04
C GLY F 49 -43.54 -16.85 -2.91
N VAL F 50 -42.26 -16.50 -3.10
CA VAL F 50 -41.86 -15.44 -4.04
C VAL F 50 -42.39 -15.76 -5.45
N ALA F 51 -42.12 -16.97 -5.95
CA ALA F 51 -42.58 -17.35 -7.30
C ALA F 51 -44.10 -17.20 -7.48
N LYS F 52 -44.90 -17.71 -6.55
CA LYS F 52 -46.36 -17.58 -6.66
C LYS F 52 -46.79 -16.15 -6.77
N VAL F 53 -46.18 -15.28 -5.97
CA VAL F 53 -46.58 -13.86 -5.95
C VAL F 53 -46.16 -13.18 -7.26
N LEU F 54 -44.91 -13.37 -7.68
CA LEU F 54 -44.47 -12.72 -8.91
C LEU F 54 -45.23 -13.25 -10.13
N ASP F 55 -45.53 -14.55 -10.11
CA ASP F 55 -46.32 -15.16 -11.17
C ASP F 55 -47.71 -14.52 -11.28
N GLN F 56 -48.38 -14.44 -10.13
CA GLN F 56 -49.70 -13.83 -10.04
C GLN F 56 -49.67 -12.41 -10.61
N LEU F 57 -48.52 -11.74 -10.47
CA LEU F 57 -48.40 -10.33 -10.87
C LEU F 57 -48.04 -10.15 -12.35
N GLY F 58 -47.92 -11.23 -13.10
CA GLY F 58 -47.69 -11.14 -14.55
C GLY F 58 -46.26 -11.31 -15.04
N ALA F 59 -45.32 -11.49 -14.09
CA ALA F 59 -43.89 -11.65 -14.38
C ALA F 59 -43.56 -12.99 -15.08
N LYS F 60 -42.54 -12.95 -15.94
CA LYS F 60 -41.92 -14.14 -16.48
C LYS F 60 -40.83 -14.58 -15.52
N LEU F 61 -40.85 -15.85 -15.13
CA LEU F 61 -39.87 -16.37 -14.18
C LEU F 61 -38.92 -17.43 -14.76
N VAL F 62 -37.67 -17.28 -14.36
CA VAL F 62 -36.63 -18.24 -14.64
C VAL F 62 -36.25 -18.78 -13.28
N PHE F 63 -35.94 -20.08 -13.25
CA PHE F 63 -35.67 -20.72 -12.00
C PHE F 63 -34.30 -21.37 -12.01
N THR F 64 -33.56 -21.26 -10.91
CA THR F 64 -32.32 -22.01 -10.86
C THR F 64 -32.35 -23.00 -9.69
N TYR F 65 -31.68 -24.14 -9.87
CA TYR F 65 -31.67 -25.22 -8.86
C TYR F 65 -30.29 -25.90 -8.72
N ARG F 66 -30.07 -26.58 -7.60
CA ARG F 66 -28.84 -27.40 -7.43
C ARG F 66 -29.07 -28.90 -7.68
N LYS F 67 -29.93 -29.56 -6.87
CA LYS F 67 -30.11 -31.01 -6.98
C LYS F 67 -31.07 -31.34 -8.13
N GLU F 68 -30.85 -32.50 -8.77
CA GLU F 68 -31.80 -32.97 -9.77
CA GLU F 68 -31.78 -33.12 -9.72
C GLU F 68 -33.19 -33.14 -9.15
N ARG F 69 -33.27 -33.52 -7.87
CA ARG F 69 -34.55 -33.60 -7.18
C ARG F 69 -35.31 -32.25 -7.18
N SER F 70 -34.59 -31.15 -6.98
CA SER F 70 -35.22 -29.84 -6.92
C SER F 70 -35.74 -29.45 -8.30
N ARG F 71 -35.04 -29.85 -9.38
CA ARG F 71 -35.55 -29.63 -10.74
C ARG F 71 -36.87 -30.39 -10.98
N LYS F 72 -36.96 -31.60 -10.42
CA LYS F 72 -38.19 -32.41 -10.43
C LYS F 72 -39.41 -31.75 -9.74
N GLU F 73 -39.19 -31.25 -8.52
CA GLU F 73 -40.24 -30.49 -7.83
C GLU F 73 -40.65 -29.26 -8.65
N LEU F 74 -39.68 -28.54 -9.19
CA LEU F 74 -39.93 -27.39 -10.04
C LEU F 74 -40.86 -27.68 -11.20
N GLU F 75 -40.62 -28.79 -11.91
CA GLU F 75 -41.44 -29.12 -13.06
C GLU F 75 -42.88 -29.35 -12.55
N LYS F 76 -43.00 -29.94 -11.36
CA LYS F 76 -44.30 -30.27 -10.79
C LYS F 76 -44.97 -28.98 -10.28
N LEU F 77 -44.21 -28.10 -9.65
CA LEU F 77 -44.80 -26.87 -9.12
C LEU F 77 -45.13 -25.86 -10.21
N LEU F 78 -44.45 -25.94 -11.35
CA LEU F 78 -44.76 -25.06 -12.49
C LEU F 78 -46.20 -25.19 -13.00
N GLU F 79 -46.79 -26.36 -12.81
CA GLU F 79 -48.16 -26.64 -13.26
C GLU F 79 -49.17 -25.75 -12.53
N GLN F 80 -48.84 -25.33 -11.32
CA GLN F 80 -49.60 -24.40 -10.49
C GLN F 80 -49.49 -22.95 -10.91
N LEU F 81 -48.49 -22.63 -11.72
CA LEU F 81 -48.16 -21.25 -12.07
C LEU F 81 -48.72 -20.95 -13.45
N ASN F 82 -48.81 -19.69 -13.82
CA ASN F 82 -49.22 -19.38 -15.17
C ASN F 82 -48.02 -19.20 -16.09
N GLN F 83 -46.84 -19.68 -15.72
CA GLN F 83 -45.71 -19.57 -16.62
C GLN F 83 -45.96 -20.50 -17.77
N PRO F 84 -46.09 -19.98 -19.01
CA PRO F 84 -46.37 -20.90 -20.09
C PRO F 84 -45.11 -21.63 -20.53
N GLU F 85 -43.93 -21.11 -20.16
CA GLU F 85 -42.67 -21.73 -20.53
C GLU F 85 -41.87 -22.07 -19.26
N ALA F 86 -41.40 -23.32 -19.18
CA ALA F 86 -40.41 -23.67 -18.15
C ALA F 86 -39.04 -23.12 -18.55
N HIS F 87 -38.40 -22.33 -17.69
CA HIS F 87 -37.01 -21.95 -17.93
C HIS F 87 -36.25 -22.38 -16.67
N LEU F 88 -35.64 -23.56 -16.72
CA LEU F 88 -34.91 -24.12 -15.56
C LEU F 88 -33.43 -24.21 -15.83
N TYR F 89 -32.59 -23.81 -14.88
CA TYR F 89 -31.16 -23.87 -15.10
C TYR F 89 -30.49 -24.42 -13.84
N GLN F 90 -29.62 -25.41 -14.03
CA GLN F 90 -28.88 -25.91 -12.87
C GLN F 90 -27.73 -24.97 -12.52
N ILE F 91 -27.82 -24.35 -11.34
CA ILE F 91 -26.72 -23.54 -10.85
C ILE F 91 -26.36 -23.93 -9.43
N ASP F 92 -25.25 -24.64 -9.28
CA ASP F 92 -24.58 -24.72 -7.99
C ASP F 92 -23.75 -23.46 -7.74
N VAL F 93 -24.17 -22.63 -6.79
CA VAL F 93 -23.43 -21.40 -6.52
C VAL F 93 -22.05 -21.62 -5.91
N GLN F 94 -21.65 -22.85 -5.65
CA GLN F 94 -20.25 -23.08 -5.31
C GLN F 94 -19.28 -22.96 -6.49
N SER F 95 -19.83 -23.14 -7.69
CA SER F 95 -19.04 -23.18 -8.91
C SER F 95 -19.21 -21.86 -9.66
N ASP F 96 -18.09 -21.16 -9.82
CA ASP F 96 -18.04 -19.94 -10.61
C ASP F 96 -18.59 -20.21 -12.00
N GLU F 97 -18.02 -21.22 -12.65
CA GLU F 97 -18.40 -21.49 -14.02
CA GLU F 97 -18.39 -21.64 -14.01
C GLU F 97 -19.89 -21.81 -14.15
N GLU F 98 -20.50 -22.40 -13.12
CA GLU F 98 -21.93 -22.68 -13.22
C GLU F 98 -22.76 -21.40 -13.13
N VAL F 99 -22.38 -20.49 -12.23
CA VAL F 99 -23.01 -19.16 -12.15
C VAL F 99 -22.81 -18.36 -13.45
N ILE F 100 -21.57 -18.31 -13.93
CA ILE F 100 -21.26 -17.57 -15.12
C ILE F 100 -21.99 -18.14 -16.35
N ASN F 101 -21.86 -19.44 -16.58
CA ASN F 101 -22.49 -20.08 -17.73
C ASN F 101 -24.01 -20.08 -17.63
N GLY F 102 -24.56 -20.25 -16.43
CA GLY F 102 -26.01 -20.23 -16.23
C GLY F 102 -26.57 -18.86 -16.58
N PHE F 103 -26.04 -17.78 -16.03
CA PHE F 103 -26.62 -16.47 -16.43
C PHE F 103 -26.39 -16.13 -17.90
N GLU F 104 -25.27 -16.51 -18.46
CA GLU F 104 -25.08 -16.27 -19.89
C GLU F 104 -26.13 -16.98 -20.73
N GLN F 105 -26.42 -18.24 -20.42
CA GLN F 105 -27.49 -18.97 -21.10
C GLN F 105 -28.87 -18.33 -20.85
N ILE F 106 -29.13 -17.91 -19.61
CA ILE F 106 -30.37 -17.24 -19.30
C ILE F 106 -30.55 -16.05 -20.23
N GLY F 107 -29.47 -15.29 -20.42
CA GLY F 107 -29.50 -14.13 -21.32
C GLY F 107 -29.74 -14.48 -22.78
N LYS F 108 -29.16 -15.59 -23.23
CA LYS F 108 -29.42 -16.04 -24.59
C LYS F 108 -30.85 -16.51 -24.76
N ASP F 109 -31.50 -16.96 -23.70
CA ASP F 109 -32.80 -17.59 -23.87
C ASP F 109 -33.94 -16.61 -23.60
N VAL F 110 -33.85 -15.82 -22.53
CA VAL F 110 -34.92 -14.85 -22.25
C VAL F 110 -34.54 -13.38 -22.47
N GLY F 111 -33.30 -13.09 -22.85
CA GLY F 111 -32.92 -11.69 -23.03
C GLY F 111 -32.57 -11.08 -21.68
N ASN F 112 -32.59 -9.74 -21.57
CA ASN F 112 -32.33 -9.03 -20.30
C ASN F 112 -33.38 -9.27 -19.21
N ILE F 113 -32.96 -9.22 -17.94
CA ILE F 113 -33.82 -9.54 -16.81
C ILE F 113 -33.97 -8.29 -15.96
N ASP F 114 -34.99 -8.27 -15.11
CA ASP F 114 -35.24 -7.16 -14.20
C ASP F 114 -34.78 -7.35 -12.75
N GLY F 115 -34.41 -8.54 -12.30
CA GLY F 115 -33.97 -8.74 -10.91
C GLY F 115 -33.73 -10.20 -10.58
N VAL F 116 -33.22 -10.47 -9.37
CA VAL F 116 -32.90 -11.81 -8.94
C VAL F 116 -33.41 -11.88 -7.50
N TYR F 117 -34.08 -12.98 -7.18
CA TYR F 117 -34.41 -13.32 -5.82
C TYR F 117 -33.44 -14.44 -5.40
N HIS F 118 -32.61 -14.17 -4.40
CA HIS F 118 -31.64 -15.14 -3.94
C HIS F 118 -32.16 -15.72 -2.64
N SER F 119 -32.26 -17.05 -2.58
CA SER F 119 -32.91 -17.74 -1.47
C SER F 119 -32.09 -18.99 -1.11
N ILE F 120 -30.80 -18.82 -0.98
CA ILE F 120 -29.86 -19.95 -0.95
C ILE F 120 -29.04 -19.79 0.32
N ALA F 121 -28.87 -20.88 1.05
CA ALA F 121 -27.98 -20.90 2.20
C ALA F 121 -27.76 -22.36 2.54
N PHE F 122 -26.64 -22.60 3.22
CA PHE F 122 -26.27 -23.93 3.59
C PHE F 122 -25.16 -23.87 4.62
N ALA F 123 -25.20 -24.79 5.59
CA ALA F 123 -24.14 -25.07 6.56
C ALA F 123 -24.26 -26.57 6.88
N ASN F 124 -23.17 -27.20 7.29
CA ASN F 124 -23.25 -28.53 7.92
C ASN F 124 -24.06 -28.56 9.22
N MET F 125 -24.89 -29.60 9.31
N MET F 125 -24.98 -29.54 9.26
CA MET F 125 -25.50 -29.98 10.57
CA MET F 125 -25.87 -29.80 10.39
C MET F 125 -24.50 -30.24 11.70
C MET F 125 -25.29 -29.53 11.77
N GLU F 126 -23.36 -30.84 11.37
N GLU F 126 -24.18 -30.19 12.07
CA GLU F 126 -22.35 -31.13 12.40
CA GLU F 126 -23.56 -30.14 13.39
C GLU F 126 -21.78 -29.84 13.04
C GLU F 126 -23.20 -28.73 13.81
N ASP F 127 -21.68 -28.76 12.30
N ASP F 127 -23.45 -27.77 12.93
CA ASP F 127 -21.25 -27.51 12.91
CA ASP F 127 -23.15 -26.39 13.21
C ASP F 127 -22.43 -26.86 13.62
C ASP F 127 -24.42 -25.55 13.43
N LEU F 128 -23.59 -26.89 12.98
N LEU F 128 -25.44 -26.14 14.06
CA LEU F 128 -24.83 -26.33 13.56
CA LEU F 128 -26.74 -25.46 14.12
C LEU F 128 -25.20 -26.84 14.95
C LEU F 128 -27.55 -25.86 15.35
N ARG F 129 -25.04 -28.14 15.17
N ARG F 129 -26.80 -26.08 16.43
CA ARG F 129 -25.47 -28.78 16.42
CA ARG F 129 -27.21 -26.81 17.63
C ARG F 129 -24.29 -29.00 17.39
C ARG F 129 -26.02 -26.95 18.57
N GLY F 130 -23.31 -28.12 17.37
N GLY F 130 -26.26 -26.82 19.88
CA GLY F 130 -22.24 -28.14 18.35
CA GLY F 130 -25.17 -26.73 20.85
C GLY F 130 -22.26 -26.74 18.97
C GLY F 130 -24.26 -25.51 20.71
N ARG F 131 -21.42 -26.52 19.97
N ARG F 131 -23.03 -25.76 20.30
CA ARG F 131 -21.21 -25.16 20.51
CA ARG F 131 -21.92 -24.84 20.58
C ARG F 131 -20.62 -24.32 19.40
C ARG F 131 -21.19 -24.36 19.32
N PHE F 132 -20.99 -23.05 19.28
CA PHE F 132 -20.48 -22.28 18.16
C PHE F 132 -18.95 -22.19 18.24
N SER F 133 -18.40 -22.21 19.46
CA SER F 133 -16.95 -22.06 19.59
C SER F 133 -16.27 -23.30 19.02
N GLU F 134 -17.03 -24.38 18.78
CA GLU F 134 -16.44 -25.61 18.29
C GLU F 134 -16.51 -25.69 16.77
N THR F 135 -17.06 -24.69 16.09
CA THR F 135 -17.23 -24.74 14.64
C THR F 135 -15.90 -25.04 13.90
N SER F 136 -15.93 -25.87 12.85
CA SER F 136 -14.74 -26.22 12.12
C SER F 136 -14.47 -25.09 11.12
N ARG F 137 -13.22 -24.90 10.76
CA ARG F 137 -12.82 -23.99 9.68
C ARG F 137 -13.49 -24.33 8.33
N GLU F 138 -13.52 -25.61 7.95
CA GLU F 138 -14.05 -25.91 6.62
C GLU F 138 -15.56 -25.61 6.60
N GLY F 139 -16.23 -25.86 7.72
CA GLY F 139 -17.68 -25.63 7.81
C GLY F 139 -18.04 -24.17 7.97
N PHE F 140 -17.17 -23.38 8.59
CA PHE F 140 -17.37 -21.95 8.65
C PHE F 140 -17.35 -21.35 7.25
N LEU F 141 -16.32 -21.73 6.48
CA LEU F 141 -16.06 -21.24 5.13
C LEU F 141 -17.09 -21.80 4.14
N LEU F 142 -17.50 -23.05 4.30
CA LEU F 142 -18.63 -23.56 3.52
C LEU F 142 -19.85 -22.64 3.63
N ALA F 143 -20.20 -22.30 4.88
CA ALA F 143 -21.39 -21.50 5.12
C ALA F 143 -21.26 -20.08 4.53
N GLN F 144 -20.08 -19.46 4.60
CA GLN F 144 -19.82 -18.18 3.96
C GLN F 144 -19.95 -18.28 2.45
N ASP F 145 -19.28 -19.30 1.89
CA ASP F 145 -19.25 -19.52 0.47
C ASP F 145 -20.68 -19.61 -0.11
N ILE F 146 -21.51 -20.49 0.44
CA ILE F 146 -22.79 -20.75 -0.17
C ILE F 146 -23.76 -19.64 0.19
N SER F 147 -23.68 -19.12 1.42
CA SER F 147 -24.75 -18.32 2.01
C SER F 147 -24.48 -16.83 1.85
N SER F 148 -23.22 -16.45 1.63
CA SER F 148 -22.89 -15.03 1.50
C SER F 148 -22.18 -14.70 0.16
N TYR F 149 -21.06 -15.37 -0.11
CA TYR F 149 -20.31 -15.07 -1.32
C TYR F 149 -21.16 -15.26 -2.56
N SER F 150 -22.04 -16.27 -2.56
CA SER F 150 -22.82 -16.56 -3.73
C SER F 150 -23.61 -15.34 -4.20
N LEU F 151 -24.06 -14.48 -3.29
CA LEU F 151 -24.75 -13.26 -3.73
C LEU F 151 -23.87 -12.33 -4.57
N THR F 152 -22.59 -12.28 -4.21
CA THR F 152 -21.64 -11.35 -4.83
C THR F 152 -21.43 -11.74 -6.29
N ILE F 153 -21.16 -13.03 -6.50
CA ILE F 153 -20.94 -13.52 -7.85
C ILE F 153 -22.24 -13.56 -8.69
N VAL F 154 -23.35 -13.91 -8.08
CA VAL F 154 -24.61 -13.84 -8.79
C VAL F 154 -24.87 -12.40 -9.29
N ALA F 155 -24.66 -11.43 -8.41
CA ALA F 155 -24.90 -10.01 -8.68
C ALA F 155 -24.00 -9.61 -9.84
N HIS F 156 -22.76 -10.11 -9.82
CA HIS F 156 -21.82 -9.71 -10.84
C HIS F 156 -22.27 -10.21 -12.22
N GLU F 157 -22.81 -11.43 -12.26
CA GLU F 157 -23.15 -12.06 -13.56
C GLU F 157 -24.53 -11.59 -14.01
N ALA F 158 -25.41 -11.39 -13.03
CA ALA F 158 -26.78 -10.89 -13.29
C ALA F 158 -26.78 -9.45 -13.79
N LYS F 159 -25.82 -8.65 -13.35
CA LYS F 159 -25.72 -7.26 -13.78
C LYS F 159 -25.53 -7.15 -15.30
N LYS F 160 -24.83 -8.09 -15.92
CA LYS F 160 -24.63 -8.09 -17.38
C LYS F 160 -25.97 -8.15 -18.10
N LEU F 161 -26.98 -8.67 -17.43
CA LEU F 161 -28.33 -8.75 -17.97
C LEU F 161 -29.22 -7.61 -17.52
N MET F 162 -28.64 -6.63 -16.82
CA MET F 162 -29.43 -5.49 -16.40
C MET F 162 -28.83 -4.14 -16.85
N PRO F 163 -28.75 -3.93 -18.17
CA PRO F 163 -28.06 -2.74 -18.66
C PRO F 163 -28.76 -1.43 -18.28
N GLU F 164 -30.07 -1.42 -18.06
CA GLU F 164 -30.67 -0.23 -17.45
C GLU F 164 -31.10 -0.36 -16.00
N GLY F 165 -30.58 -1.34 -15.28
CA GLY F 165 -30.87 -1.40 -13.84
C GLY F 165 -31.87 -2.49 -13.47
N GLY F 166 -31.97 -2.77 -12.17
CA GLY F 166 -32.88 -3.80 -11.72
C GLY F 166 -32.69 -3.93 -10.24
N SER F 167 -32.96 -5.13 -9.74
CA SER F 167 -33.16 -5.24 -8.31
C SER F 167 -32.74 -6.63 -7.88
N ILE F 168 -32.01 -6.70 -6.77
CA ILE F 168 -31.58 -7.98 -6.31
C ILE F 168 -31.97 -8.10 -4.85
N VAL F 169 -32.61 -9.21 -4.50
CA VAL F 169 -33.08 -9.38 -3.16
C VAL F 169 -32.52 -10.70 -2.63
N ALA F 170 -31.92 -10.67 -1.44
CA ALA F 170 -31.48 -11.88 -0.73
C ALA F 170 -32.33 -12.14 0.54
N THR F 171 -32.34 -13.40 0.98
CA THR F 171 -33.12 -13.75 2.15
C THR F 171 -32.22 -13.89 3.36
N THR F 172 -32.52 -13.14 4.42
CA THR F 172 -31.75 -13.30 5.66
C THR F 172 -32.61 -13.66 6.87
N TYR F 173 -32.01 -13.65 8.05
CA TYR F 173 -32.72 -14.03 9.28
C TYR F 173 -32.13 -13.19 10.41
N LEU F 174 -32.94 -12.86 11.41
CA LEU F 174 -32.57 -12.06 12.57
C LEU F 174 -31.29 -12.55 13.23
N GLY F 175 -30.98 -13.83 13.08
CA GLY F 175 -29.77 -14.41 13.71
C GLY F 175 -28.52 -13.79 13.09
N GLY F 176 -28.66 -13.07 11.95
CA GLY F 176 -27.56 -12.26 11.46
C GLY F 176 -27.28 -10.98 12.25
N GLU F 177 -28.25 -10.51 13.03
CA GLU F 177 -28.09 -9.24 13.72
C GLU F 177 -27.90 -9.43 15.23
N PHE F 178 -28.27 -10.59 15.77
CA PHE F 178 -28.28 -10.88 17.20
C PHE F 178 -27.82 -12.33 17.34
N ALA F 179 -27.19 -12.71 18.46
CA ALA F 179 -26.87 -14.09 18.65
C ALA F 179 -28.11 -14.82 19.14
N VAL F 180 -28.53 -15.83 18.40
CA VAL F 180 -29.74 -16.60 18.67
C VAL F 180 -29.25 -18.00 19.04
N GLN F 181 -29.87 -18.70 19.98
CA GLN F 181 -29.31 -20.01 20.34
CA GLN F 181 -29.53 -20.07 20.36
C GLN F 181 -29.48 -20.94 19.12
N ASN F 182 -28.47 -21.80 18.95
CA ASN F 182 -28.46 -22.81 17.88
C ASN F 182 -28.21 -22.37 16.44
N TYR F 183 -28.34 -21.09 16.12
CA TYR F 183 -28.21 -20.73 14.73
C TYR F 183 -26.73 -20.65 14.34
N ASN F 184 -25.89 -20.32 15.32
CA ASN F 184 -24.44 -20.56 15.29
C ASN F 184 -23.77 -20.12 13.97
N VAL F 185 -23.16 -21.03 13.24
CA VAL F 185 -22.34 -20.64 12.09
C VAL F 185 -23.20 -19.90 11.05
N MET F 186 -24.49 -20.23 11.02
CA MET F 186 -25.37 -19.63 10.01
C MET F 186 -25.67 -18.13 10.31
N GLY F 187 -25.61 -17.75 11.58
CA GLY F 187 -25.80 -16.36 12.00
C GLY F 187 -24.60 -15.52 11.56
N VAL F 188 -23.39 -16.05 11.73
CA VAL F 188 -22.22 -15.37 11.16
C VAL F 188 -22.29 -15.27 9.63
N ALA F 189 -22.81 -16.29 8.96
CA ALA F 189 -22.96 -16.22 7.51
C ALA F 189 -24.00 -15.17 7.17
N LYS F 190 -25.06 -15.02 7.96
CA LYS F 190 -26.11 -14.02 7.62
C LYS F 190 -25.66 -12.59 7.88
N ALA F 191 -24.85 -12.40 8.92
CA ALA F 191 -24.23 -11.11 9.17
C ALA F 191 -23.36 -10.69 7.96
N SER F 192 -22.59 -11.65 7.45
CA SER F 192 -21.76 -11.45 6.25
C SER F 192 -22.67 -11.10 5.03
N LEU F 193 -23.75 -11.84 4.89
CA LEU F 193 -24.68 -11.67 3.73
C LEU F 193 -25.31 -10.25 3.79
N GLU F 194 -25.68 -9.80 4.98
CA GLU F 194 -26.31 -8.49 5.14
C GLU F 194 -25.30 -7.36 4.85
N ALA F 195 -24.03 -7.56 5.18
CA ALA F 195 -23.00 -6.58 4.86
C ALA F 195 -22.78 -6.65 3.35
N ASN F 196 -22.81 -7.88 2.83
CA ASN F 196 -22.66 -8.16 1.38
C ASN F 196 -23.71 -7.30 0.66
N VAL F 197 -24.96 -7.37 1.09
CA VAL F 197 -26.00 -6.54 0.50
C VAL F 197 -25.68 -5.01 0.50
N LYS F 198 -25.10 -4.48 1.58
CA LYS F 198 -24.87 -3.03 1.68
C LYS F 198 -23.72 -2.71 0.73
N TYR F 199 -22.69 -3.56 0.72
CA TYR F 199 -21.53 -3.26 -0.11
C TYR F 199 -21.90 -3.37 -1.60
N LEU F 200 -22.78 -4.32 -1.95
CA LEU F 200 -23.23 -4.41 -3.34
C LEU F 200 -24.08 -3.21 -3.71
N ALA F 201 -24.88 -2.75 -2.73
CA ALA F 201 -25.81 -1.63 -2.95
C ALA F 201 -25.03 -0.37 -3.33
N LEU F 202 -23.93 -0.21 -2.60
CA LEU F 202 -23.01 0.91 -2.80
C LEU F 202 -22.39 0.76 -4.19
N ASP F 203 -21.85 -0.42 -4.51
CA ASP F 203 -21.09 -0.64 -5.77
C ASP F 203 -22.01 -0.54 -7.00
N LEU F 204 -23.24 -1.04 -6.86
CA LEU F 204 -24.09 -1.26 -8.06
C LEU F 204 -25.07 -0.12 -8.25
N GLY F 205 -25.29 0.63 -7.17
CA GLY F 205 -26.17 1.79 -7.14
C GLY F 205 -26.01 2.73 -8.34
N PRO F 206 -24.77 3.04 -8.76
CA PRO F 206 -24.67 3.87 -9.98
C PRO F 206 -25.09 3.17 -11.27
N ASP F 207 -25.28 1.86 -11.23
CA ASP F 207 -25.77 1.16 -12.43
C ASP F 207 -27.28 1.01 -12.35
N ASN F 208 -27.87 1.71 -11.39
CA ASN F 208 -29.31 1.64 -11.17
C ASN F 208 -29.74 0.21 -10.77
N ILE F 209 -28.88 -0.49 -10.04
CA ILE F 209 -29.27 -1.79 -9.51
C ILE F 209 -29.35 -1.63 -8.02
N ARG F 210 -30.53 -1.95 -7.49
CA ARG F 210 -30.79 -1.84 -6.07
C ARG F 210 -30.56 -3.23 -5.47
N VAL F 211 -29.97 -3.30 -4.27
CA VAL F 211 -29.79 -4.60 -3.63
C VAL F 211 -30.32 -4.47 -2.22
N ASN F 212 -31.15 -5.43 -1.80
CA ASN F 212 -31.77 -5.37 -0.50
C ASN F 212 -31.88 -6.83 0.02
N ALA F 213 -32.28 -6.95 1.27
CA ALA F 213 -32.48 -8.16 2.03
C ALA F 213 -33.93 -8.15 2.56
N ILE F 214 -34.54 -9.33 2.62
CA ILE F 214 -35.68 -9.59 3.49
C ILE F 214 -35.25 -10.47 4.67
N SER F 215 -35.52 -9.97 5.89
CA SER F 215 -35.23 -10.75 7.11
C SER F 215 -36.51 -11.51 7.47
N ALA F 216 -36.62 -12.74 7.03
CA ALA F 216 -37.88 -13.46 7.19
C ALA F 216 -37.93 -14.00 8.59
N GLY F 217 -39.14 -14.07 9.13
CA GLY F 217 -39.44 -14.81 10.36
C GLY F 217 -39.30 -16.31 10.10
N PRO F 218 -39.36 -17.13 11.19
CA PRO F 218 -39.16 -18.56 11.02
C PRO F 218 -40.35 -19.17 10.30
N ILE F 219 -40.05 -20.05 9.35
CA ILE F 219 -41.06 -20.68 8.53
C ILE F 219 -40.64 -22.13 8.37
N ARG F 220 -41.59 -23.03 8.55
CA ARG F 220 -41.38 -24.46 8.33
C ARG F 220 -41.03 -24.81 6.87
N THR F 221 -39.75 -25.04 6.59
CA THR F 221 -39.25 -25.43 5.27
C THR F 221 -38.33 -26.61 5.51
N LEU F 222 -37.88 -27.27 4.46
CA LEU F 222 -36.97 -28.42 4.58
C LEU F 222 -35.68 -28.01 5.29
N SER F 223 -35.18 -26.79 5.02
CA SER F 223 -33.92 -26.40 5.64
C SER F 223 -34.09 -26.04 7.10
N ALA F 224 -35.30 -25.73 7.56
CA ALA F 224 -35.46 -25.40 8.99
C ALA F 224 -35.17 -26.58 9.93
N LYS F 225 -35.22 -27.78 9.36
CA LYS F 225 -34.96 -28.98 10.11
C LYS F 225 -33.51 -29.01 10.60
N GLY F 226 -32.69 -28.09 10.08
CA GLY F 226 -31.29 -28.05 10.42
C GLY F 226 -31.13 -27.21 11.66
N VAL F 227 -32.15 -26.42 11.96
CA VAL F 227 -31.98 -25.48 13.04
C VAL F 227 -32.47 -26.07 14.36
N GLY F 228 -31.59 -26.33 15.32
CA GLY F 228 -32.04 -26.89 16.57
C GLY F 228 -33.05 -25.98 17.22
N GLY F 229 -34.07 -26.52 17.87
CA GLY F 229 -35.01 -25.70 18.62
C GLY F 229 -35.99 -24.94 17.75
N PHE F 230 -36.00 -25.22 16.43
CA PHE F 230 -36.94 -24.57 15.54
C PHE F 230 -38.38 -24.40 16.06
N ASN F 231 -38.99 -25.45 16.61
CA ASN F 231 -40.33 -25.32 17.14
C ASN F 231 -40.46 -24.31 18.27
N THR F 232 -39.53 -24.29 19.23
CA THR F 232 -39.67 -23.28 20.27
C THR F 232 -39.49 -21.84 19.71
N ILE F 233 -38.88 -21.70 18.52
CA ILE F 233 -38.69 -20.41 17.88
C ILE F 233 -40.03 -19.97 17.27
N LEU F 234 -40.69 -20.90 16.57
CA LEU F 234 -42.02 -20.68 16.01
C LEU F 234 -42.94 -20.18 17.10
N LYS F 235 -42.89 -20.88 18.22
CA LYS F 235 -43.85 -20.62 19.27
C LYS F 235 -43.54 -19.29 19.98
N GLU F 236 -42.27 -18.91 20.05
CA GLU F 236 -41.95 -17.65 20.71
C GLU F 236 -42.48 -16.48 19.91
N ILE F 237 -42.50 -16.63 18.58
CA ILE F 237 -43.02 -15.57 17.76
C ILE F 237 -44.51 -15.38 18.07
N GLU F 238 -45.30 -16.46 17.99
CA GLU F 238 -46.72 -16.40 18.32
C GLU F 238 -47.00 -15.76 19.67
N GLU F 239 -46.20 -16.08 20.68
CA GLU F 239 -46.48 -15.52 22.01
C GLU F 239 -45.98 -14.08 22.21
N ARG F 240 -44.90 -13.71 21.53
CA ARG F 240 -44.12 -12.51 21.89
C ARG F 240 -44.11 -11.40 20.84
N ALA F 241 -44.15 -11.76 19.56
CA ALA F 241 -44.08 -10.77 18.48
C ALA F 241 -45.32 -9.88 18.51
N PRO F 242 -45.18 -8.62 18.07
CA PRO F 242 -46.37 -7.75 18.04
C PRO F 242 -47.62 -8.38 17.38
N LEU F 243 -47.46 -9.10 16.28
CA LEU F 243 -48.68 -9.57 15.60
C LEU F 243 -49.15 -10.88 16.20
N LYS F 244 -48.36 -11.46 17.11
CA LYS F 244 -48.71 -12.70 17.79
C LYS F 244 -49.04 -13.82 16.83
N ARG F 245 -48.29 -13.95 15.75
CA ARG F 245 -48.56 -15.02 14.80
C ARG F 245 -47.29 -15.16 13.94
N ASN F 246 -47.12 -16.31 13.31
CA ASN F 246 -45.98 -16.55 12.45
C ASN F 246 -46.30 -16.06 11.04
N VAL F 247 -45.28 -15.86 10.20
CA VAL F 247 -45.51 -15.39 8.82
C VAL F 247 -45.42 -16.60 7.91
N ASP F 248 -45.74 -16.43 6.64
CA ASP F 248 -45.55 -17.51 5.70
C ASP F 248 -44.81 -17.06 4.48
N GLN F 249 -44.63 -18.01 3.56
CA GLN F 249 -43.80 -17.80 2.41
C GLN F 249 -44.39 -16.70 1.54
N VAL F 250 -45.72 -16.68 1.42
CA VAL F 250 -46.38 -15.69 0.58
C VAL F 250 -46.15 -14.24 1.09
N GLU F 251 -46.06 -14.07 2.41
CA GLU F 251 -45.86 -12.77 3.02
C GLU F 251 -44.46 -12.33 2.64
N VAL F 252 -43.53 -13.27 2.54
CA VAL F 252 -42.19 -12.90 2.10
C VAL F 252 -42.22 -12.48 0.63
N GLY F 253 -42.95 -13.27 -0.15
CA GLY F 253 -43.22 -13.02 -1.56
C GLY F 253 -43.84 -11.66 -1.87
N LYS F 254 -44.80 -11.21 -1.04
CA LYS F 254 -45.38 -9.89 -1.27
C LYS F 254 -44.37 -8.74 -1.02
N THR F 255 -43.52 -8.84 0.00
CA THR F 255 -42.44 -7.88 0.16
C THR F 255 -41.39 -8.02 -0.96
N ALA F 256 -41.12 -9.22 -1.48
CA ALA F 256 -40.19 -9.41 -2.58
C ALA F 256 -40.73 -8.63 -3.78
N ALA F 257 -42.02 -8.78 -4.04
CA ALA F 257 -42.64 -8.07 -5.16
C ALA F 257 -42.40 -6.56 -5.05
N TYR F 258 -42.56 -6.02 -3.85
CA TYR F 258 -42.33 -4.60 -3.56
C TYR F 258 -40.86 -4.22 -3.87
N LEU F 259 -39.94 -5.01 -3.33
CA LEU F 259 -38.52 -4.73 -3.56
C LEU F 259 -38.10 -4.95 -5.02
N LEU F 260 -38.67 -5.95 -5.71
CA LEU F 260 -38.27 -6.26 -7.09
C LEU F 260 -38.89 -5.28 -8.08
N SER F 261 -39.76 -4.37 -7.64
CA SER F 261 -40.57 -3.59 -8.57
C SER F 261 -40.23 -2.13 -8.38
N ASP F 262 -40.74 -1.31 -9.30
CA ASP F 262 -40.54 0.12 -9.23
C ASP F 262 -41.08 0.79 -7.96
N LEU F 263 -41.91 0.12 -7.19
CA LEU F 263 -42.46 0.71 -5.97
C LEU F 263 -41.37 1.04 -4.94
N SER F 264 -40.28 0.29 -4.95
CA SER F 264 -39.25 0.51 -3.95
C SER F 264 -38.08 1.27 -4.57
N SER F 265 -38.35 1.99 -5.66
N SER F 265 -38.35 2.09 -5.59
CA SER F 265 -37.34 2.93 -6.15
CA SER F 265 -37.28 2.69 -6.42
C SER F 265 -37.02 3.87 -4.99
C SER F 265 -36.20 3.48 -5.68
N GLY F 266 -35.74 4.18 -4.85
N GLY F 266 -36.55 4.05 -4.53
CA GLY F 266 -35.28 4.92 -3.69
CA GLY F 266 -35.61 4.82 -3.74
C GLY F 266 -34.82 4.02 -2.55
C GLY F 266 -34.99 4.04 -2.57
N VAL F 267 -35.08 2.73 -2.64
CA VAL F 267 -34.76 1.85 -1.52
C VAL F 267 -33.62 0.90 -1.88
N THR F 268 -32.47 1.04 -1.23
CA THR F 268 -31.36 0.12 -1.48
C THR F 268 -30.53 0.00 -0.21
N GLY F 269 -29.82 -1.10 -0.10
CA GLY F 269 -29.05 -1.36 1.11
C GLY F 269 -29.93 -1.62 2.31
N GLU F 270 -31.19 -1.98 2.10
CA GLU F 270 -32.15 -2.06 3.21
C GLU F 270 -32.41 -3.52 3.59
N ASN F 271 -32.76 -3.74 4.85
CA ASN F 271 -33.16 -5.05 5.35
C ASN F 271 -34.58 -4.90 5.89
N ILE F 272 -35.59 -5.44 5.19
CA ILE F 272 -36.98 -5.40 5.69
C ILE F 272 -37.37 -6.67 6.43
N HIS F 273 -37.79 -6.53 7.69
CA HIS F 273 -38.13 -7.69 8.50
C HIS F 273 -39.57 -8.11 8.23
N VAL F 274 -39.72 -9.30 7.65
CA VAL F 274 -41.04 -9.85 7.46
C VAL F 274 -41.25 -10.87 8.55
N ASP F 275 -41.50 -10.39 9.77
CA ASP F 275 -41.43 -11.24 10.94
C ASP F 275 -42.43 -10.93 12.06
N SER F 276 -43.60 -10.36 11.72
CA SER F 276 -44.62 -10.01 12.72
C SER F 276 -44.20 -8.96 13.76
N GLY F 277 -43.14 -8.22 13.44
CA GLY F 277 -42.59 -7.20 14.35
C GLY F 277 -41.61 -7.68 15.39
N PHE F 278 -41.25 -8.96 15.34
CA PHE F 278 -40.40 -9.55 16.40
C PHE F 278 -39.04 -8.86 16.53
N HIS F 279 -38.47 -8.40 15.43
CA HIS F 279 -37.18 -7.73 15.46
C HIS F 279 -37.26 -6.48 16.33
N ALA F 280 -38.46 -5.92 16.49
CA ALA F 280 -38.53 -4.61 17.13
C ALA F 280 -38.73 -4.70 18.63
N ILE F 281 -38.84 -5.89 19.20
CA ILE F 281 -39.16 -6.06 20.62
C ILE F 281 -38.02 -6.78 21.32
N LYS F 282 -37.95 -6.68 22.65
CA LYS F 282 -37.06 -7.53 23.44
C LYS F 282 -37.79 -8.04 24.69
N VAL G 28 -50.66 -4.28 -5.51
CA VAL G 28 -51.33 -3.13 -4.82
C VAL G 28 -52.45 -2.52 -5.70
N ASN G 29 -53.71 -2.88 -5.42
CA ASN G 29 -54.85 -2.06 -5.79
C ASN G 29 -55.71 -1.64 -4.58
N LEU G 30 -55.95 -0.35 -4.41
CA LEU G 30 -56.59 0.11 -3.19
C LEU G 30 -58.02 0.65 -3.31
N GLU G 31 -58.75 0.24 -4.33
CA GLU G 31 -60.18 0.55 -4.37
C GLU G 31 -60.91 0.01 -3.15
N ASN G 32 -61.82 0.78 -2.60
CA ASN G 32 -62.51 0.36 -1.37
C ASN G 32 -61.66 0.55 -0.12
N LYS G 33 -60.42 1.00 -0.25
CA LYS G 33 -59.68 1.45 0.90
C LYS G 33 -59.90 2.95 1.16
N THR G 34 -59.74 3.35 2.42
CA THR G 34 -59.84 4.74 2.82
C THR G 34 -58.66 4.99 3.75
N TYR G 35 -57.92 6.07 3.51
CA TYR G 35 -56.74 6.45 4.28
C TYR G 35 -56.83 7.94 4.65
N VAL G 36 -56.50 8.23 5.90
CA VAL G 36 -56.38 9.61 6.38
C VAL G 36 -54.94 10.08 6.20
N ILE G 37 -54.75 11.18 5.48
CA ILE G 37 -53.43 11.80 5.26
C ILE G 37 -53.29 13.13 6.02
N MET G 38 -52.41 13.16 7.02
CA MET G 38 -52.22 14.31 7.88
C MET G 38 -50.92 14.98 7.46
N GLY G 39 -50.98 16.29 7.17
CA GLY G 39 -49.74 17.05 6.97
C GLY G 39 -49.51 17.55 5.55
N ILE G 40 -50.55 17.67 4.72
CA ILE G 40 -50.37 18.43 3.48
C ILE G 40 -50.46 19.94 3.74
N ALA G 41 -49.43 20.67 3.31
CA ALA G 41 -49.45 22.14 3.31
C ALA G 41 -49.38 22.74 1.88
N ASN G 42 -48.71 22.05 0.95
CA ASN G 42 -48.69 22.51 -0.46
C ASN G 42 -48.28 21.38 -1.41
N LYS G 43 -48.08 21.75 -2.69
CA LYS G 43 -47.74 20.73 -3.68
C LYS G 43 -46.38 20.07 -3.40
N ARG G 44 -45.48 20.69 -2.65
CA ARG G 44 -44.17 20.10 -2.32
CA ARG G 44 -44.20 20.04 -2.35
C ARG G 44 -44.23 19.20 -1.06
N SER G 45 -45.33 19.24 -0.33
CA SER G 45 -45.38 18.37 0.85
C SER G 45 -45.17 16.87 0.51
N ILE G 46 -44.42 16.17 1.37
CA ILE G 46 -44.26 14.73 1.25
C ILE G 46 -45.62 14.00 1.22
N ALA G 47 -46.54 14.45 2.07
CA ALA G 47 -47.88 13.86 2.11
C ALA G 47 -48.64 14.05 0.79
N PHE G 48 -48.31 15.05 -0.03
CA PHE G 48 -49.01 15.13 -1.33
C PHE G 48 -48.45 14.10 -2.32
N GLY G 49 -47.19 13.71 -2.13
CA GLY G 49 -46.64 12.56 -2.84
C GLY G 49 -47.38 11.29 -2.50
N VAL G 50 -47.61 11.06 -1.20
CA VAL G 50 -48.38 9.90 -0.76
C VAL G 50 -49.77 10.01 -1.38
N ALA G 51 -50.41 11.16 -1.22
CA ALA G 51 -51.73 11.41 -1.79
C ALA G 51 -51.83 11.01 -3.27
N LYS G 52 -50.96 11.56 -4.11
CA LYS G 52 -50.96 11.25 -5.54
C LYS G 52 -50.89 9.72 -5.79
N VAL G 53 -50.08 9.03 -4.98
CA VAL G 53 -49.82 7.62 -5.26
C VAL G 53 -51.02 6.80 -4.88
N LEU G 54 -51.59 7.09 -3.72
CA LEU G 54 -52.74 6.37 -3.22
C LEU G 54 -53.94 6.63 -4.11
N ASP G 55 -54.03 7.85 -4.61
CA ASP G 55 -55.23 8.30 -5.31
C ASP G 55 -55.20 7.62 -6.67
N GLN G 56 -54.01 7.54 -7.25
CA GLN G 56 -53.77 6.82 -8.49
C GLN G 56 -54.07 5.30 -8.34
N LEU G 57 -53.92 4.76 -7.13
CA LEU G 57 -54.16 3.34 -6.89
C LEU G 57 -55.65 3.07 -6.59
N GLY G 58 -56.51 4.09 -6.67
CA GLY G 58 -57.92 3.92 -6.31
C GLY G 58 -58.43 4.14 -4.88
N ALA G 59 -57.60 4.50 -3.91
CA ALA G 59 -58.08 4.81 -2.55
C ALA G 59 -58.97 6.06 -2.44
N LYS G 60 -59.89 6.00 -1.48
CA LYS G 60 -60.59 7.17 -0.98
C LYS G 60 -59.71 7.83 0.10
N LEU G 61 -59.51 9.14 -0.05
CA LEU G 61 -58.60 9.89 0.80
C LEU G 61 -59.30 11.00 1.62
N VAL G 62 -58.88 11.13 2.87
CA VAL G 62 -59.38 12.10 3.81
C VAL G 62 -58.12 12.83 4.26
N PHE G 63 -58.20 14.16 4.29
CA PHE G 63 -57.05 15.03 4.58
C PHE G 63 -57.25 15.86 5.84
N THR G 64 -56.21 15.92 6.68
CA THR G 64 -56.23 16.79 7.84
C THR G 64 -55.17 17.90 7.74
N TYR G 65 -55.51 19.06 8.28
CA TYR G 65 -54.62 20.25 8.24
C TYR G 65 -54.64 21.03 9.58
N ARG G 66 -53.64 21.89 9.79
CA ARG G 66 -53.70 22.87 10.88
C ARG G 66 -54.20 24.27 10.44
N LYS G 67 -53.50 24.93 9.53
CA LYS G 67 -53.74 26.32 9.13
C LYS G 67 -54.74 26.37 8.00
N GLU G 68 -55.64 27.33 8.10
CA GLU G 68 -56.57 27.48 7.00
CA GLU G 68 -56.52 27.78 7.03
C GLU G 68 -55.80 27.67 5.69
N ARG G 69 -54.58 28.20 5.68
CA ARG G 69 -53.89 28.36 4.41
C ARG G 69 -53.64 26.96 3.75
N SER G 70 -53.28 26.00 4.57
CA SER G 70 -53.11 24.64 4.11
C SER G 70 -54.45 24.06 3.58
N ARG G 71 -55.58 24.35 4.21
CA ARG G 71 -56.84 23.91 3.63
C ARG G 71 -57.07 24.49 2.23
N LYS G 72 -56.85 25.79 2.03
CA LYS G 72 -56.98 26.42 0.70
C LYS G 72 -56.13 25.71 -0.36
N GLU G 73 -54.90 25.37 0.03
CA GLU G 73 -53.99 24.63 -0.81
C GLU G 73 -54.54 23.23 -1.14
N LEU G 74 -55.18 22.60 -0.16
CA LEU G 74 -55.67 21.25 -0.30
C LEU G 74 -56.79 21.29 -1.32
N GLU G 75 -57.63 22.32 -1.22
CA GLU G 75 -58.73 22.47 -2.16
C GLU G 75 -58.28 22.63 -3.61
N LYS G 76 -57.22 23.39 -3.82
CA LYS G 76 -56.66 23.61 -5.16
C LYS G 76 -55.97 22.33 -5.66
N LEU G 77 -55.31 21.60 -4.76
CA LEU G 77 -54.60 20.38 -5.14
C LEU G 77 -55.54 19.20 -5.40
N LEU G 78 -56.64 19.15 -4.67
CA LEU G 78 -57.68 18.16 -4.93
C LEU G 78 -58.16 18.08 -6.39
N GLU G 79 -57.96 19.14 -7.14
CA GLU G 79 -58.33 19.17 -8.56
C GLU G 79 -57.40 18.37 -9.46
N GLN G 80 -56.18 18.12 -8.98
CA GLN G 80 -55.22 17.26 -9.65
C GLN G 80 -55.48 15.79 -9.36
N LEU G 81 -56.43 15.50 -8.48
CA LEU G 81 -56.59 14.15 -7.99
C LEU G 81 -57.92 13.64 -8.54
N ASN G 82 -58.16 12.34 -8.33
CA ASN G 82 -59.36 11.72 -8.85
C ASN G 82 -60.48 11.68 -7.83
N GLN G 83 -60.22 12.03 -6.57
CA GLN G 83 -61.24 12.02 -5.54
C GLN G 83 -62.53 12.70 -5.98
N PRO G 84 -63.69 12.02 -5.86
CA PRO G 84 -64.94 12.70 -6.22
C PRO G 84 -65.45 13.66 -5.15
N GLU G 85 -65.07 13.49 -3.89
CA GLU G 85 -65.37 14.54 -2.91
C GLU G 85 -64.25 14.88 -1.96
N ALA G 86 -64.31 16.13 -1.53
CA ALA G 86 -63.29 16.70 -0.66
C ALA G 86 -63.59 16.28 0.77
N HIS G 87 -62.66 15.63 1.44
CA HIS G 87 -62.89 15.34 2.83
C HIS G 87 -61.77 16.00 3.66
N LEU G 88 -62.02 17.17 4.22
CA LEU G 88 -61.00 17.98 4.86
C LEU G 88 -61.36 18.25 6.31
N TYR G 89 -60.44 17.94 7.23
CA TYR G 89 -60.65 18.21 8.66
C TYR G 89 -59.51 19.01 9.24
N GLN G 90 -59.87 20.00 10.04
CA GLN G 90 -58.87 20.76 10.75
C GLN G 90 -58.53 19.98 12.00
N ILE G 91 -57.30 19.51 12.10
CA ILE G 91 -56.85 18.94 13.34
C ILE G 91 -55.48 19.55 13.57
N ASP G 92 -55.41 20.39 14.59
CA ASP G 92 -54.14 20.69 15.24
C ASP G 92 -53.75 19.61 16.24
N VAL G 93 -52.67 18.86 15.99
CA VAL G 93 -52.34 17.77 16.90
C VAL G 93 -51.87 18.19 18.33
N GLN G 94 -51.79 19.49 18.59
CA GLN G 94 -51.51 19.93 19.95
C GLN G 94 -52.75 19.81 20.84
N SER G 95 -53.92 19.66 20.22
CA SER G 95 -55.18 19.67 20.95
C SER G 95 -55.75 18.26 21.01
N ASP G 96 -55.84 17.68 22.20
CA ASP G 96 -56.55 16.44 22.40
C ASP G 96 -57.96 16.51 21.83
N GLU G 97 -58.68 17.61 22.08
CA GLU G 97 -60.06 17.61 21.64
CA GLU G 97 -60.05 17.82 21.61
C GLU G 97 -60.13 17.68 20.09
N GLU G 98 -59.17 18.30 19.43
CA GLU G 98 -59.22 18.35 17.97
C GLU G 98 -58.88 17.02 17.31
N VAL G 99 -57.87 16.31 17.82
CA VAL G 99 -57.58 14.95 17.36
C VAL G 99 -58.82 14.05 17.62
N ILE G 100 -59.37 14.11 18.83
CA ILE G 100 -60.50 13.26 19.21
C ILE G 100 -61.76 13.56 18.36
N ASN G 101 -62.13 14.83 18.25
CA ASN G 101 -63.35 15.17 17.54
C ASN G 101 -63.13 15.10 16.03
N GLY G 102 -61.90 15.32 15.59
CA GLY G 102 -61.49 15.11 14.20
C GLY G 102 -61.73 13.70 13.69
N PHE G 103 -61.15 12.73 14.39
CA PHE G 103 -61.25 11.35 13.94
C PHE G 103 -62.65 10.84 14.12
N GLU G 104 -63.32 11.31 15.16
CA GLU G 104 -64.73 10.98 15.34
C GLU G 104 -65.63 11.48 14.20
N GLN G 105 -65.55 12.77 13.90
CA GLN G 105 -66.21 13.31 12.70
C GLN G 105 -65.91 12.49 11.43
N ILE G 106 -64.63 12.20 11.21
CA ILE G 106 -64.22 11.39 10.08
C ILE G 106 -64.96 10.04 9.99
N GLY G 107 -65.06 9.35 11.12
CA GLY G 107 -65.77 8.07 11.15
C GLY G 107 -67.26 8.22 10.81
N LYS G 108 -67.83 9.37 11.15
CA LYS G 108 -69.23 9.61 10.85
C LYS G 108 -69.44 9.94 9.37
N ASP G 109 -68.44 10.53 8.75
CA ASP G 109 -68.55 11.00 7.38
C ASP G 109 -68.27 9.92 6.35
N VAL G 110 -67.23 9.13 6.62
CA VAL G 110 -66.81 8.08 5.71
C VAL G 110 -66.80 6.70 6.35
N GLY G 111 -67.07 6.58 7.64
CA GLY G 111 -67.03 5.26 8.26
C GLY G 111 -65.63 4.76 8.56
N ASN G 112 -65.48 3.43 8.64
CA ASN G 112 -64.17 2.83 8.96
C ASN G 112 -63.03 3.06 7.95
N ILE G 113 -61.82 3.20 8.48
CA ILE G 113 -60.70 3.54 7.61
C ILE G 113 -59.75 2.36 7.60
N ASP G 114 -58.82 2.38 6.65
CA ASP G 114 -57.78 1.36 6.55
C ASP G 114 -56.39 1.74 7.11
N GLY G 115 -56.07 3.02 7.20
CA GLY G 115 -54.76 3.42 7.69
C GLY G 115 -54.68 4.93 7.82
N VAL G 116 -53.58 5.42 8.40
CA VAL G 116 -53.25 6.82 8.52
C VAL G 116 -51.80 6.99 8.05
N TYR G 117 -51.57 7.96 7.16
CA TYR G 117 -50.25 8.49 6.91
C TYR G 117 -50.01 9.76 7.73
N HIS G 118 -48.98 9.73 8.58
CA HIS G 118 -48.71 10.81 9.51
C HIS G 118 -47.47 11.51 8.97
N SER G 119 -47.61 12.78 8.66
CA SER G 119 -46.54 13.55 8.04
C SER G 119 -46.45 14.94 8.72
N ILE G 120 -46.23 14.90 10.05
CA ILE G 120 -46.32 16.13 10.86
C ILE G 120 -45.09 16.25 11.73
N ALA G 121 -44.47 17.42 11.69
CA ALA G 121 -43.42 17.75 12.62
C ALA G 121 -43.32 19.27 12.78
N PHE G 122 -42.70 19.69 13.87
CA PHE G 122 -42.46 21.11 14.07
C PHE G 122 -41.51 21.29 15.26
N ALA G 123 -40.68 22.33 15.15
CA ALA G 123 -39.78 22.81 16.20
C ALA G 123 -39.52 24.26 15.85
N ASN G 124 -39.18 25.07 16.84
CA ASN G 124 -38.89 26.48 16.60
C ASN G 124 -37.59 26.58 15.84
N MET G 125 -37.61 27.36 14.76
N MET G 125 -37.50 27.52 14.89
CA MET G 125 -36.41 27.87 14.09
CA MET G 125 -36.20 28.01 14.44
C MET G 125 -35.12 27.81 14.89
C MET G 125 -35.26 28.48 15.55
N GLU G 126 -35.03 28.62 15.94
N GLU G 126 -35.79 29.13 16.57
CA GLU G 126 -33.78 28.75 16.67
CA GLU G 126 -35.00 29.66 17.69
C GLU G 126 -33.21 27.37 17.05
C GLU G 126 -34.18 28.57 18.41
N ASP G 127 -34.08 26.36 17.10
N ASP G 127 -34.75 27.39 18.59
CA ASP G 127 -33.64 25.04 17.54
CA ASP G 127 -34.00 26.24 19.09
C ASP G 127 -33.31 24.09 16.38
C ASP G 127 -33.18 25.52 17.98
N LEU G 128 -32.84 24.59 15.23
N LEU G 128 -33.73 25.42 16.80
CA LEU G 128 -32.58 23.79 14.01
CA LEU G 128 -32.99 24.85 15.67
C LEU G 128 -31.32 24.25 13.24
C LEU G 128 -31.70 25.61 15.29
N ARG G 129 -30.37 24.71 14.05
N ARG G 129 -31.71 26.94 15.20
CA ARG G 129 -29.15 25.39 13.62
CA ARG G 129 -30.45 27.67 14.98
C ARG G 129 -28.38 25.67 14.89
C ARG G 129 -29.82 28.06 16.31
N GLY G 130 -27.16 26.20 14.76
N GLY G 130 -29.45 27.05 17.08
CA GLY G 130 -26.28 26.42 15.92
CA GLY G 130 -28.90 27.22 18.41
C GLY G 130 -26.14 25.24 16.87
C GLY G 130 -28.03 26.00 18.54
N ARG G 131 -26.27 25.50 18.18
N ARG G 131 -27.00 26.05 19.37
CA ARG G 131 -25.95 24.52 19.24
CA ARG G 131 -26.22 24.83 19.69
C ARG G 131 -27.16 23.91 19.94
C ARG G 131 -27.18 23.90 20.39
N PHE G 132 -27.12 22.59 20.13
CA PHE G 132 -28.21 21.77 20.68
C PHE G 132 -28.28 21.92 22.19
N SER G 133 -27.11 22.05 22.82
CA SER G 133 -26.99 22.16 24.28
C SER G 133 -27.70 23.43 24.77
N GLU G 134 -28.01 24.36 23.88
CA GLU G 134 -28.71 25.60 24.29
C GLU G 134 -30.23 25.49 24.11
N THR G 135 -30.74 24.33 23.70
CA THR G 135 -32.19 24.14 23.49
C THR G 135 -32.93 24.51 24.78
N SER G 136 -34.01 25.27 24.64
CA SER G 136 -34.93 25.57 25.73
C SER G 136 -35.83 24.36 26.09
N ARG G 137 -36.24 24.26 27.35
CA ARG G 137 -37.16 23.22 27.78
C ARG G 137 -38.46 23.34 26.97
N GLU G 138 -38.93 24.57 26.83
CA GLU G 138 -40.14 24.83 26.07
C GLU G 138 -40.03 24.34 24.62
N GLY G 139 -38.90 24.63 23.98
CA GLY G 139 -38.73 24.21 22.59
C GLY G 139 -38.57 22.71 22.44
N PHE G 140 -38.01 22.06 23.44
CA PHE G 140 -37.73 20.64 23.35
C PHE G 140 -39.06 19.95 23.45
N LEU G 141 -39.95 20.46 24.29
CA LEU G 141 -41.16 19.72 24.63
C LEU G 141 -42.18 19.94 23.52
N LEU G 142 -42.12 21.12 22.90
CA LEU G 142 -42.95 21.48 21.77
C LEU G 142 -42.67 20.48 20.65
N ALA G 143 -41.38 20.25 20.37
CA ALA G 143 -41.01 19.40 19.22
C ALA G 143 -41.45 17.96 19.50
N GLN G 144 -41.30 17.52 20.76
CA GLN G 144 -41.78 16.19 21.20
C GLN G 144 -43.29 16.10 21.03
N ASP G 145 -43.99 17.18 21.40
CA ASP G 145 -45.43 17.16 21.49
C ASP G 145 -45.99 16.94 20.09
N ILE G 146 -45.53 17.77 19.15
CA ILE G 146 -46.08 17.80 17.79
C ILE G 146 -45.50 16.68 16.96
N SER G 147 -44.22 16.38 17.17
CA SER G 147 -43.54 15.50 16.25
C SER G 147 -43.53 14.02 16.68
N SER G 148 -43.81 13.73 17.94
CA SER G 148 -43.82 12.34 18.42
C SER G 148 -45.14 11.96 19.09
N TYR G 149 -45.51 12.65 20.16
CA TYR G 149 -46.74 12.35 20.87
C TYR G 149 -47.97 12.41 19.94
N SER G 150 -47.99 13.31 18.96
CA SER G 150 -49.14 13.34 18.07
C SER G 150 -49.42 11.95 17.49
N LEU G 151 -48.38 11.19 17.16
CA LEU G 151 -48.59 9.86 16.59
C LEU G 151 -49.36 8.97 17.56
N THR G 152 -49.01 9.02 18.84
CA THR G 152 -49.63 8.17 19.86
C THR G 152 -51.12 8.42 20.01
N ILE G 153 -51.48 9.70 20.19
CA ILE G 153 -52.89 10.05 20.33
C ILE G 153 -53.65 9.85 19.00
N VAL G 154 -53.01 10.12 17.86
CA VAL G 154 -53.63 9.80 16.56
C VAL G 154 -53.96 8.29 16.37
N ALA G 155 -53.02 7.46 16.76
CA ALA G 155 -53.19 6.02 16.77
C ALA G 155 -54.35 5.66 17.66
N HIS G 156 -54.37 6.16 18.91
CA HIS G 156 -55.42 5.77 19.85
C HIS G 156 -56.81 6.07 19.28
N GLU G 157 -56.94 7.18 18.57
CA GLU G 157 -58.25 7.65 18.08
C GLU G 157 -58.61 6.96 16.78
N ALA G 158 -57.59 6.75 15.95
CA ALA G 158 -57.75 6.13 14.64
C ALA G 158 -58.03 4.64 14.82
N LYS G 159 -57.58 4.08 15.93
CA LYS G 159 -57.84 2.67 16.22
C LYS G 159 -59.36 2.43 16.31
N LYS G 160 -60.09 3.41 16.81
CA LYS G 160 -61.55 3.32 16.91
C LYS G 160 -62.24 3.12 15.55
N LEU G 161 -61.61 3.57 14.46
CA LEU G 161 -62.11 3.42 13.09
C LEU G 161 -61.48 2.24 12.36
N MET G 162 -60.81 1.36 13.11
CA MET G 162 -60.13 0.25 12.45
C MET G 162 -60.43 -1.12 13.10
N PRO G 163 -61.73 -1.44 13.28
CA PRO G 163 -62.05 -2.60 14.12
C PRO G 163 -61.45 -3.92 13.60
N GLU G 164 -61.22 -4.03 12.30
CA GLU G 164 -60.64 -5.22 11.66
C GLU G 164 -59.14 -5.17 11.39
N GLY G 165 -58.45 -4.11 11.84
CA GLY G 165 -57.05 -3.89 11.52
C GLY G 165 -56.84 -2.78 10.50
N GLY G 166 -55.58 -2.43 10.26
CA GLY G 166 -55.24 -1.29 9.44
C GLY G 166 -53.76 -1.07 9.51
N SER G 167 -53.33 0.07 9.01
CA SER G 167 -51.91 0.35 8.91
C SER G 167 -51.66 1.84 9.16
N ILE G 168 -50.72 2.18 10.02
CA ILE G 168 -50.33 3.52 10.36
C ILE G 168 -48.85 3.72 10.05
N VAL G 169 -48.57 4.80 9.32
CA VAL G 169 -47.20 5.06 8.85
C VAL G 169 -46.81 6.47 9.26
N ALA G 170 -45.63 6.63 9.82
CA ALA G 170 -45.16 7.96 10.16
C ALA G 170 -43.89 8.32 9.35
N THR G 171 -43.59 9.61 9.20
CA THR G 171 -42.40 10.00 8.48
C THR G 171 -41.29 10.41 9.42
N THR G 172 -40.14 9.78 9.27
CA THR G 172 -38.99 10.15 10.03
C THR G 172 -37.79 10.53 9.15
N TYR G 173 -36.70 10.87 9.83
CA TYR G 173 -35.45 11.26 9.15
C TYR G 173 -34.33 10.58 9.88
N LEU G 174 -33.30 10.24 9.12
CA LEU G 174 -32.05 9.62 9.62
C LEU G 174 -31.43 10.35 10.81
N GLY G 175 -31.69 11.66 10.92
CA GLY G 175 -31.35 12.42 12.13
C GLY G 175 -31.96 11.88 13.42
N GLY G 176 -32.96 11.01 13.36
CA GLY G 176 -33.40 10.30 14.57
C GLY G 176 -32.52 9.13 15.00
N GLU G 177 -31.75 8.55 14.09
CA GLU G 177 -30.86 7.43 14.44
C GLU G 177 -29.42 7.88 14.71
N PHE G 178 -28.98 8.98 14.08
CA PHE G 178 -27.62 9.54 14.20
C PHE G 178 -27.65 11.04 14.43
N ALA G 179 -26.67 11.60 15.15
CA ALA G 179 -26.58 13.04 15.26
C ALA G 179 -26.10 13.60 13.93
N VAL G 180 -26.87 14.51 13.40
CA VAL G 180 -26.63 15.14 12.12
C VAL G 180 -26.53 16.63 12.39
N GLN G 181 -25.62 17.36 11.75
CA GLN G 181 -25.50 18.80 11.96
C GLN G 181 -26.84 19.53 11.72
N ASN G 182 -27.13 20.47 12.63
CA ASN G 182 -28.23 21.43 12.52
C ASN G 182 -29.61 20.87 12.88
N TYR G 183 -29.79 19.56 12.78
CA TYR G 183 -31.10 18.96 13.01
C TYR G 183 -31.50 19.04 14.48
N ASN G 184 -30.52 18.88 15.38
CA ASN G 184 -30.66 19.25 16.78
C ASN G 184 -31.99 18.78 17.36
N VAL G 185 -32.89 19.67 17.81
CA VAL G 185 -33.97 19.19 18.66
C VAL G 185 -34.90 18.26 17.84
N MET G 186 -34.94 18.42 16.53
CA MET G 186 -35.80 17.58 15.72
C MET G 186 -35.26 16.14 15.65
N GLY G 187 -33.94 15.98 15.75
CA GLY G 187 -33.39 14.62 15.81
C GLY G 187 -33.81 13.87 17.08
N VAL G 188 -33.83 14.58 18.20
CA VAL G 188 -34.23 13.92 19.45
C VAL G 188 -35.74 13.65 19.39
N ALA G 189 -36.49 14.49 18.69
CA ALA G 189 -37.89 14.22 18.58
C ALA G 189 -38.18 13.09 17.58
N LYS G 190 -37.32 12.92 16.58
CA LYS G 190 -37.48 11.77 15.66
C LYS G 190 -37.05 10.47 16.33
N ALA G 191 -36.00 10.52 17.16
CA ALA G 191 -35.65 9.36 17.96
C ALA G 191 -36.86 8.90 18.76
N SER G 192 -37.49 9.86 19.42
CA SER G 192 -38.71 9.59 20.19
C SER G 192 -39.82 9.04 19.27
N LEU G 193 -39.98 9.58 18.05
CA LEU G 193 -40.99 9.11 17.12
C LEU G 193 -40.74 7.65 16.69
N GLU G 194 -39.49 7.29 16.38
CA GLU G 194 -39.14 5.90 16.04
C GLU G 194 -39.41 4.91 17.20
N ALA G 195 -39.18 5.30 18.45
CA ALA G 195 -39.48 4.39 19.55
C ALA G 195 -41.03 4.30 19.75
N ASN G 196 -41.73 5.39 19.46
CA ASN G 196 -43.18 5.50 19.54
C ASN G 196 -43.76 4.51 18.55
N VAL G 197 -43.27 4.52 17.31
CA VAL G 197 -43.64 3.52 16.32
C VAL G 197 -43.49 2.07 16.82
N LYS G 198 -42.39 1.78 17.50
CA LYS G 198 -42.15 0.40 17.95
C LYS G 198 -43.09 0.01 19.10
N TYR G 199 -43.32 0.93 20.05
CA TYR G 199 -44.19 0.67 21.18
C TYR G 199 -45.64 0.57 20.73
N LEU G 200 -46.04 1.42 19.78
CA LEU G 200 -47.36 1.30 19.17
C LEU G 200 -47.50 0.00 18.41
N ALA G 201 -46.49 -0.40 17.64
CA ALA G 201 -46.53 -1.68 16.92
C ALA G 201 -46.81 -2.80 17.90
N LEU G 202 -46.09 -2.80 19.03
CA LEU G 202 -46.19 -3.87 20.02
C LEU G 202 -47.59 -3.85 20.65
N ASP G 203 -48.08 -2.65 20.95
CA ASP G 203 -49.39 -2.47 21.62
C ASP G 203 -50.59 -2.83 20.73
N LEU G 204 -50.54 -2.50 19.45
CA LEU G 204 -51.74 -2.58 18.61
C LEU G 204 -51.66 -3.79 17.69
N GLY G 205 -50.53 -4.47 17.74
CA GLY G 205 -50.32 -5.71 16.98
C GLY G 205 -51.45 -6.72 17.17
N PRO G 206 -51.77 -7.03 18.44
CA PRO G 206 -52.88 -7.93 18.76
C PRO G 206 -54.19 -7.44 18.15
N ASP G 207 -54.31 -6.16 17.81
CA ASP G 207 -55.54 -5.66 17.17
C ASP G 207 -55.41 -5.70 15.64
N ASN G 208 -54.35 -6.34 15.16
CA ASN G 208 -54.07 -6.32 13.72
C ASN G 208 -53.82 -4.91 13.14
N ILE G 209 -53.29 -3.99 13.95
CA ILE G 209 -52.92 -2.71 13.34
C ILE G 209 -51.39 -2.63 13.23
N ARG G 210 -50.87 -2.46 12.02
CA ARG G 210 -49.41 -2.36 11.87
C ARG G 210 -49.02 -0.87 11.98
N VAL G 211 -47.85 -0.64 12.58
CA VAL G 211 -47.34 0.72 12.70
C VAL G 211 -45.90 0.70 12.22
N ASN G 212 -45.56 1.57 11.26
CA ASN G 212 -44.23 1.59 10.64
C ASN G 212 -43.76 3.00 10.37
N ALA G 213 -42.49 3.17 10.05
CA ALA G 213 -41.95 4.51 9.78
C ALA G 213 -41.39 4.44 8.36
N ILE G 214 -41.48 5.54 7.63
CA ILE G 214 -40.61 5.79 6.47
C ILE G 214 -39.57 6.85 6.79
N SER G 215 -38.29 6.49 6.73
CA SER G 215 -37.20 7.44 6.85
C SER G 215 -36.86 8.01 5.48
N ALA G 216 -37.44 9.16 5.14
CA ALA G 216 -37.18 9.83 3.87
C ALA G 216 -35.83 10.54 3.85
N GLY G 217 -35.18 10.48 2.70
CA GLY G 217 -34.06 11.34 2.35
C GLY G 217 -34.48 12.79 2.24
N PRO G 218 -33.51 13.71 2.09
CA PRO G 218 -33.96 15.12 2.06
C PRO G 218 -34.74 15.45 0.78
N ILE G 219 -35.79 16.26 0.95
CA ILE G 219 -36.69 16.66 -0.13
C ILE G 219 -36.97 18.15 0.07
N ARG G 220 -36.99 18.93 -1.01
CA ARG G 220 -37.21 20.36 -0.87
C ARG G 220 -38.68 20.56 -0.58
N THR G 221 -38.97 20.96 0.66
CA THR G 221 -40.34 21.24 1.11
C THR G 221 -40.36 22.55 1.88
N LEU G 222 -41.55 22.98 2.29
CA LEU G 222 -41.66 24.23 3.04
C LEU G 222 -40.89 24.16 4.34
N SER G 223 -41.05 23.06 5.06
CA SER G 223 -40.39 22.81 6.31
C SER G 223 -38.89 22.60 6.18
N ALA G 224 -38.38 22.15 5.04
CA ALA G 224 -36.92 21.96 4.94
C ALA G 224 -36.18 23.27 5.10
N LYS G 225 -36.92 24.34 4.86
CA LYS G 225 -36.37 25.67 4.82
C LYS G 225 -35.92 26.06 6.22
N GLY G 226 -36.44 25.38 7.24
CA GLY G 226 -36.00 25.61 8.61
C GLY G 226 -34.76 24.84 9.05
N VAL G 227 -34.42 23.75 8.35
CA VAL G 227 -33.23 23.02 8.69
C VAL G 227 -31.94 23.71 8.21
N GLY G 228 -31.09 24.22 9.09
CA GLY G 228 -29.85 24.80 8.57
C GLY G 228 -29.07 23.86 7.68
N GLY G 229 -28.38 24.40 6.68
CA GLY G 229 -27.49 23.59 5.85
C GLY G 229 -28.18 22.61 4.91
N PHE G 230 -29.51 22.71 4.78
CA PHE G 230 -30.27 21.85 3.90
C PHE G 230 -29.69 21.62 2.47
N ASN G 231 -29.31 22.68 1.77
CA ASN G 231 -28.76 22.49 0.44
C ASN G 231 -27.51 21.62 0.47
N THR G 232 -26.65 21.81 1.46
CA THR G 232 -25.54 20.91 1.73
C THR G 232 -25.90 19.43 1.90
N ILE G 233 -27.04 19.15 2.54
CA ILE G 233 -27.49 17.79 2.77
C ILE G 233 -27.87 17.09 1.46
N LEU G 234 -28.71 17.75 0.65
CA LEU G 234 -29.03 17.36 -0.72
C LEU G 234 -27.81 17.02 -1.57
N LYS G 235 -26.79 17.88 -1.46
CA LYS G 235 -25.64 17.72 -2.30
C LYS G 235 -24.94 16.46 -1.86
N GLU G 236 -24.95 16.20 -0.57
CA GLU G 236 -24.16 15.07 -0.10
C GLU G 236 -24.83 13.74 -0.51
N ILE G 237 -26.14 13.74 -0.69
CA ILE G 237 -26.81 12.51 -1.10
C ILE G 237 -26.37 12.16 -2.52
N GLU G 238 -26.44 13.18 -3.39
CA GLU G 238 -26.08 13.06 -4.78
C GLU G 238 -24.67 12.57 -4.94
N GLU G 239 -23.76 13.07 -4.11
CA GLU G 239 -22.38 12.65 -4.16
C GLU G 239 -22.07 11.31 -3.51
N ARG G 240 -22.79 10.96 -2.45
CA ARG G 240 -22.33 9.89 -1.57
C ARG G 240 -23.29 8.68 -1.49
N ALA G 241 -24.57 8.89 -1.77
CA ALA G 241 -25.57 7.85 -1.52
C ALA G 241 -25.39 6.81 -2.62
N PRO G 242 -25.65 5.53 -2.30
CA PRO G 242 -25.49 4.58 -3.39
C PRO G 242 -26.17 4.92 -4.72
N LEU G 243 -27.35 5.52 -4.75
CA LEU G 243 -27.99 5.71 -6.05
C LEU G 243 -27.48 6.99 -6.67
N LYS G 244 -26.70 7.77 -5.93
CA LYS G 244 -26.11 9.02 -6.41
C LYS G 244 -27.16 9.98 -6.94
N ARG G 245 -28.31 10.01 -6.28
CA ARG G 245 -29.38 10.92 -6.73
C ARG G 245 -30.24 11.12 -5.50
N ASN G 246 -30.92 12.25 -5.45
CA ASN G 246 -31.93 12.48 -4.44
C ASN G 246 -33.24 11.77 -4.74
N VAL G 247 -34.05 11.61 -3.71
CA VAL G 247 -35.35 10.98 -3.85
C VAL G 247 -36.36 12.12 -3.90
N ASP G 248 -37.59 11.76 -4.26
CA ASP G 248 -38.70 12.68 -4.28
C ASP G 248 -39.92 12.10 -3.58
N GLN G 249 -40.97 12.91 -3.54
CA GLN G 249 -42.13 12.73 -2.67
C GLN G 249 -42.94 11.55 -3.17
N VAL G 250 -42.94 11.37 -4.48
CA VAL G 250 -43.67 10.25 -5.11
C VAL G 250 -42.98 8.92 -4.77
N GLU G 251 -41.65 8.96 -4.64
CA GLU G 251 -40.97 7.76 -4.20
C GLU G 251 -41.33 7.41 -2.76
N VAL G 252 -41.46 8.40 -1.87
CA VAL G 252 -41.99 8.15 -0.51
C VAL G 252 -43.43 7.63 -0.55
N GLY G 253 -44.28 8.20 -1.40
CA GLY G 253 -45.62 7.67 -1.60
C GLY G 253 -45.71 6.20 -2.02
N LYS G 254 -44.82 5.82 -2.95
CA LYS G 254 -44.78 4.44 -3.44
C LYS G 254 -44.44 3.52 -2.27
N THR G 255 -43.48 3.89 -1.42
CA THR G 255 -43.23 3.02 -0.28
C THR G 255 -44.38 3.09 0.71
N ALA G 256 -45.03 4.25 0.80
CA ALA G 256 -46.26 4.31 1.60
C ALA G 256 -47.36 3.38 1.13
N ALA G 257 -47.62 3.33 -0.17
CA ALA G 257 -48.62 2.42 -0.69
C ALA G 257 -48.35 0.98 -0.22
N TYR G 258 -47.08 0.61 -0.17
CA TYR G 258 -46.71 -0.74 0.25
C TYR G 258 -47.03 -0.94 1.73
N LEU G 259 -46.57 0.00 2.57
CA LEU G 259 -46.81 -0.08 3.99
C LEU G 259 -48.29 -0.08 4.33
N LEU G 260 -49.11 0.61 3.54
CA LEU G 260 -50.50 0.84 3.93
C LEU G 260 -51.35 -0.28 3.39
N SER G 261 -50.78 -1.05 2.47
CA SER G 261 -51.55 -2.10 1.82
C SER G 261 -51.22 -3.48 2.32
N ASP G 262 -52.00 -4.45 1.85
CA ASP G 262 -51.80 -5.83 2.25
C ASP G 262 -50.44 -6.38 1.83
N LEU G 263 -49.74 -5.73 0.90
CA LEU G 263 -48.43 -6.21 0.49
C LEU G 263 -47.47 -6.27 1.67
N SER G 264 -47.66 -5.41 2.66
CA SER G 264 -46.71 -5.43 3.77
C SER G 264 -47.25 -6.18 4.97
N SER G 265 -48.20 -7.08 4.72
N SER G 265 -48.09 -7.18 4.76
CA SER G 265 -48.67 -7.93 5.80
CA SER G 265 -48.86 -7.78 5.87
C SER G 265 -47.45 -8.66 6.34
C SER G 265 -48.06 -8.34 7.06
N GLY G 266 -47.33 -8.76 7.67
N GLY G 266 -46.82 -8.75 6.83
CA GLY G 266 -46.13 -9.35 8.26
CA GLY G 266 -45.98 -9.37 7.87
C GLY G 266 -45.11 -8.34 8.72
C GLY G 266 -45.03 -8.39 8.52
N VAL G 267 -45.22 -7.11 8.21
CA VAL G 267 -44.24 -6.07 8.48
C VAL G 267 -44.77 -5.06 9.49
N THR G 268 -44.18 -4.99 10.66
CA THR G 268 -44.62 -3.97 11.60
C THR G 268 -43.45 -3.61 12.49
N GLY G 269 -43.50 -2.41 13.07
CA GLY G 269 -42.41 -1.94 13.92
C GLY G 269 -41.14 -1.64 13.13
N GLU G 270 -41.26 -1.38 11.83
CA GLU G 270 -40.14 -1.38 10.95
C GLU G 270 -39.91 0.07 10.48
N ASN G 271 -38.70 0.37 10.04
CA ASN G 271 -38.39 1.71 9.54
C ASN G 271 -37.74 1.56 8.19
N ILE G 272 -38.45 1.91 7.12
CA ILE G 272 -37.90 1.78 5.76
C ILE G 272 -37.31 3.09 5.25
N HIS G 273 -36.07 3.02 4.77
CA HIS G 273 -35.32 4.21 4.46
C HIS G 273 -35.51 4.43 2.98
N VAL G 274 -36.17 5.53 2.65
CA VAL G 274 -36.39 5.84 1.23
C VAL G 274 -35.46 7.03 0.94
N ASP G 275 -34.18 6.70 0.75
CA ASP G 275 -33.13 7.71 0.84
C ASP G 275 -31.97 7.39 -0.09
N SER G 276 -32.22 6.59 -1.12
CA SER G 276 -31.19 6.35 -2.11
C SER G 276 -30.04 5.51 -1.59
N GLY G 277 -30.21 4.99 -0.38
CA GLY G 277 -29.27 4.04 0.22
C GLY G 277 -28.35 4.69 1.25
N PHE G 278 -28.58 5.97 1.52
CA PHE G 278 -27.63 6.75 2.26
C PHE G 278 -27.54 6.29 3.73
N HIS G 279 -28.58 5.67 4.27
CA HIS G 279 -28.51 5.14 5.64
C HIS G 279 -27.50 4.00 5.76
N ALA G 280 -27.15 3.36 4.64
CA ALA G 280 -26.37 2.11 4.71
C ALA G 280 -24.89 2.35 4.56
N ILE G 281 -24.48 3.60 4.33
CA ILE G 281 -23.10 3.95 4.02
C ILE G 281 -22.53 4.87 5.11
N LYS G 282 -21.22 4.82 5.34
CA LYS G 282 -20.57 5.82 6.19
C LYS G 282 -19.29 6.38 5.51
N VAL H 28 -7.21 3.36 36.60
CA VAL H 28 -8.28 4.43 36.75
C VAL H 28 -8.26 5.12 38.14
N ASN H 29 -7.10 5.63 38.57
CA ASN H 29 -7.04 6.48 39.75
C ASN H 29 -7.70 7.87 39.60
N LEU H 30 -8.67 8.20 40.45
CA LEU H 30 -9.42 9.46 40.30
C LEU H 30 -9.18 10.51 41.37
N GLU H 31 -7.98 10.51 41.96
CA GLU H 31 -7.63 11.54 42.92
C GLU H 31 -7.55 12.90 42.25
N ASN H 32 -7.92 13.97 42.95
CA ASN H 32 -7.91 15.28 42.32
C ASN H 32 -8.89 15.38 41.16
N LYS H 33 -9.83 14.44 41.07
CA LYS H 33 -11.00 14.59 40.22
C LYS H 33 -12.24 14.89 41.06
N THR H 34 -13.19 15.62 40.47
CA THR H 34 -14.43 15.95 41.14
C THR H 34 -15.59 15.66 40.21
N TYR H 35 -16.55 14.87 40.71
CA TYR H 35 -17.68 14.48 39.90
C TYR H 35 -18.96 14.80 40.65
N VAL H 36 -19.98 15.21 39.91
CA VAL H 36 -21.29 15.51 40.46
C VAL H 36 -22.19 14.31 40.20
N ILE H 37 -22.77 13.75 41.24
CA ILE H 37 -23.60 12.58 41.06
C ILE H 37 -25.05 12.95 41.33
N MET H 38 -25.89 12.76 40.32
CA MET H 38 -27.30 13.10 40.38
C MET H 38 -28.18 11.85 40.43
N GLY H 39 -29.00 11.74 41.47
CA GLY H 39 -30.03 10.69 41.53
C GLY H 39 -29.83 9.60 42.57
N ILE H 40 -29.10 9.82 43.66
CA ILE H 40 -29.23 8.86 44.76
C ILE H 40 -30.55 9.00 45.58
N ALA H 41 -31.33 7.91 45.70
CA ALA H 41 -32.48 7.92 46.61
C ALA H 41 -32.18 7.11 47.89
N ASN H 42 -31.56 5.95 47.76
CA ASN H 42 -31.22 5.12 48.93
C ASN H 42 -30.04 4.17 48.65
N LYS H 43 -29.80 3.22 49.55
CA LYS H 43 -28.67 2.32 49.35
C LYS H 43 -28.74 1.56 48.02
N ARG H 44 -29.94 1.38 47.47
CA ARG H 44 -30.12 0.62 46.26
C ARG H 44 -30.04 1.47 44.98
N SER H 45 -29.82 2.76 45.06
CA SER H 45 -29.81 3.51 43.78
C SER H 45 -28.61 3.10 42.98
N ILE H 46 -28.81 3.10 41.66
CA ILE H 46 -27.71 2.89 40.75
C ILE H 46 -26.60 3.91 41.03
N ALA H 47 -27.00 5.15 41.30
CA ALA H 47 -26.01 6.20 41.49
C ALA H 47 -25.25 6.00 42.81
N PHE H 48 -25.80 5.26 43.76
CA PHE H 48 -24.97 4.95 44.92
C PHE H 48 -23.93 3.90 44.54
N GLY H 49 -24.27 3.03 43.60
CA GLY H 49 -23.27 2.12 43.00
C GLY H 49 -22.07 2.85 42.41
N VAL H 50 -22.37 3.91 41.65
CA VAL H 50 -21.39 4.73 40.96
C VAL H 50 -20.55 5.44 42.02
N ALA H 51 -21.24 5.96 43.03
CA ALA H 51 -20.61 6.69 44.12
C ALA H 51 -19.58 5.87 44.89
N LYS H 52 -19.98 4.69 45.32
CA LYS H 52 -19.05 3.85 46.06
C LYS H 52 -17.80 3.64 45.24
N VAL H 53 -17.99 3.50 43.92
CA VAL H 53 -16.87 3.09 43.07
C VAL H 53 -15.95 4.28 42.90
N LEU H 54 -16.49 5.42 42.50
CA LEU H 54 -15.66 6.60 42.33
C LEU H 54 -15.04 7.03 43.65
N ASP H 55 -15.79 6.87 44.74
CA ASP H 55 -15.20 7.12 46.05
C ASP H 55 -13.98 6.24 46.31
N GLN H 56 -14.11 4.92 46.18
CA GLN H 56 -12.95 4.03 46.24
C GLN H 56 -11.81 4.52 45.38
N LEU H 57 -12.11 5.03 44.18
CA LEU H 57 -11.02 5.46 43.31
C LEU H 57 -10.38 6.79 43.68
N GLY H 58 -10.76 7.38 44.81
CA GLY H 58 -10.13 8.62 45.28
C GLY H 58 -10.70 9.93 44.76
N ALA H 59 -11.83 9.87 44.08
CA ALA H 59 -12.57 11.08 43.64
C ALA H 59 -13.30 11.84 44.77
N LYS H 60 -13.23 13.17 44.75
CA LYS H 60 -14.20 14.03 45.45
C LYS H 60 -15.60 14.01 44.83
N LEU H 61 -16.65 13.84 45.64
CA LEU H 61 -17.98 13.78 44.98
C LEU H 61 -18.92 14.87 45.51
N VAL H 62 -19.76 15.35 44.61
CA VAL H 62 -20.80 16.31 44.95
C VAL H 62 -22.09 15.59 44.66
N PHE H 63 -23.03 15.57 45.61
CA PHE H 63 -24.33 14.93 45.36
C PHE H 63 -25.54 15.89 45.15
N THR H 64 -26.42 15.55 44.22
CA THR H 64 -27.64 16.36 44.11
C THR H 64 -28.89 15.49 44.34
N TYR H 65 -29.94 16.05 44.92
CA TYR H 65 -31.14 15.27 45.30
C TYR H 65 -32.41 16.08 45.01
N ARG H 66 -33.57 15.42 45.00
CA ARG H 66 -34.79 16.11 44.64
C ARG H 66 -35.44 16.65 45.91
N LYS H 67 -35.78 15.75 46.82
CA LYS H 67 -36.65 16.11 47.93
C LYS H 67 -35.81 15.99 49.20
N GLU H 68 -36.16 16.61 50.31
CA GLU H 68 -35.33 16.42 51.52
CA GLU H 68 -35.36 16.42 51.54
C GLU H 68 -35.09 14.95 51.92
N ARG H 69 -36.11 14.09 51.76
CA ARG H 69 -35.96 12.67 52.02
C ARG H 69 -34.60 12.20 51.52
N SER H 70 -34.41 12.18 50.20
CA SER H 70 -33.12 11.66 49.71
C SER H 70 -31.91 12.30 50.42
N ARG H 71 -32.12 13.38 51.18
CA ARG H 71 -31.07 14.10 51.95
C ARG H 71 -30.87 13.61 53.39
N LYS H 72 -31.81 13.93 54.28
CA LYS H 72 -31.86 13.33 55.63
C LYS H 72 -31.41 11.85 55.61
N GLU H 73 -31.91 11.11 54.61
CA GLU H 73 -31.45 9.78 54.20
C GLU H 73 -30.03 9.80 53.64
N LEU H 74 -29.80 10.60 52.61
CA LEU H 74 -28.57 10.55 51.85
C LEU H 74 -27.40 10.91 52.73
N GLU H 75 -27.61 11.78 53.72
CA GLU H 75 -26.54 12.22 54.61
C GLU H 75 -26.00 11.01 55.36
N LYS H 76 -26.91 10.14 55.77
CA LYS H 76 -26.55 8.94 56.53
C LYS H 76 -25.84 7.87 55.71
N LEU H 77 -26.13 7.80 54.41
CA LEU H 77 -25.47 6.90 53.45
C LEU H 77 -24.04 7.30 53.13
N LEU H 78 -23.86 8.59 52.91
CA LEU H 78 -22.56 9.23 52.79
C LEU H 78 -21.56 8.97 53.92
N GLU H 79 -21.98 8.39 55.03
CA GLU H 79 -21.02 8.16 56.10
C GLU H 79 -20.15 6.94 55.82
N GLN H 80 -20.68 6.03 54.98
CA GLN H 80 -20.00 4.86 54.43
C GLN H 80 -18.95 5.14 53.36
N LEU H 81 -18.75 6.39 53.00
CA LEU H 81 -17.86 6.73 51.90
C LEU H 81 -16.69 7.45 52.56
N ASN H 82 -15.58 7.63 51.87
CA ASN H 82 -14.43 8.19 52.59
C ASN H 82 -14.41 9.70 52.47
N GLN H 83 -15.36 10.22 51.71
CA GLN H 83 -15.54 11.66 51.55
C GLN H 83 -15.41 12.36 52.89
N PRO H 84 -14.45 13.28 52.99
CA PRO H 84 -14.22 14.08 54.19
C PRO H 84 -15.33 15.12 54.41
N GLU H 85 -16.11 15.44 53.38
CA GLU H 85 -17.22 16.37 53.57
C GLU H 85 -18.41 16.13 52.67
N ALA H 86 -19.56 16.60 53.16
CA ALA H 86 -20.82 16.40 52.48
C ALA H 86 -21.08 17.61 51.60
N HIS H 87 -20.99 17.40 50.29
CA HIS H 87 -21.41 18.44 49.37
C HIS H 87 -22.73 17.99 48.76
N LEU H 88 -23.82 18.55 49.30
CA LEU H 88 -25.18 18.15 48.94
C LEU H 88 -25.97 19.35 48.43
N TYR H 89 -26.74 19.13 47.36
CA TYR H 89 -27.44 20.21 46.68
C TYR H 89 -28.80 19.72 46.23
N GLN H 90 -29.81 20.49 46.61
CA GLN H 90 -31.17 20.22 46.21
C GLN H 90 -31.37 20.69 44.77
N ILE H 91 -31.55 19.78 43.84
CA ILE H 91 -31.85 20.18 42.48
C ILE H 91 -32.98 19.30 41.98
N ASP H 92 -34.12 19.91 41.71
CA ASP H 92 -35.17 19.26 40.94
C ASP H 92 -35.06 19.64 39.46
N VAL H 93 -34.81 18.69 38.58
CA VAL H 93 -34.43 19.06 37.22
C VAL H 93 -35.61 19.54 36.37
N GLN H 94 -36.80 19.57 36.93
CA GLN H 94 -37.92 20.23 36.28
C GLN H 94 -37.77 21.75 36.34
N SER H 95 -36.85 22.23 37.17
CA SER H 95 -36.66 23.67 37.32
C SER H 95 -35.31 24.04 36.70
N ASP H 96 -35.34 24.78 35.59
CA ASP H 96 -34.19 25.51 35.07
C ASP H 96 -33.43 26.27 36.14
N GLU H 97 -34.15 27.01 36.98
CA GLU H 97 -33.51 27.78 38.03
C GLU H 97 -32.77 26.90 39.02
N GLU H 98 -33.36 25.78 39.39
CA GLU H 98 -32.67 24.89 40.32
C GLU H 98 -31.42 24.27 39.72
N VAL H 99 -31.46 23.96 38.42
CA VAL H 99 -30.28 23.38 37.79
C VAL H 99 -29.23 24.49 37.68
N ILE H 100 -29.61 25.67 37.20
CA ILE H 100 -28.67 26.77 36.97
C ILE H 100 -28.03 27.23 38.29
N ASN H 101 -28.84 27.59 39.28
CA ASN H 101 -28.36 28.02 40.59
C ASN H 101 -27.59 26.91 41.32
N GLY H 102 -28.07 25.67 41.22
CA GLY H 102 -27.37 24.50 41.75
C GLY H 102 -25.96 24.36 41.21
N PHE H 103 -25.81 24.41 39.88
CA PHE H 103 -24.47 24.15 39.33
C PHE H 103 -23.52 25.32 39.61
N GLU H 104 -24.07 26.53 39.60
CA GLU H 104 -23.35 27.75 39.98
C GLU H 104 -22.75 27.67 41.38
N GLN H 105 -23.59 27.26 42.32
CA GLN H 105 -23.19 27.07 43.72
C GLN H 105 -22.09 26.01 43.88
N ILE H 106 -22.26 24.89 43.16
CA ILE H 106 -21.26 23.83 43.09
C ILE H 106 -19.92 24.39 42.63
N GLY H 107 -19.96 25.23 41.60
CA GLY H 107 -18.77 25.91 41.13
C GLY H 107 -18.14 26.73 42.25
N LYS H 108 -18.96 27.53 42.94
CA LYS H 108 -18.45 28.31 44.08
C LYS H 108 -17.93 27.46 45.24
N ASP H 109 -18.57 26.34 45.54
CA ASP H 109 -18.18 25.58 46.73
C ASP H 109 -16.97 24.70 46.45
N VAL H 110 -16.81 24.22 45.22
CA VAL H 110 -15.78 23.25 44.90
C VAL H 110 -14.92 23.52 43.64
N GLY H 111 -15.28 24.53 42.85
CA GLY H 111 -14.50 24.90 41.66
C GLY H 111 -14.90 24.03 40.49
N ASN H 112 -13.96 23.83 39.56
CA ASN H 112 -14.22 23.12 38.32
C ASN H 112 -14.34 21.62 38.60
N ILE H 113 -15.27 20.99 37.88
CA ILE H 113 -15.55 19.56 37.99
C ILE H 113 -15.04 18.77 36.75
N ASP H 114 -14.95 17.45 36.90
CA ASP H 114 -14.49 16.61 35.82
C ASP H 114 -15.58 15.85 35.09
N GLY H 115 -16.76 15.75 35.69
CA GLY H 115 -17.81 14.96 35.09
C GLY H 115 -19.15 15.05 35.76
N VAL H 116 -20.20 14.61 35.06
CA VAL H 116 -21.50 14.45 35.68
C VAL H 116 -21.98 13.01 35.49
N TYR H 117 -22.40 12.38 36.57
CA TYR H 117 -23.19 11.16 36.38
C TYR H 117 -24.67 11.46 36.56
N HIS H 118 -25.45 11.17 35.53
CA HIS H 118 -26.88 11.47 35.51
C HIS H 118 -27.68 10.18 35.65
N SER H 119 -28.41 10.08 36.75
CA SER H 119 -29.13 8.85 37.07
C SER H 119 -30.58 9.17 37.42
N ILE H 120 -31.28 9.85 36.52
CA ILE H 120 -32.57 10.47 36.84
C ILE H 120 -33.64 10.16 35.79
N ALA H 121 -34.79 9.66 36.21
CA ALA H 121 -35.91 9.46 35.31
C ALA H 121 -37.17 9.45 36.14
N PHE H 122 -38.27 9.71 35.46
CA PHE H 122 -39.57 9.62 36.09
C PHE H 122 -40.63 9.51 35.00
N ALA H 123 -41.71 8.82 35.34
CA ALA H 123 -42.95 8.80 34.57
C ALA H 123 -44.06 8.48 35.56
N ASN H 124 -45.29 8.95 35.32
CA ASN H 124 -46.42 8.55 36.13
C ASN H 124 -46.58 7.05 36.14
N MET H 125 -46.77 6.51 37.33
CA MET H 125 -46.97 5.09 37.50
C MET H 125 -48.00 4.41 36.60
N GLU H 126 -49.10 5.07 36.28
CA GLU H 126 -50.11 4.40 35.46
C GLU H 126 -49.76 4.37 33.98
N ASP H 127 -48.64 4.99 33.65
CA ASP H 127 -48.17 4.95 32.29
C ASP H 127 -47.11 3.87 32.11
N LEU H 128 -46.81 3.08 33.14
CA LEU H 128 -45.83 2.01 32.99
C LEU H 128 -46.45 0.60 33.09
N ARG H 129 -47.67 0.51 32.59
CA ARG H 129 -48.43 -0.74 32.64
C ARG H 129 -49.59 -0.67 31.68
N GLY H 130 -49.93 -1.81 31.11
CA GLY H 130 -51.02 -1.84 30.15
C GLY H 130 -50.67 -1.03 28.92
N ARG H 131 -51.57 -0.16 28.47
CA ARG H 131 -51.59 0.14 27.02
C ARG H 131 -50.86 1.44 26.68
N PHE H 132 -49.68 1.32 26.06
CA PHE H 132 -48.93 2.48 25.59
C PHE H 132 -49.80 3.46 24.80
N SER H 133 -50.69 2.93 23.95
CA SER H 133 -51.50 3.80 23.09
C SER H 133 -52.49 4.64 23.91
N GLU H 134 -52.58 4.40 25.21
CA GLU H 134 -53.53 5.18 26.02
C GLU H 134 -52.81 6.29 26.78
N THR H 135 -51.49 6.37 26.64
CA THR H 135 -50.74 7.41 27.33
C THR H 135 -51.28 8.85 27.15
N SER H 136 -51.37 9.60 28.25
CA SER H 136 -51.81 11.00 28.22
C SER H 136 -50.67 11.87 27.72
N ARG H 137 -51.04 13.03 27.20
CA ARG H 137 -50.07 13.99 26.66
C ARG H 137 -49.18 14.49 27.79
N GLU H 138 -49.82 14.81 28.91
CA GLU H 138 -49.11 15.30 30.12
C GLU H 138 -48.14 14.22 30.61
N GLY H 139 -48.57 12.97 30.65
CA GLY H 139 -47.64 11.92 31.09
C GLY H 139 -46.51 11.71 30.10
N PHE H 140 -46.80 11.86 28.81
CA PHE H 140 -45.72 11.61 27.87
C PHE H 140 -44.70 12.73 28.02
N LEU H 141 -45.19 13.96 28.20
CA LEU H 141 -44.29 15.11 28.21
C LEU H 141 -43.52 15.20 29.51
N LEU H 142 -44.13 14.81 30.61
CA LEU H 142 -43.44 14.66 31.89
C LEU H 142 -42.21 13.74 31.81
N ALA H 143 -42.41 12.53 31.25
CA ALA H 143 -41.34 11.56 31.17
C ALA H 143 -40.19 12.15 30.34
N GLN H 144 -40.52 12.83 29.24
CA GLN H 144 -39.53 13.47 28.37
C GLN H 144 -38.78 14.56 29.12
N ASP H 145 -39.54 15.38 29.80
CA ASP H 145 -38.99 16.47 30.61
C ASP H 145 -37.91 15.97 31.59
N ILE H 146 -38.34 15.11 32.52
CA ILE H 146 -37.43 14.63 33.54
C ILE H 146 -36.35 13.67 33.06
N SER H 147 -36.67 12.78 32.13
CA SER H 147 -35.82 11.63 31.81
C SER H 147 -34.92 11.89 30.60
N SER H 148 -35.26 12.90 29.80
CA SER H 148 -34.43 13.24 28.67
C SER H 148 -33.98 14.69 28.66
N TYR H 149 -34.93 15.62 28.72
CA TYR H 149 -34.51 17.01 28.62
C TYR H 149 -33.61 17.41 29.81
N SER H 150 -33.83 16.83 30.99
CA SER H 150 -32.95 17.14 32.11
C SER H 150 -31.45 17.04 31.74
N LEU H 151 -31.07 16.11 30.86
CA LEU H 151 -29.66 15.96 30.45
C LEU H 151 -29.11 17.15 29.70
N THR H 152 -29.91 17.69 28.79
CA THR H 152 -29.51 18.82 27.97
C THR H 152 -29.15 20.00 28.89
N ILE H 153 -30.04 20.29 29.85
CA ILE H 153 -29.85 21.50 30.64
C ILE H 153 -28.70 21.26 31.64
N VAL H 154 -28.62 20.06 32.20
CA VAL H 154 -27.52 19.74 33.11
C VAL H 154 -26.17 19.93 32.41
N ALA H 155 -26.10 19.40 31.21
CA ALA H 155 -24.90 19.52 30.40
C ALA H 155 -24.57 20.96 30.10
N HIS H 156 -25.57 21.75 29.71
CA HIS H 156 -25.30 23.15 29.39
C HIS H 156 -24.74 23.82 30.66
N GLU H 157 -25.33 23.51 31.82
CA GLU H 157 -24.88 24.17 33.05
C GLU H 157 -23.55 23.62 33.54
N ALA H 158 -23.37 22.31 33.46
CA ALA H 158 -22.13 21.65 33.91
C ALA H 158 -20.92 22.03 33.03
N LYS H 159 -21.15 22.29 31.76
CA LYS H 159 -20.11 22.71 30.85
C LYS H 159 -19.38 23.95 31.36
N LYS H 160 -20.12 24.87 31.97
CA LYS H 160 -19.50 26.07 32.55
C LYS H 160 -18.44 25.72 33.59
N LEU H 161 -18.48 24.51 34.13
CA LEU H 161 -17.58 24.14 35.21
C LEU H 161 -16.49 23.20 34.69
N MET H 162 -16.43 23.04 33.36
CA MET H 162 -15.46 22.15 32.75
C MET H 162 -14.72 22.84 31.61
N PRO H 163 -13.95 23.90 31.90
CA PRO H 163 -13.37 24.66 30.79
C PRO H 163 -12.31 23.88 30.02
N GLU H 164 -11.68 22.89 30.64
CA GLU H 164 -10.68 22.08 29.98
C GLU H 164 -11.29 20.77 29.48
N GLY H 165 -12.59 20.60 29.60
CA GLY H 165 -13.22 19.38 29.12
C GLY H 165 -13.67 18.49 30.26
N GLY H 166 -14.31 17.38 29.94
CA GLY H 166 -14.71 16.48 31.00
C GLY H 166 -15.65 15.47 30.42
N SER H 167 -16.42 14.83 31.28
CA SER H 167 -17.14 13.67 30.82
C SER H 167 -18.51 13.61 31.47
N ILE H 168 -19.53 13.36 30.67
CA ILE H 168 -20.90 13.29 31.16
C ILE H 168 -21.54 11.94 30.86
N VAL H 169 -22.09 11.27 31.87
CA VAL H 169 -22.66 9.93 31.63
C VAL H 169 -24.11 9.85 32.09
N ALA H 170 -25.00 9.39 31.23
CA ALA H 170 -26.42 9.13 31.62
C ALA H 170 -26.77 7.63 31.64
N THR H 171 -27.77 7.28 32.46
CA THR H 171 -28.27 5.91 32.52
C THR H 171 -29.48 5.68 31.62
N THR H 172 -29.35 4.72 30.71
CA THR H 172 -30.50 4.29 29.97
C THR H 172 -30.81 2.80 30.13
N TYR H 173 -31.85 2.37 29.44
CA TYR H 173 -32.25 0.98 29.51
C TYR H 173 -32.51 0.50 28.07
N LEU H 174 -32.47 -0.81 27.86
CA LEU H 174 -32.71 -1.45 26.55
C LEU H 174 -34.06 -1.08 25.93
N GLY H 175 -35.04 -0.82 26.79
CA GLY H 175 -36.35 -0.31 26.38
C GLY H 175 -36.31 0.96 25.52
N GLY H 176 -35.18 1.66 25.50
CA GLY H 176 -35.06 2.78 24.59
C GLY H 176 -34.77 2.32 23.17
N GLU H 177 -34.40 1.05 22.97
CA GLU H 177 -33.92 0.60 21.64
C GLU H 177 -34.87 -0.41 21.04
N PHE H 178 -35.59 -1.12 21.91
CA PHE H 178 -36.67 -2.02 21.48
C PHE H 178 -37.92 -1.82 22.29
N ALA H 179 -39.08 -2.16 21.72
CA ALA H 179 -40.29 -2.17 22.52
C ALA H 179 -40.32 -3.36 23.49
N VAL H 180 -40.39 -3.02 24.77
CA VAL H 180 -40.36 -3.96 25.87
C VAL H 180 -41.71 -3.83 26.57
N GLN H 181 -42.26 -4.96 27.04
CA GLN H 181 -43.51 -5.00 27.76
C GLN H 181 -43.52 -4.00 28.94
N ASN H 182 -44.65 -3.33 29.19
CA ASN H 182 -44.81 -2.44 30.35
C ASN H 182 -43.96 -1.16 30.46
N TYR H 183 -42.83 -1.10 29.78
CA TYR H 183 -41.97 0.06 29.93
C TYR H 183 -42.49 1.32 29.22
N ASN H 184 -43.20 1.13 28.10
CA ASN H 184 -44.16 2.11 27.56
C ASN H 184 -43.60 3.53 27.44
N VAL H 185 -44.19 4.51 28.09
CA VAL H 185 -43.72 5.90 27.95
C VAL H 185 -42.23 6.08 28.30
N MET H 186 -41.71 5.35 29.27
CA MET H 186 -40.30 5.44 29.63
C MET H 186 -39.38 4.98 28.50
N GLY H 187 -39.78 3.96 27.77
CA GLY H 187 -39.01 3.56 26.61
C GLY H 187 -38.86 4.64 25.55
N VAL H 188 -39.93 5.35 25.28
CA VAL H 188 -39.83 6.52 24.40
C VAL H 188 -38.99 7.66 25.05
N ALA H 189 -39.04 7.86 26.36
CA ALA H 189 -38.15 8.79 27.03
C ALA H 189 -36.70 8.36 26.94
N LYS H 190 -36.40 7.07 27.01
CA LYS H 190 -35.04 6.59 26.91
C LYS H 190 -34.52 6.69 25.47
N ALA H 191 -35.38 6.43 24.48
CA ALA H 191 -34.98 6.56 23.09
C ALA H 191 -34.55 8.00 22.87
N SER H 192 -35.34 8.90 23.45
CA SER H 192 -35.09 10.32 23.31
C SER H 192 -33.81 10.68 24.04
N LEU H 193 -33.59 10.14 25.24
CA LEU H 193 -32.34 10.31 25.95
C LEU H 193 -31.09 9.81 25.22
N GLU H 194 -31.17 8.63 24.61
CA GLU H 194 -30.04 8.14 23.85
C GLU H 194 -29.72 9.03 22.63
N ALA H 195 -30.71 9.58 21.94
CA ALA H 195 -30.42 10.57 20.91
C ALA H 195 -29.86 11.88 21.50
N ASN H 196 -30.37 12.26 22.67
CA ASN H 196 -29.90 13.45 23.39
C ASN H 196 -28.37 13.31 23.55
N VAL H 197 -27.94 12.19 24.12
CA VAL H 197 -26.51 11.88 24.26
C VAL H 197 -25.72 12.05 22.94
N LYS H 198 -26.25 11.49 21.85
CA LYS H 198 -25.58 11.63 20.57
C LYS H 198 -25.46 13.11 20.16
N TYR H 199 -26.56 13.87 20.26
CA TYR H 199 -26.53 15.28 19.87
C TYR H 199 -25.67 16.12 20.79
N LEU H 200 -25.64 15.81 22.09
CA LEU H 200 -24.72 16.50 22.99
C LEU H 200 -23.27 16.12 22.70
N ALA H 201 -23.02 14.86 22.31
CA ALA H 201 -21.62 14.47 22.02
C ALA H 201 -21.09 15.32 20.86
N LEU H 202 -21.90 15.43 19.82
CA LEU H 202 -21.55 16.20 18.65
C LEU H 202 -21.31 17.68 19.04
N ASP H 203 -22.25 18.28 19.75
CA ASP H 203 -22.17 19.70 20.15
C ASP H 203 -20.95 19.99 21.04
N LEU H 204 -20.74 19.15 22.04
CA LEU H 204 -19.82 19.49 23.13
C LEU H 204 -18.46 18.86 22.88
N GLY H 205 -18.37 18.07 21.80
CA GLY H 205 -17.11 17.38 21.47
C GLY H 205 -15.97 18.36 21.24
N PRO H 206 -16.22 19.49 20.54
CA PRO H 206 -15.14 20.46 20.33
C PRO H 206 -14.70 21.17 21.59
N ASP H 207 -15.51 21.17 22.64
CA ASP H 207 -15.06 21.68 23.94
C ASP H 207 -14.40 20.58 24.76
N ASN H 208 -14.18 19.42 24.13
CA ASN H 208 -13.57 18.28 24.80
C ASN H 208 -14.47 17.73 25.91
N ILE H 209 -15.79 17.77 25.71
CA ILE H 209 -16.67 17.19 26.72
C ILE H 209 -17.26 15.97 26.05
N ARG H 210 -16.96 14.79 26.59
CA ARG H 210 -17.57 13.54 26.09
C ARG H 210 -18.90 13.21 26.76
N VAL H 211 -19.81 12.63 25.98
CA VAL H 211 -21.13 12.39 26.54
C VAL H 211 -21.52 10.98 26.15
N ASN H 212 -21.76 10.14 27.15
CA ASN H 212 -22.09 8.75 26.87
C ASN H 212 -23.28 8.30 27.70
N ALA H 213 -23.71 7.08 27.43
CA ALA H 213 -24.82 6.45 28.14
C ALA H 213 -24.35 5.06 28.58
N ILE H 214 -24.78 4.66 29.78
CA ILE H 214 -24.72 3.25 30.20
C ILE H 214 -26.12 2.70 30.17
N SER H 215 -26.29 1.64 29.40
CA SER H 215 -27.58 0.96 29.32
C SER H 215 -27.48 -0.19 30.32
N ALA H 216 -28.02 0.01 31.52
CA ALA H 216 -27.93 -0.95 32.62
C ALA H 216 -28.97 -2.03 32.39
N GLY H 217 -28.62 -3.26 32.75
CA GLY H 217 -29.59 -4.33 32.91
C GLY H 217 -30.50 -4.07 34.11
N PRO H 218 -31.54 -4.91 34.27
CA PRO H 218 -32.45 -4.68 35.38
C PRO H 218 -31.82 -4.93 36.75
N ILE H 219 -32.14 -4.04 37.70
CA ILE H 219 -31.56 -4.03 39.04
C ILE H 219 -32.67 -3.66 40.03
N ARG H 220 -32.80 -4.35 41.16
CA ARG H 220 -33.82 -3.99 42.13
C ARG H 220 -33.51 -2.64 42.81
N THR H 221 -34.30 -1.63 42.48
CA THR H 221 -34.16 -0.27 43.01
C THR H 221 -35.54 0.26 43.42
N LEU H 222 -35.55 1.30 44.25
CA LEU H 222 -36.77 2.03 44.55
C LEU H 222 -37.69 2.22 43.34
N SER H 223 -37.17 2.70 42.20
CA SER H 223 -37.98 2.92 41.00
C SER H 223 -38.38 1.67 40.24
N ALA H 224 -37.56 0.62 40.34
CA ALA H 224 -37.91 -0.63 39.66
C ALA H 224 -39.27 -1.13 40.15
N LYS H 225 -39.68 -0.72 41.34
CA LYS H 225 -40.97 -1.17 41.86
C LYS H 225 -42.10 -0.67 40.98
N GLY H 226 -41.87 0.45 40.29
CA GLY H 226 -42.86 1.06 39.42
C GLY H 226 -43.03 0.42 38.04
N VAL H 227 -42.05 -0.39 37.62
CA VAL H 227 -42.09 -1.07 36.31
C VAL H 227 -42.94 -2.33 36.35
N GLY H 228 -43.98 -2.37 35.52
CA GLY H 228 -44.83 -3.56 35.50
C GLY H 228 -44.01 -4.80 35.17
N GLY H 229 -44.12 -5.86 35.96
CA GLY H 229 -43.57 -7.15 35.58
C GLY H 229 -42.06 -7.20 35.70
N PHE H 230 -41.49 -6.28 36.47
CA PHE H 230 -40.06 -6.28 36.78
C PHE H 230 -39.45 -7.62 37.21
N ASN H 231 -40.11 -8.37 38.07
CA ASN H 231 -39.50 -9.62 38.51
C ASN H 231 -39.30 -10.60 37.36
N THR H 232 -40.15 -10.45 36.35
CA THR H 232 -40.07 -11.32 35.19
C THR H 232 -38.89 -10.88 34.29
N ILE H 233 -38.64 -9.59 34.20
CA ILE H 233 -37.42 -9.06 33.62
C ILE H 233 -36.15 -9.70 34.24
N LEU H 234 -36.03 -9.68 35.57
CA LEU H 234 -34.86 -10.24 36.25
C LEU H 234 -34.66 -11.72 35.93
N LYS H 235 -35.74 -12.47 35.95
CA LYS H 235 -35.69 -13.91 35.69
C LYS H 235 -35.22 -14.17 34.26
N GLU H 236 -35.72 -13.39 33.31
CA GLU H 236 -35.35 -13.58 31.92
C GLU H 236 -33.83 -13.43 31.67
N ILE H 237 -33.23 -12.36 32.19
CA ILE H 237 -31.79 -12.21 32.20
C ILE H 237 -31.10 -13.45 32.71
N GLU H 238 -31.49 -13.96 33.88
CA GLU H 238 -30.76 -15.04 34.45
C GLU H 238 -30.81 -16.20 33.48
N GLU H 239 -31.94 -16.33 32.78
CA GLU H 239 -32.14 -17.55 32.00
C GLU H 239 -31.51 -17.46 30.61
N ARG H 240 -31.46 -16.25 30.06
CA ARG H 240 -31.22 -16.06 28.64
C ARG H 240 -30.00 -15.19 28.33
N ALA H 241 -29.56 -14.27 29.20
CA ALA H 241 -28.37 -13.47 28.89
C ALA H 241 -27.10 -14.34 28.80
N PRO H 242 -26.16 -13.99 27.91
CA PRO H 242 -24.89 -14.73 27.80
C PRO H 242 -24.26 -15.06 29.16
N LEU H 243 -24.30 -14.13 30.12
CA LEU H 243 -23.69 -14.45 31.40
C LEU H 243 -24.61 -15.20 32.35
N LYS H 244 -25.91 -15.35 32.02
CA LYS H 244 -26.77 -16.17 32.88
C LYS H 244 -26.77 -15.66 34.32
N ARG H 245 -26.72 -14.35 34.52
CA ARG H 245 -26.74 -13.78 35.85
C ARG H 245 -27.19 -12.33 35.65
N ASN H 246 -27.76 -11.72 36.70
CA ASN H 246 -28.04 -10.30 36.69
C ASN H 246 -26.80 -9.48 37.00
N VAL H 247 -26.86 -8.19 36.72
CA VAL H 247 -25.78 -7.27 37.08
C VAL H 247 -26.14 -6.54 38.38
N ASP H 248 -25.21 -5.74 38.87
CA ASP H 248 -25.49 -4.94 40.05
C ASP H 248 -24.99 -3.50 39.92
N GLN H 249 -25.28 -2.68 40.91
CA GLN H 249 -25.06 -1.24 40.87
C GLN H 249 -23.55 -0.97 40.80
N VAL H 250 -22.78 -1.82 41.47
CA VAL H 250 -21.32 -1.71 41.46
C VAL H 250 -20.80 -1.98 40.05
N GLU H 251 -21.42 -2.87 39.27
CA GLU H 251 -20.94 -3.09 37.92
C GLU H 251 -21.21 -1.90 37.02
N VAL H 252 -22.35 -1.23 37.23
CA VAL H 252 -22.62 -0.02 36.47
C VAL H 252 -21.62 1.07 36.85
N GLY H 253 -21.35 1.15 38.15
CA GLY H 253 -20.32 2.03 38.69
C GLY H 253 -18.97 1.81 38.06
N LYS H 254 -18.58 0.56 37.83
CA LYS H 254 -17.22 0.34 37.34
C LYS H 254 -17.10 0.81 35.89
N THR H 255 -18.13 0.57 35.08
CA THR H 255 -18.20 1.13 33.75
C THR H 255 -18.34 2.68 33.77
N ALA H 256 -19.06 3.21 34.76
CA ALA H 256 -19.13 4.67 34.91
C ALA H 256 -17.74 5.28 35.13
N ALA H 257 -16.90 4.59 35.89
CA ALA H 257 -15.57 5.04 36.20
C ALA H 257 -14.72 5.07 34.94
N TYR H 258 -14.85 4.05 34.10
CA TYR H 258 -14.19 4.03 32.81
C TYR H 258 -14.67 5.22 31.95
N LEU H 259 -15.98 5.37 31.77
CA LEU H 259 -16.51 6.49 30.99
C LEU H 259 -16.14 7.88 31.53
N LEU H 260 -15.89 7.98 32.84
CA LEU H 260 -15.71 9.29 33.47
C LEU H 260 -14.23 9.63 33.58
N SER H 261 -13.37 8.63 33.35
CA SER H 261 -11.93 8.80 33.37
C SER H 261 -11.34 8.90 31.98
N ASP H 262 -10.05 9.20 31.97
CA ASP H 262 -9.27 9.23 30.75
C ASP H 262 -9.09 7.85 30.12
N LEU H 263 -9.54 6.78 30.75
CA LEU H 263 -9.48 5.48 30.09
C LEU H 263 -10.33 5.46 28.84
N SER H 264 -11.40 6.25 28.81
CA SER H 264 -12.28 6.28 27.65
C SER H 264 -12.04 7.48 26.77
N SER H 265 -10.82 8.02 26.80
N SER H 265 -10.84 8.05 26.79
CA SER H 265 -10.57 9.31 26.15
CA SER H 265 -10.61 9.13 25.82
C SER H 265 -11.02 9.37 24.68
C SER H 265 -10.83 8.56 24.42
N GLY H 266 -11.18 8.22 24.02
N GLY H 266 -11.50 9.33 23.57
CA GLY H 266 -11.49 8.17 22.59
CA GLY H 266 -11.79 8.85 22.22
C GLY H 266 -12.93 7.96 22.22
C GLY H 266 -13.16 8.22 22.10
N VAL H 267 -13.77 7.90 23.25
CA VAL H 267 -15.13 7.37 23.22
C VAL H 267 -16.16 8.44 23.59
N THR H 268 -17.10 8.70 22.66
CA THR H 268 -18.15 9.67 22.89
C THR H 268 -19.30 9.35 21.94
N GLY H 269 -20.52 9.65 22.37
CA GLY H 269 -21.73 9.34 21.63
C GLY H 269 -22.03 7.86 21.78
N GLU H 270 -21.41 7.19 22.75
CA GLU H 270 -21.51 5.73 22.85
C GLU H 270 -22.57 5.31 23.89
N ASN H 271 -23.04 4.07 23.80
CA ASN H 271 -23.98 3.46 24.76
C ASN H 271 -23.38 2.12 25.14
N ILE H 272 -22.84 1.96 26.35
CA ILE H 272 -22.25 0.68 26.74
C ILE H 272 -23.25 -0.11 27.55
N HIS H 273 -23.61 -1.32 27.10
CA HIS H 273 -24.63 -2.09 27.82
C HIS H 273 -23.92 -2.83 28.95
N VAL H 274 -24.36 -2.63 30.19
CA VAL H 274 -23.82 -3.37 31.34
C VAL H 274 -24.97 -4.24 31.82
N ASP H 275 -25.16 -5.36 31.09
CA ASP H 275 -26.43 -6.08 31.08
C ASP H 275 -26.25 -7.60 30.87
N SER H 276 -25.07 -8.07 31.23
CA SER H 276 -24.76 -9.48 31.04
C SER H 276 -24.84 -9.98 29.59
N GLY H 277 -24.82 -9.08 28.60
CA GLY H 277 -24.84 -9.43 27.19
C GLY H 277 -26.22 -9.54 26.60
N PHE H 278 -27.23 -9.12 27.36
CA PHE H 278 -28.61 -9.34 26.92
C PHE H 278 -28.91 -8.64 25.62
N HIS H 279 -28.34 -7.46 25.47
CA HIS H 279 -28.61 -6.64 24.29
C HIS H 279 -28.26 -7.35 22.99
N ALA H 280 -27.34 -8.31 23.10
CA ALA H 280 -26.67 -8.91 21.94
C ALA H 280 -27.40 -10.14 21.45
N ILE H 281 -28.42 -10.58 22.19
CA ILE H 281 -29.06 -11.83 21.86
C ILE H 281 -30.53 -11.58 21.58
N LYS H 282 -31.15 -12.57 20.98
CA LYS H 282 -32.55 -12.52 20.64
C LYS H 282 -33.01 -13.98 20.69
PA NAP I . 1.39 -5.30 -10.95
O1A NAP I . 0.36 -4.85 -11.93
O2A NAP I . 1.01 -5.33 -9.52
O5B NAP I . 2.00 -6.72 -11.34
C5B NAP I . 2.72 -7.53 -10.45
C4B NAP I . 2.39 -8.92 -10.96
O4B NAP I . 3.25 -9.84 -10.32
C3B NAP I . 0.94 -9.33 -10.68
O3B NAP I . 0.34 -9.72 -11.87
C2B NAP I . 1.15 -10.55 -9.80
O2B NAP I . 0.14 -11.52 -10.00
C1B NAP I . 2.54 -11.02 -10.23
N9A NAP I . 3.13 -11.90 -9.24
C8A NAP I . 3.59 -11.61 -7.99
N7A NAP I . 3.97 -12.79 -7.41
C5A NAP I . 3.74 -13.80 -8.30
C6A NAP I . 3.89 -15.18 -8.22
N6A NAP I . 4.37 -15.77 -7.13
N1A NAP I . 3.56 -15.93 -9.33
C2A NAP I . 3.05 -15.36 -10.48
N3A NAP I . 2.82 -14.01 -10.50
C4A NAP I . 3.19 -13.25 -9.45
O3 NAP I . 2.62 -4.27 -10.92
PN NAP I . 3.64 -3.85 -12.02
O1N NAP I . 4.14 -2.59 -11.51
O2N NAP I . 2.98 -3.91 -13.37
O5D NAP I . 4.77 -4.98 -11.89
C5D NAP I . 5.32 -5.69 -12.98
C4D NAP I . 6.85 -5.66 -12.93
O4D NAP I . 7.33 -4.35 -13.18
C3D NAP I . 7.49 -6.02 -11.61
O3D NAP I . 8.63 -6.82 -11.83
C2D NAP I . 7.94 -4.71 -11.04
O2D NAP I . 8.98 -4.85 -10.10
C1D NAP I . 8.36 -4.00 -12.29
N1N NAP I . 8.50 -2.53 -12.20
C2N NAP I . 7.43 -1.74 -11.83
C3N NAP I . 7.58 -0.35 -11.83
C7N NAP I . 6.42 0.56 -11.52
O7N NAP I . 6.74 1.87 -11.25
N7N NAP I . 5.15 0.16 -11.47
C4N NAP I . 8.77 0.23 -12.25
C5N NAP I . 9.80 -0.59 -12.65
C6N NAP I . 9.66 -1.97 -12.60
P2B NAP I . -1.10 -11.72 -9.00
O1X NAP I . -1.70 -10.36 -8.68
O2X NAP I . -1.95 -12.69 -9.73
O3X NAP I . -0.61 -12.25 -7.66
C1 TCL J . 9.36 -0.42 -8.74
C2 TCL J . 8.51 0.70 -8.55
C6 TCL J . 8.84 -1.67 -8.72
C5 TCL J . 7.42 -1.87 -8.49
C4 TCL J . 6.59 -0.77 -8.35
C3 TCL J . 7.13 0.51 -8.33
C11 TCL J . 6.53 -5.18 -4.92
C10 TCL J . 6.15 -5.80 -6.11
C9 TCL J . 6.25 -5.13 -7.28
C8 TCL J . 6.85 -3.81 -7.30
C12 TCL J . 7.13 -3.90 -4.94
C13 TCL J . 7.28 -3.23 -6.15
O7 TCL J . 6.90 -3.12 -8.46
CL14 TCL J . 9.19 2.33 -8.59
CL15 TCL J . 6.35 -6.04 -3.39
CL16 TCL J . 5.59 -5.83 -8.75
O17 TCL J . 9.65 -2.73 -8.87
N GLU K . 2.29 6.59 1.53
CA GLU K . 3.24 5.49 1.60
C GLU K . 4.34 5.87 2.59
O GLU K . 4.32 5.31 3.71
CB GLU K . 3.92 5.44 0.25
CG GLU K . 3.34 4.39 -0.69
CD GLU K . 2.98 5.03 -2.06
OE1 GLU K . 3.06 6.31 -2.17
OE2 GLU K . 2.60 4.20 -2.94
OXT GLU K . 5.14 6.76 2.20
C1 TCL L . 35.42 -16.40 -7.47
C2 TCL L . 36.52 -17.11 -7.98
C6 TCL L . 34.87 -16.76 -6.25
C5 TCL L . 35.43 -17.87 -5.51
C4 TCL L . 36.53 -18.54 -6.01
C3 TCL L . 37.09 -18.17 -7.24
C11 TCL L . 31.99 -21.20 -4.25
C10 TCL L . 32.41 -20.62 -3.08
C9 TCL L . 33.34 -19.61 -3.11
C8 TCL L . 33.89 -19.19 -4.34
C12 TCL L . 32.55 -20.78 -5.49
C13 TCL L . 33.50 -19.78 -5.51
O7 TCL L . 34.87 -18.25 -4.34
CL14 TCL L . 37.23 -16.66 -9.55
CL15 TCL L . 30.81 -22.54 -4.21
CL16 TCL L . 33.88 -18.89 -1.61
O17 TCL L . 33.76 -16.14 -5.80
PA NAP M . 37.83 -20.15 1.06
O1A NAP M . 39.21 -20.10 1.62
O2A NAP M . 37.38 -21.46 0.57
O5B NAP M . 36.85 -19.41 2.07
C5B NAP M . 35.45 -19.61 2.01
C4B NAP M . 34.98 -19.41 3.43
O4B NAP M . 33.57 -19.37 3.33
C3B NAP M . 35.33 -20.60 4.31
O3B NAP M . 35.86 -20.17 5.54
C2B NAP M . 33.94 -21.15 4.66
O2B NAP M . 33.90 -21.67 5.96
C1B NAP M . 33.06 -19.91 4.52
N9A NAP M . 31.63 -20.25 4.49
C8A NAP M . 30.92 -20.88 3.50
N7A NAP M . 29.65 -21.03 3.93
C5A NAP M . 29.55 -20.57 5.21
C6A NAP M . 28.54 -20.53 6.17
N6A NAP M . 27.32 -21.00 5.89
N1A NAP M . 28.72 -19.93 7.39
C2A NAP M . 29.96 -19.44 7.71
N3A NAP M . 31.01 -19.55 6.81
C4A NAP M . 30.81 -20.07 5.58
O3 NAP M . 37.76 -19.37 -0.33
PN NAP M . 38.02 -17.84 -0.76
O1N NAP M . 38.36 -17.85 -2.20
O2N NAP M . 38.87 -17.24 0.28
O5D NAP M . 36.56 -17.24 -0.60
C5D NAP M . 36.36 -16.13 0.27
C4D NAP M . 35.50 -15.05 -0.38
O4D NAP M . 36.27 -14.47 -1.40
C3D NAP M . 34.19 -15.56 -0.98
O3D NAP M . 33.17 -14.60 -0.84
C2D NAP M . 34.59 -15.72 -2.43
O2D NAP M . 33.47 -15.64 -3.29
C1D NAP M . 35.47 -14.49 -2.57
N1N NAP M . 36.28 -14.43 -3.79
C2N NAP M . 37.17 -15.41 -4.09
C3N NAP M . 37.95 -15.33 -5.24
C7N NAP M . 39.05 -16.33 -5.51
O7N NAP M . 39.60 -16.26 -6.77
N7N NAP M . 39.36 -17.32 -4.69
C4N NAP M . 37.76 -14.27 -6.11
C5N NAP M . 36.80 -13.29 -5.85
C6N NAP M . 36.06 -13.40 -4.68
P2B NAP M . 34.02 -23.26 6.28
O1X NAP M . 35.28 -23.77 5.60
O2X NAP M . 34.08 -23.34 7.79
O3X NAP M . 32.82 -23.98 5.75
N GLU N . 38.10 -29.62 -13.53
CA GLU N . 37.12 -28.54 -13.68
C GLU N . 36.47 -28.43 -15.06
O GLU N . 35.41 -29.09 -15.27
CB GLU N . 37.96 -27.31 -13.47
CG GLU N . 37.91 -27.12 -11.95
CD GLU N . 38.83 -25.96 -11.63
OE1 GLU N . 39.53 -25.54 -12.62
OE2 GLU N . 38.86 -25.56 -10.43
OXT GLU N . 36.93 -27.53 -15.82
PA NAP O . 41.54 24.74 -7.83
O1A NAP O . 42.08 24.88 -6.47
O2A NAP O . 40.97 25.92 -8.52
O5B NAP O . 42.64 24.02 -8.73
C5B NAP O . 42.61 23.99 -10.13
C4B NAP O . 44.07 23.93 -10.57
O4B NAP O . 44.08 23.76 -11.97
C3B NAP O . 44.79 25.26 -10.27
O3B NAP O . 45.94 25.02 -9.50
C2B NAP O . 45.22 25.74 -11.64
O2B NAP O . 46.49 26.37 -11.65
C1B NAP O . 45.22 24.45 -12.44
N9A NAP O . 45.23 24.67 -13.90
C8A NAP O . 44.19 25.04 -14.69
N7A NAP O . 44.65 25.10 -15.97
C5A NAP O . 45.96 24.71 -16.00
C6A NAP O . 46.93 24.61 -16.99
N6A NAP O . 46.69 24.87 -18.28
N1A NAP O . 48.19 24.16 -16.62
C2A NAP O . 48.50 23.82 -15.33
N3A NAP O . 47.55 24.00 -14.37
C4A NAP O . 46.31 24.40 -14.69
O3 NAP O . 40.31 23.70 -7.87
PN NAP O . 40.14 22.20 -7.41
O1N NAP O . 38.69 22.14 -7.15
O2N NAP O . 41.11 21.88 -6.33
O5D NAP O . 40.47 21.41 -8.76
C5D NAP O . 41.38 20.34 -8.91
C4D NAP O . 40.79 19.11 -9.60
O4D NAP O . 39.74 18.52 -8.84
C3D NAP O . 40.21 19.38 -10.98
O3D NAP O . 40.45 18.33 -11.92
C2D NAP O . 38.72 19.44 -10.67
O2D NAP O . 37.97 19.30 -11.85
C1D NAP O . 38.64 18.30 -9.67
N1N NAP O . 37.41 18.19 -8.89
C2N NAP O . 37.05 19.24 -8.08
C3N NAP O . 35.93 19.11 -7.28
C7N NAP O . 35.47 20.19 -6.37
O7N NAP O . 34.18 20.04 -5.94
N7N NAP O . 36.20 21.22 -6.00
C4N NAP O . 35.17 17.95 -7.29
C5N NAP O . 35.57 16.87 -8.05
C6N NAP O . 36.69 17.02 -8.88
P2B NAP O . 46.63 27.99 -11.87
O1X NAP O . 45.71 28.69 -10.92
O2X NAP O . 48.09 28.23 -11.60
O3X NAP O . 46.22 28.38 -13.29
C1 TCL P . 33.63 19.71 -9.99
C2 TCL P . 33.00 20.47 -8.99
C6 TCL P . 34.78 20.17 -10.58
C5 TCL P . 35.39 21.40 -10.13
C4 TCL P . 34.80 22.12 -9.10
C3 TCL P . 33.59 21.68 -8.55
C11 TCL P . 36.50 24.41 -13.86
C10 TCL P . 37.72 23.99 -13.33
C9 TCL P . 37.74 23.10 -12.30
C8 TCL P . 36.50 22.60 -11.75
C12 TCL P . 35.28 23.92 -13.34
C13 TCL P . 35.31 23.03 -12.27
O7 TCL P . 36.53 21.82 -10.67
CL14 TCL P . 31.51 19.91 -8.26
CL15 TCL P . 36.48 25.61 -15.15
CL16 TCL P . 39.29 22.64 -11.55
O17 TCL P . 35.40 19.41 -11.53
N GLU Q . 25.59 32.22 -7.89
CA GLU Q . 26.16 31.77 -9.17
C GLU Q . 25.46 30.51 -9.69
O GLU Q . 25.26 30.46 -10.91
CB GLU Q . 27.67 31.48 -9.01
CG GLU Q . 27.98 30.00 -9.27
CD GLU Q . 28.56 29.24 -8.05
OE1 GLU Q . 28.25 29.63 -6.88
OE2 GLU Q . 29.37 28.31 -8.28
OXT GLU Q . 25.10 29.65 -8.86
PA NAP R . 33.01 4.37 -42.66
O1A NAP R . 32.08 3.71 -43.62
O2A NAP R . 34.37 4.54 -43.14
O5B NAP R . 32.36 5.75 -42.24
C5B NAP R . 33.14 6.73 -41.60
C4B NAP R . 32.54 8.01 -42.14
O4B NAP R . 32.98 9.10 -41.37
C3B NAP R . 32.98 8.22 -43.59
O3B NAP R . 31.81 8.42 -44.34
C2B NAP R . 33.72 9.52 -43.47
O2B NAP R . 33.59 10.35 -44.61
C1B NAP R . 33.03 10.18 -42.27
N9A NAP R . 33.84 11.31 -41.81
C8A NAP R . 35.12 11.21 -41.31
N7A NAP R . 35.53 12.47 -41.02
C5A NAP R . 34.54 13.34 -41.36
C6A NAP R . 34.51 14.72 -41.34
N6A NAP R . 35.55 15.40 -40.85
N1A NAP R . 33.34 15.33 -41.73
C2A NAP R . 32.26 14.63 -42.22
N3A NAP R . 32.36 13.25 -42.28
C4A NAP R . 33.48 12.62 -41.86
O3 NAP R . 33.19 3.55 -41.27
PN NAP R . 32.08 2.97 -40.25
O1N NAP R . 32.72 1.81 -39.67
O2N NAP R . 30.78 2.86 -40.94
O5D NAP R . 32.06 4.17 -39.18
C5D NAP R . 30.87 4.86 -38.89
C4D NAP R . 30.70 5.09 -37.39
O4D NAP R . 30.50 3.85 -36.72
C3D NAP R . 31.92 5.74 -36.74
O3D NAP R . 31.50 6.74 -35.83
C2D NAP R . 32.61 4.57 -36.06
O2D NAP R . 33.50 4.84 -34.99
C1D NAP R . 31.41 3.75 -35.65
N1N NAP R . 31.72 2.36 -35.34
C2N NAP R . 32.31 1.54 -36.25
C3N NAP R . 32.55 0.21 -35.89
C7N NAP R . 32.86 -0.80 -36.96
O7N NAP R . 33.22 -2.05 -36.48
N7N NAP R . 32.80 -0.52 -38.26
C4N NAP R . 32.13 -0.28 -34.66
C5N NAP R . 31.54 0.57 -33.74
C6N NAP R . 31.36 1.89 -34.10
P2B NAP R . 34.64 10.36 -45.84
O1X NAP R . 34.68 8.93 -46.36
O2X NAP R . 34.09 11.31 -46.87
O3X NAP R . 36.07 10.62 -45.37
C1 TCL S . 35.45 0.71 -34.10
C2 TCL S . 35.80 -0.45 -34.82
C6 TCL S . 35.32 1.91 -34.78
C5 TCL S . 35.54 1.96 -36.21
C4 TCL S . 35.87 0.81 -36.89
C3 TCL S . 36.05 -0.39 -36.19
C11 TCL S . 38.63 5.59 -37.51
C10 TCL S . 37.40 5.94 -38.02
C9 TCL S . 36.31 5.15 -37.80
C8 TCL S . 36.47 3.92 -37.04
C12 TCL S . 38.79 4.38 -36.78
C13 TCL S . 37.69 3.56 -36.57
O7 TCL S . 35.40 3.11 -36.87
CL14 TCL S . 35.96 -1.98 -33.95
CL15 TCL S . 40.05 6.64 -37.81
CL16 TCL S . 34.75 5.57 -38.49
O17 TCL S . 34.94 3.05 -34.11
PA NAP T . -0.88 -4.11 11.42
O1A NAP T . 0.07 -3.38 12.27
O2A NAP T . -0.56 -4.06 9.98
O5B NAP T . -1.28 -5.54 11.97
C5B NAP T . -1.98 -6.50 11.21
C4B NAP T . -1.51 -7.78 11.86
O4B NAP T . -2.22 -8.90 11.39
C3B NAP T . -0.04 -8.04 11.52
O3B NAP T . 0.58 -8.15 12.78
C2B NAP T . -0.05 -9.39 10.83
O2B NAP T . 1.05 -10.21 11.19
C1B NAP T . -1.36 -9.99 11.39
N9A NAP T . -1.82 -11.07 10.54
C8A NAP T . -2.32 -10.96 9.27
N7A NAP T . -2.56 -12.23 8.84
C5A NAP T . -2.19 -13.12 9.78
C6A NAP T . -2.21 -14.52 9.81
N6A NAP T . -2.67 -15.27 8.80
N1A NAP T . -1.80 -15.12 10.97
C2A NAP T . -1.33 -14.38 12.04
N3A NAP T . -1.33 -13.00 12.00
C4A NAP T . -1.73 -12.39 10.87
O3 NAP T . -2.26 -3.28 11.32
PN NAP T . -3.34 -2.79 12.35
O1N NAP T . -3.87 -1.63 11.67
O2N NAP T . -2.71 -2.68 13.69
O5D NAP T . -4.39 -4.04 12.31
C5D NAP T . -4.83 -4.71 13.46
C4D NAP T . -6.34 -4.86 13.59
O4D NAP T . -6.97 -3.60 13.68
C3D NAP T . -6.98 -5.53 12.38
O3D NAP T . -8.01 -6.38 12.80
C2D NAP T . -7.54 -4.35 11.61
O2D NAP T . -8.53 -4.70 10.67
C1D NAP T . -8.04 -3.53 12.77
N1N NAP T . -8.34 -2.12 12.48
C2N NAP T . -7.38 -1.26 12.03
C3N NAP T . -7.68 0.09 11.82
C7N NAP T . -6.65 1.09 11.33
O7N NAP T . -7.15 2.31 10.90
N7N NAP T . -5.34 0.84 11.32
C4N NAP T . -8.97 0.56 12.09
C5N NAP T . -9.93 -0.32 12.58
C6N NAP T . -9.60 -1.65 12.75
P2B NAP T . 2.36 -10.44 10.24
O1X NAP T . 2.87 -9.05 9.91
O2X NAP T . 3.29 -11.27 11.08
O3X NAP T . 1.96 -11.08 8.93
C1 TCL U . -9.41 -0.48 8.82
C2 TCL U . -8.72 0.69 8.48
C6 TCL U . -8.75 -1.67 8.94
C5 TCL U . -7.33 -1.73 8.68
C4 TCL U . -6.65 -0.57 8.37
C3 TCL U . -7.34 0.63 8.23
C11 TCL U . -6.01 -5.22 5.44
C10 TCL U . -5.58 -5.67 6.68
C9 TCL U . -5.79 -4.92 7.79
C8 TCL U . -6.47 -3.64 7.67
C12 TCL U . -6.69 -3.98 5.34
C13 TCL U . -6.93 -3.22 6.47
O7 TCL U . -6.67 -2.89 8.77
CL14 TCL U . -9.58 2.20 8.27
CL15 TCL U . -5.69 -6.17 4.01
CL16 TCL U . -5.16 -5.45 9.33
O17 TCL U . -9.42 -2.80 9.26
N GLU V . -3.62 5.17 -4.25
CA GLU V . -4.34 4.76 -3.04
C GLU V . -5.53 5.71 -2.85
O GLU V . -6.46 5.71 -3.71
CB GLU V . -3.34 4.91 -1.90
CG GLU V . -3.75 3.95 -0.79
CD GLU V . -3.98 4.58 0.61
OE1 GLU V . -4.25 5.81 0.67
OE2 GLU V . -3.85 3.83 1.61
OXT GLU V . -5.37 6.57 -1.97
N GLU W . -10.09 -11.09 32.81
CA GLU W . -10.26 -10.78 34.24
C GLU W . -10.01 -12.00 35.15
O GLU W . -9.64 -13.10 34.66
CB GLU W . -11.69 -10.33 34.44
CG GLU W . -12.52 -11.04 33.37
CD GLU W . -14.00 -11.19 33.76
OE1 GLU W . -14.51 -10.24 34.41
OE2 GLU W . -14.56 -12.24 33.33
OXT GLU W . -10.23 -11.79 36.37
PA NAP X . -35.24 -24.56 1.38
O1A NAP X . -36.63 -24.65 0.90
O2A NAP X . -34.57 -25.69 2.04
O5B NAP X . -34.34 -23.87 0.26
C5B NAP X . -32.95 -23.78 0.47
C4B NAP X . -32.38 -23.75 -0.92
O4B NAP X . -30.99 -23.51 -0.83
C3B NAP X . -32.61 -25.07 -1.68
O3B NAP X . -33.28 -24.79 -2.89
C2B NAP X . -31.20 -25.48 -2.04
O2B NAP X . -31.18 -26.09 -3.33
C1B NAP X . -30.49 -24.13 -2.00
N9A NAP X . -29.05 -24.33 -1.96
C8A NAP X . -28.28 -24.73 -0.91
N7A NAP X . -27.00 -24.82 -1.31
C5A NAP X . -26.97 -24.49 -2.62
C6A NAP X . -25.92 -24.43 -3.53
N6A NAP X . -24.68 -24.76 -3.18
N1A NAP X . -26.22 -24.04 -4.80
C2A NAP X . -27.51 -23.71 -5.18
N3A NAP X . -28.53 -23.79 -4.28
C4A NAP X . -28.25 -24.17 -3.03
O3 NAP X . -35.21 -23.53 2.62
PN NAP X . -35.72 -22.06 2.83
O1N NAP X . -36.14 -22.00 4.24
O2N NAP X . -36.69 -21.75 1.75
O5D NAP X . -34.39 -21.21 2.63
C5D NAP X . -34.27 -20.24 1.63
C4D NAP X . -33.58 -19.02 2.25
O4D NAP X . -34.39 -18.49 3.28
C3D NAP X . -32.24 -19.37 2.89
O3D NAP X . -31.28 -18.38 2.61
C2D NAP X . -32.57 -19.29 4.36
O2D NAP X . -31.41 -19.14 5.13
C1D NAP X . -33.57 -18.14 4.38
N1N NAP X . -34.38 -18.02 5.60
C2N NAP X . -35.17 -19.08 5.98
C3N NAP X . -35.98 -19.00 7.09
C7N NAP X . -36.93 -20.15 7.40
O7N NAP X . -37.54 -20.12 8.63
N7N NAP X . -37.20 -21.18 6.62
C4N NAP X . -35.94 -17.88 7.89
C5N NAP X . -35.12 -16.83 7.53
C6N NAP X . -34.34 -16.90 6.38
P2B NAP X . -31.06 -27.71 -3.54
O1X NAP X . -32.15 -28.37 -2.70
O2X NAP X . -31.27 -27.87 -5.03
O3X NAP X . -29.72 -28.22 -3.08
C1 TCL Y . -33.39 -19.55 9.45
C2 TCL Y . -34.43 -20.30 10.04
C6 TCL Y . -32.80 -19.99 8.28
C5 TCL Y . -33.24 -21.22 7.68
C4 TCL Y . -34.26 -21.97 8.27
C3 TCL Y . -34.83 -21.53 9.46
C11 TCL Y . -29.37 -24.19 6.83
C10 TCL Y . -29.83 -23.80 5.58
C9 TCL Y . -30.86 -22.91 5.48
C8 TCL Y . -31.52 -22.45 6.66
C12 TCL Y . -29.99 -23.70 8.00
C13 TCL Y . -31.06 -22.82 7.90
O7 TCL Y . -32.62 -21.67 6.56
CL14 TCL Y . -35.16 -19.76 11.53
CL15 TCL Y . -28.02 -25.35 6.95
CL16 TCL Y . -31.51 -22.49 3.90
O17 TCL Y . -31.80 -19.27 7.71
N GLU Z . -33.84 -32.58 17.84
CA GLU Z . -33.68 -31.35 17.06
C GLU Z . -33.82 -30.16 17.99
O GLU Z . -32.96 -29.98 18.90
CB GLU Z . -34.78 -31.26 16.00
CG GLU Z . -34.39 -30.19 14.97
CD GLU Z . -35.44 -29.08 14.71
OE1 GLU Z . -36.05 -28.59 15.69
OE2 GLU Z . -35.61 -28.71 13.51
OXT GLU Z . -34.85 -29.48 17.84
PA NAP AA . -44.31 20.38 4.99
O1A NAP AA . -44.90 20.24 3.66
O2A NAP AA . -43.85 21.71 5.42
O5B NAP AA . -45.35 19.64 5.96
C5B NAP AA . -45.24 19.76 7.36
C4B NAP AA . -46.68 19.63 7.82
O4B NAP AA . -46.74 19.55 9.23
C3B NAP AA . -47.55 20.85 7.45
O3B NAP AA . -48.69 20.36 6.77
C2B NAP AA . -48.02 21.39 8.79
O2B NAP AA . -49.36 21.87 8.77
C1B NAP AA . -47.92 20.16 9.66
N9A NAP AA . -47.98 20.50 11.08
C8A NAP AA . -47.05 21.13 11.85
N7A NAP AA . -47.54 21.24 13.10
C5A NAP AA . -48.80 20.77 13.11
C6A NAP AA . -49.77 20.68 14.10
N6A NAP AA . -49.54 21.17 15.30
N1A NAP AA . -50.95 20.06 13.81
C2A NAP AA . -51.23 19.55 12.56
N3A NAP AA . -50.28 19.68 11.61
C4A NAP AA . -49.09 20.25 11.87
O3 NAP AA . -42.93 19.55 5.11
PN NAP AA . -42.56 18.02 4.85
O1N NAP AA . -41.14 18.08 4.57
O2N NAP AA . -43.51 17.40 3.88
O5D NAP AA . -42.88 17.36 6.27
C5D NAP AA . -43.59 16.15 6.44
C4D NAP AA . -42.98 15.15 7.42
O4D NAP AA . -41.88 14.55 6.76
C3D NAP AA . -42.43 15.69 8.74
O3D NAP AA . -42.52 14.77 9.82
C2D NAP AA . -40.96 15.87 8.43
O2D NAP AA . -40.18 15.88 9.60
C1D NAP AA . -40.74 14.63 7.57
N1N NAP AA . -39.51 14.59 6.77
C2N NAP AA . -39.17 15.63 5.94
C3N NAP AA . -38.01 15.50 5.19
C7N NAP AA . -37.72 16.43 4.07
O7N NAP AA . -36.42 16.41 3.61
N7N NAP AA . -38.59 17.29 3.58
C4N NAP AA . -37.15 14.43 5.36
C5N NAP AA . -37.51 13.36 6.19
C6N NAP AA . -38.69 13.49 6.90
P2B NAP AA . -49.68 23.49 8.68
O1X NAP AA . -48.80 24.05 7.58
O2X NAP AA . -51.14 23.40 8.31
O3X NAP AA . -49.36 24.10 10.02
C1 TCL BA . -35.84 16.56 7.69
C2 TCL BA . -35.30 17.31 6.65
C6 TCL BA . -37.04 16.90 8.21
C5 TCL BA . -37.77 18.04 7.67
C4 TCL BA . -37.28 18.70 6.58
C3 TCL BA . -36.04 18.36 6.06
C11 TCL BA . -39.26 21.44 10.99
C10 TCL BA . -40.41 20.83 10.52
C9 TCL BA . -40.33 19.84 9.59
C8 TCL BA . -39.04 19.39 9.12
C12 TCL BA . -37.99 20.99 10.55
C13 TCL BA . -37.90 19.97 9.60
O7 TCL BA . -38.96 18.39 8.20
CL14 TCL BA . -33.74 16.89 5.99
CL15 TCL BA . -39.37 22.78 12.15
CL16 TCL BA . -41.80 19.13 8.91
O17 TCL BA . -37.54 16.25 9.30
N GLU CA . -28.70 27.69 4.53
CA GLU CA . -28.90 28.54 5.71
C GLU CA . -27.87 28.04 6.75
O GLU CA . -26.73 27.77 6.30
CB GLU CA . -30.32 28.46 6.26
CG GLU CA . -31.38 28.02 5.24
CD GLU CA . -31.44 26.46 5.01
OE1 GLU CA . -30.56 25.95 4.28
OE2 GLU CA . -32.47 25.84 5.39
OXT GLU CA . -28.18 28.12 7.98
PA NAP DA . -33.76 5.24 42.05
O1A NAP DA . -32.88 4.79 43.15
O2A NAP DA . -35.23 5.28 42.22
O5B NAP DA . -33.22 6.61 41.47
C5B NAP DA . -34.06 7.42 40.68
C4B NAP DA . -33.60 8.83 41.02
O4B NAP DA . -34.15 9.78 40.13
C3B NAP DA . -34.09 9.21 42.42
O3B NAP DA . -33.01 9.75 43.14
C2B NAP DA . -35.03 10.35 42.11
O2B NAP DA . -35.09 11.31 43.17
C1B NAP DA . -34.39 10.96 40.88
N9A NAP DA . -35.37 11.87 40.25
C8A NAP DA . -36.60 11.54 39.77
N7A NAP DA . -37.15 12.69 39.32
C5A NAP DA . -36.35 13.75 39.62
C6A NAP DA . -36.46 15.14 39.45
N6A NAP DA . -37.55 15.67 38.89
N1A NAP DA . -35.42 15.96 39.82
C2A NAP DA . -34.30 15.41 40.42
N3A NAP DA . -34.20 14.04 40.60
C4A NAP DA . -35.22 13.22 40.23
O3 NAP DA . -33.72 4.15 40.86
PN NAP DA . -32.61 3.73 39.76
O1N NAP DA . -33.11 2.44 39.24
O2N NAP DA . -31.28 3.93 40.39
O5D NAP DA . -32.71 4.88 38.63
C5D NAP DA . -31.60 5.65 38.17
C4D NAP DA . -31.46 5.66 36.62
O4D NAP DA . -31.18 4.33 36.19
C3D NAP DA . -32.75 6.04 35.87
O3D NAP DA . -32.52 6.78 34.70
C2D NAP DA . -33.34 4.71 35.44
O2D NAP DA . -34.21 4.84 34.34
C1D NAP DA . -32.03 4.01 35.11
N1N NAP DA . -32.12 2.57 34.96
C2N NAP DA . -32.52 1.81 36.03
C3N NAP DA . -32.53 0.45 35.85
C7N NAP DA . -32.97 -0.47 36.95
O7N NAP DA . -33.26 -1.74 36.46
N7N NAP DA . -33.04 -0.11 38.23
C4N NAP DA . -32.16 -0.13 34.64
C5N NAP DA . -31.71 0.67 33.60
C6N NAP DA . -31.74 2.04 33.76
P2B NAP DA . -36.24 11.34 44.30
O1X NAP DA . -36.66 9.96 44.76
O2X NAP DA . -35.51 12.21 45.31
O3X NAP DA . -37.51 11.94 43.73
C1 TCL EA . -35.70 0.43 33.91
C2 TCL EA . -35.91 -0.67 34.74
C6 TCL EA . -35.70 1.68 34.44
C5 TCL EA . -35.95 1.86 35.85
C4 TCL EA . -36.18 0.78 36.65
C3 TCL EA . -36.20 -0.49 36.10
C11 TCL EA . -39.49 5.22 36.71
C10 TCL EA . -38.29 5.82 37.07
C9 TCL EA . -37.11 5.13 36.96
C8 TCL EA . -37.12 3.76 36.46
C12 TCL EA . -39.50 3.89 36.19
C13 TCL EA . -38.31 3.18 36.07
O7 TCL EA . -35.96 3.09 36.36
CL14 TCL EA . -35.90 -2.30 34.07
CL15 TCL EA . -41.02 6.11 36.90
CL16 TCL EA . -35.58 5.89 37.48
O17 TCL EA . -35.41 2.76 33.65
#